data_2KD3
#
_entry.id   2KD3
#
_entity_poly.entity_id   1
_entity_poly.type   'polypeptide(L)'
_entity_poly.pdbx_seq_one_letter_code
;GSHMNGGRPPHHPYDAKDVSEYSCRELHYTRFLTDGPCRSAKPVTELVCSGQCGPARLLPNAIGRVKWWRPNGPDFRCIP
DRYRAQRVQLLCPGGAAPRSRKVRLVASCKCKR
;
_entity_poly.pdbx_strand_id   A
#
# COMPACT_ATOMS: atom_id res chain seq x y z
N LYS A 17 -13.84 1.71 11.65
CA LYS A 17 -12.88 1.02 10.75
C LYS A 17 -12.06 0.00 11.51
N ASP A 18 -12.09 -1.25 11.06
CA ASP A 18 -11.33 -2.32 11.70
C ASP A 18 -9.89 -2.35 11.17
N VAL A 19 -9.49 -1.29 10.49
CA VAL A 19 -8.16 -1.19 9.91
C VAL A 19 -7.09 -1.05 11.01
N SER A 20 -7.41 -0.28 12.04
CA SER A 20 -6.47 -0.06 13.14
C SER A 20 -6.52 -1.18 14.17
N GLU A 21 -7.40 -2.16 13.95
CA GLU A 21 -7.51 -3.29 14.88
C GLU A 21 -6.21 -4.08 14.92
N TYR A 22 -5.53 -4.15 13.78
CA TYR A 22 -4.27 -4.88 13.71
C TYR A 22 -3.10 -3.90 13.51
N SER A 23 -2.93 -3.47 12.26
CA SER A 23 -1.88 -2.53 11.90
C SER A 23 -2.34 -1.64 10.78
N CYS A 24 -1.39 -1.02 10.07
CA CYS A 24 -1.71 -0.14 8.96
C CYS A 24 -2.90 0.75 9.28
N ARG A 25 -2.85 1.41 10.43
CA ARG A 25 -3.92 2.31 10.86
C ARG A 25 -4.18 3.36 9.79
N GLU A 26 -4.96 4.38 10.14
CA GLU A 26 -5.26 5.46 9.21
C GLU A 26 -4.00 6.26 8.92
N LEU A 27 -3.10 5.63 8.17
CA LEU A 27 -1.82 6.25 7.83
C LEU A 27 -1.87 6.91 6.47
N HIS A 28 -1.20 8.06 6.36
CA HIS A 28 -1.15 8.82 5.11
C HIS A 28 0.26 9.04 4.63
N TYR A 29 0.47 8.94 3.32
CA TYR A 29 1.79 9.13 2.72
C TYR A 29 1.74 10.17 1.60
N THR A 30 2.91 10.64 1.18
CA THR A 30 3.00 11.64 0.12
C THR A 30 3.80 11.14 -1.07
N ARG A 31 3.16 10.34 -1.90
CA ARG A 31 3.78 9.82 -3.11
C ARG A 31 2.91 10.19 -4.30
N PHE A 32 3.48 10.87 -5.28
CA PHE A 32 2.70 11.32 -6.43
C PHE A 32 3.04 10.57 -7.70
N LEU A 33 4.14 10.94 -8.36
CA LEU A 33 4.50 10.28 -9.61
C LEU A 33 5.90 10.67 -10.08
N THR A 34 6.65 9.68 -10.54
CA THR A 34 8.00 9.91 -11.06
C THR A 34 8.18 9.19 -12.40
N ASP A 35 8.71 9.90 -13.39
CA ASP A 35 8.94 9.33 -14.71
C ASP A 35 10.27 9.82 -15.27
N GLY A 36 10.47 9.66 -16.59
CA GLY A 36 11.71 10.11 -17.21
C GLY A 36 12.28 11.30 -16.47
N PRO A 37 13.62 11.43 -16.40
CA PRO A 37 14.32 12.50 -15.69
C PRO A 37 13.46 13.71 -15.32
N CYS A 38 12.38 13.43 -14.58
CA CYS A 38 11.44 14.44 -14.10
C CYS A 38 10.59 13.83 -12.98
N ARG A 39 9.93 14.66 -12.20
CA ARG A 39 9.10 14.14 -11.11
C ARG A 39 7.99 15.11 -10.74
N SER A 40 6.84 14.55 -10.35
CA SER A 40 5.70 15.36 -9.95
C SER A 40 5.75 15.66 -8.47
N ALA A 41 5.02 16.68 -8.04
CA ALA A 41 5.02 17.03 -6.64
C ALA A 41 3.68 17.61 -6.16
N LYS A 42 2.59 17.21 -6.80
CA LYS A 42 1.28 17.69 -6.42
C LYS A 42 0.78 16.93 -5.18
N PRO A 43 0.08 17.62 -4.28
CA PRO A 43 -0.42 17.01 -3.04
C PRO A 43 -1.22 15.74 -3.28
N VAL A 44 -0.77 14.65 -2.67
CA VAL A 44 -1.42 13.35 -2.80
C VAL A 44 -1.52 12.65 -1.45
N THR A 45 -2.61 11.92 -1.24
CA THR A 45 -2.79 11.18 -0.01
C THR A 45 -2.89 9.68 -0.30
N GLU A 46 -2.09 8.90 0.42
CA GLU A 46 -2.08 7.46 0.24
C GLU A 46 -1.86 6.78 1.59
N LEU A 47 -2.41 5.58 1.73
CA LEU A 47 -2.25 4.83 2.97
C LEU A 47 -1.19 3.77 2.84
N VAL A 48 -0.43 3.62 3.89
CA VAL A 48 0.63 2.63 3.90
C VAL A 48 0.15 1.37 4.60
N CYS A 49 -0.48 0.49 3.84
CA CYS A 49 -1.00 -0.75 4.38
C CYS A 49 0.09 -1.80 4.49
N SER A 50 0.75 -1.82 5.64
CA SER A 50 1.82 -2.78 5.90
C SER A 50 1.90 -3.09 7.39
N GLY A 51 1.61 -4.34 7.74
CA GLY A 51 1.65 -4.75 9.13
C GLY A 51 1.71 -6.26 9.28
N GLN A 52 1.03 -6.78 10.29
CA GLN A 52 0.99 -8.22 10.54
C GLN A 52 -0.44 -8.66 10.83
N CYS A 53 -0.83 -9.81 10.27
CA CYS A 53 -2.17 -10.34 10.48
C CYS A 53 -2.21 -11.83 10.15
N GLY A 54 -1.07 -12.49 10.23
CA GLY A 54 -1.01 -13.90 9.94
C GLY A 54 -0.33 -14.70 11.04
N PRO A 55 -0.53 -16.03 11.06
CA PRO A 55 0.07 -16.91 12.06
C PRO A 55 1.60 -16.87 12.04
N ALA A 56 2.20 -17.01 13.20
CA ALA A 56 3.66 -17.01 13.33
C ALA A 56 4.22 -18.41 13.25
N ARG A 57 3.44 -19.30 12.63
CA ARG A 57 3.85 -20.69 12.49
C ARG A 57 5.01 -20.86 11.51
N LEU A 58 6.03 -21.58 11.96
CA LEU A 58 7.20 -21.83 11.12
C LEU A 58 7.07 -23.19 10.45
N LEU A 59 7.36 -23.25 9.15
CA LEU A 59 7.27 -24.49 8.40
C LEU A 59 8.65 -25.02 8.02
N PRO A 60 9.17 -25.99 8.80
CA PRO A 60 10.48 -26.59 8.55
C PRO A 60 10.47 -27.49 7.31
N ASN A 61 11.22 -27.09 6.30
CA ASN A 61 11.30 -27.86 5.06
C ASN A 61 12.72 -27.90 4.52
N ALA A 62 13.70 -27.87 5.42
CA ALA A 62 15.11 -27.89 5.06
C ALA A 62 15.51 -29.21 4.39
N ILE A 63 14.57 -30.14 4.28
CA ILE A 63 14.82 -31.42 3.65
C ILE A 63 16.25 -31.90 3.92
N GLY A 64 16.75 -31.54 5.08
CA GLY A 64 18.09 -31.92 5.48
C GLY A 64 19.07 -30.75 5.46
N ARG A 65 18.99 -29.91 4.44
CA ARG A 65 19.89 -28.76 4.34
C ARG A 65 19.08 -27.46 4.24
N VAL A 66 19.47 -26.47 5.06
CA VAL A 66 18.80 -25.19 5.08
C VAL A 66 19.74 -24.07 4.62
N LYS A 67 19.42 -23.50 3.48
CA LYS A 67 20.21 -22.42 2.89
C LYS A 67 19.31 -21.47 2.13
N TRP A 68 18.43 -22.06 1.35
CA TRP A 68 17.47 -21.33 0.52
C TRP A 68 16.60 -20.45 1.41
N TRP A 69 15.55 -21.03 1.95
CA TRP A 69 14.65 -20.32 2.85
C TRP A 69 15.08 -20.62 4.29
N ARG A 70 14.34 -20.10 5.26
CA ARG A 70 14.64 -20.35 6.67
C ARG A 70 13.47 -19.94 7.56
N PRO A 71 13.19 -20.73 8.60
CA PRO A 71 12.08 -20.48 9.54
C PRO A 71 12.17 -19.13 10.26
N ASN A 72 12.43 -18.05 9.52
CA ASN A 72 12.52 -16.73 10.13
C ASN A 72 11.13 -16.13 10.32
N GLY A 73 10.11 -16.90 9.97
CA GLY A 73 8.73 -16.44 10.11
C GLY A 73 8.08 -16.15 8.78
N PRO A 74 6.77 -16.42 8.65
CA PRO A 74 6.03 -16.18 7.41
C PRO A 74 5.85 -14.69 7.12
N ASP A 75 5.83 -14.33 5.84
CA ASP A 75 5.65 -12.95 5.44
C ASP A 75 4.17 -12.59 5.36
N PHE A 76 3.67 -11.89 6.37
CA PHE A 76 2.27 -11.48 6.40
C PHE A 76 2.16 -9.97 6.62
N ARG A 77 1.10 -9.38 6.07
CA ARG A 77 0.88 -7.94 6.21
C ARG A 77 -0.50 -7.54 5.70
N CYS A 78 -0.80 -6.25 5.79
CA CYS A 78 -2.08 -5.75 5.33
C CYS A 78 -2.15 -5.81 3.81
N ILE A 79 -3.34 -6.07 3.28
CA ILE A 79 -3.51 -6.18 1.83
C ILE A 79 -4.36 -5.05 1.27
N PRO A 80 -3.81 -4.27 0.34
CA PRO A 80 -4.54 -3.15 -0.30
C PRO A 80 -5.71 -3.67 -1.12
N ASP A 81 -6.86 -3.01 -0.98
CA ASP A 81 -8.06 -3.42 -1.71
C ASP A 81 -8.41 -2.45 -2.83
N ARG A 82 -8.80 -1.23 -2.45
CA ARG A 82 -9.18 -0.22 -3.43
C ARG A 82 -8.31 1.02 -3.28
N TYR A 83 -8.05 1.69 -4.40
CA TYR A 83 -7.21 2.88 -4.40
C TYR A 83 -7.97 4.10 -4.90
N ARG A 84 -7.45 5.27 -4.56
CA ARG A 84 -8.04 6.54 -4.98
C ARG A 84 -7.32 7.01 -6.23
N ALA A 85 -8.05 7.69 -7.11
CA ALA A 85 -7.46 8.17 -8.35
C ALA A 85 -6.73 9.50 -8.16
N GLN A 86 -5.52 9.58 -8.71
CA GLN A 86 -4.71 10.78 -8.62
C GLN A 86 -4.14 11.12 -10.00
N ARG A 87 -4.46 12.31 -10.49
CA ARG A 87 -3.96 12.74 -11.79
C ARG A 87 -3.11 13.99 -11.65
N VAL A 88 -1.80 13.80 -11.63
CA VAL A 88 -0.86 14.90 -11.48
C VAL A 88 0.24 14.83 -12.53
N GLN A 89 0.68 15.99 -13.00
CA GLN A 89 1.74 16.02 -14.00
C GLN A 89 3.11 16.13 -13.33
N LEU A 90 4.09 15.43 -13.88
CA LEU A 90 5.44 15.43 -13.32
C LEU A 90 6.18 16.69 -13.74
N LEU A 91 6.76 17.36 -12.76
CA LEU A 91 7.49 18.59 -13.01
C LEU A 91 8.98 18.33 -13.16
N CYS A 92 9.57 19.01 -14.13
CA CYS A 92 11.00 18.89 -14.40
C CYS A 92 11.69 20.21 -14.12
N PRO A 93 13.01 20.18 -13.86
CA PRO A 93 13.77 21.40 -13.56
C PRO A 93 13.53 22.48 -14.61
N GLY A 94 12.87 23.56 -14.19
CA GLY A 94 12.58 24.66 -15.09
C GLY A 94 11.17 24.60 -15.64
N GLY A 95 10.48 23.49 -15.38
CA GLY A 95 9.12 23.33 -15.86
C GLY A 95 9.00 23.50 -17.36
N ALA A 96 9.71 22.65 -18.11
CA ALA A 96 9.69 22.74 -19.57
C ALA A 96 9.14 21.46 -20.21
N ALA A 97 9.37 20.33 -19.57
CA ALA A 97 8.91 19.05 -20.11
C ALA A 97 8.00 18.29 -19.14
N PRO A 98 6.92 18.94 -18.68
CA PRO A 98 5.97 18.32 -17.75
C PRO A 98 5.15 17.22 -18.42
N ARG A 99 4.85 16.16 -17.68
CA ARG A 99 4.06 15.06 -18.20
C ARG A 99 2.95 14.68 -17.22
N SER A 100 1.87 14.11 -17.75
CA SER A 100 0.74 13.71 -16.91
C SER A 100 0.78 12.23 -16.59
N ARG A 101 0.57 11.88 -15.33
CA ARG A 101 0.60 10.49 -14.90
C ARG A 101 -0.52 10.19 -13.90
N LYS A 102 -1.08 8.99 -14.02
CA LYS A 102 -2.14 8.54 -13.13
C LYS A 102 -1.56 7.69 -12.00
N VAL A 103 -2.16 7.78 -10.82
CA VAL A 103 -1.67 7.02 -9.67
C VAL A 103 -2.81 6.57 -8.77
N ARG A 104 -2.90 5.27 -8.58
CA ARG A 104 -3.92 4.68 -7.72
C ARG A 104 -3.37 4.50 -6.30
N LEU A 105 -4.01 5.17 -5.34
CA LEU A 105 -3.55 5.09 -3.95
C LEU A 105 -4.57 4.41 -3.05
N VAL A 106 -4.17 3.31 -2.43
CA VAL A 106 -5.06 2.57 -1.54
C VAL A 106 -5.70 3.48 -0.51
N ALA A 107 -6.81 4.13 -0.89
CA ALA A 107 -7.50 5.01 0.04
C ALA A 107 -8.29 4.19 1.06
N SER A 108 -8.31 2.87 0.86
CA SER A 108 -9.00 1.97 1.75
C SER A 108 -8.51 0.53 1.56
N CYS A 109 -7.98 -0.06 2.63
CA CYS A 109 -7.47 -1.43 2.57
C CYS A 109 -7.82 -2.19 3.84
N LYS A 110 -7.59 -3.51 3.83
CA LYS A 110 -7.87 -4.34 4.99
C LYS A 110 -6.66 -5.19 5.35
N CYS A 111 -6.50 -5.48 6.63
CA CYS A 111 -5.37 -6.29 7.08
C CYS A 111 -5.71 -7.77 6.93
N LYS A 112 -5.23 -8.37 5.85
CA LYS A 112 -5.49 -9.77 5.58
C LYS A 112 -4.19 -10.52 5.26
N ARG A 113 -4.13 -11.78 5.68
CA ARG A 113 -2.98 -12.63 5.44
C ARG A 113 -1.68 -11.80 5.40
N LYS A 17 1.56 -11.33 20.72
CA LYS A 17 0.91 -10.05 20.31
C LYS A 17 1.19 -9.73 18.86
N ASP A 18 0.71 -10.59 17.96
CA ASP A 18 0.91 -10.40 16.52
C ASP A 18 -0.21 -9.56 15.90
N VAL A 19 -1.00 -8.89 16.74
CA VAL A 19 -2.11 -8.08 16.26
C VAL A 19 -1.61 -6.81 15.58
N SER A 20 -0.45 -6.31 16.01
CA SER A 20 0.12 -5.09 15.45
C SER A 20 0.79 -5.35 14.11
N GLU A 21 0.89 -6.62 13.74
CA GLU A 21 1.52 -7.00 12.47
C GLU A 21 0.72 -6.46 11.29
N TYR A 22 -0.60 -6.36 11.47
CA TYR A 22 -1.48 -5.86 10.43
C TYR A 22 -2.06 -4.51 10.83
N SER A 23 -1.38 -3.81 11.73
CA SER A 23 -1.85 -2.52 12.20
C SER A 23 -2.05 -1.56 11.04
N CYS A 24 -3.28 -1.10 10.88
CA CYS A 24 -3.63 -0.18 9.81
C CYS A 24 -3.96 1.20 10.38
N ARG A 25 -3.39 1.50 11.54
CA ARG A 25 -3.61 2.78 12.20
C ARG A 25 -3.51 3.93 11.20
N GLU A 26 -3.93 5.11 11.62
CA GLU A 26 -3.90 6.30 10.78
C GLU A 26 -2.58 6.40 10.02
N LEU A 27 -2.54 5.79 8.84
CA LEU A 27 -1.34 5.81 8.01
C LEU A 27 -1.58 6.69 6.78
N HIS A 28 -0.62 7.57 6.50
CA HIS A 28 -0.73 8.46 5.35
C HIS A 28 0.64 8.75 4.75
N TYR A 29 0.74 8.62 3.42
CA TYR A 29 1.99 8.85 2.72
C TYR A 29 1.80 9.79 1.53
N THR A 30 2.84 10.57 1.23
CA THR A 30 2.79 11.52 0.12
C THR A 30 3.56 11.00 -1.09
N ARG A 31 2.88 10.23 -1.91
CA ARG A 31 3.48 9.68 -3.13
C ARG A 31 2.66 10.13 -4.32
N PHE A 32 3.30 10.77 -5.29
CA PHE A 32 2.57 11.28 -6.44
C PHE A 32 2.89 10.53 -7.73
N LEU A 33 3.99 10.88 -8.41
CA LEU A 33 4.33 10.23 -9.66
C LEU A 33 5.74 10.60 -10.13
N THR A 34 6.44 9.62 -10.68
CA THR A 34 7.79 9.84 -11.19
C THR A 34 7.97 9.17 -12.56
N ASP A 35 8.51 9.92 -13.51
CA ASP A 35 8.74 9.40 -14.86
C ASP A 35 10.09 9.94 -15.39
N GLY A 36 10.30 9.87 -16.72
CA GLY A 36 11.55 10.38 -17.28
C GLY A 36 12.09 11.50 -16.43
N PRO A 37 13.42 11.61 -16.30
CA PRO A 37 14.10 12.62 -15.48
C PRO A 37 13.23 13.82 -15.09
N CYS A 38 12.12 13.52 -14.40
CA CYS A 38 11.17 14.53 -13.93
C CYS A 38 10.29 13.91 -12.84
N ARG A 39 9.69 14.74 -11.99
CA ARG A 39 8.83 14.23 -10.93
C ARG A 39 7.71 15.21 -10.58
N SER A 40 6.53 14.65 -10.31
CA SER A 40 5.36 15.44 -9.94
C SER A 40 5.38 15.74 -8.45
N ALA A 41 4.60 16.72 -8.03
CA ALA A 41 4.56 17.06 -6.62
C ALA A 41 3.19 17.57 -6.15
N LYS A 42 2.12 17.13 -6.80
CA LYS A 42 0.79 17.56 -6.40
C LYS A 42 0.35 16.83 -5.13
N PRO A 43 -0.34 17.53 -4.22
CA PRO A 43 -0.80 16.94 -2.95
C PRO A 43 -1.53 15.62 -3.14
N VAL A 44 -1.04 14.57 -2.49
CA VAL A 44 -1.65 13.26 -2.59
C VAL A 44 -1.72 12.56 -1.25
N THR A 45 -2.72 11.70 -1.09
CA THR A 45 -2.87 10.92 0.14
C THR A 45 -2.61 9.47 -0.16
N GLU A 46 -1.66 8.86 0.56
CA GLU A 46 -1.33 7.47 0.34
C GLU A 46 -1.42 6.65 1.60
N LEU A 47 -2.06 5.50 1.49
CA LEU A 47 -2.21 4.60 2.62
C LEU A 47 -1.32 3.38 2.40
N VAL A 48 -0.67 2.95 3.45
CA VAL A 48 0.23 1.81 3.34
C VAL A 48 -0.47 0.53 3.80
N CYS A 49 -1.21 -0.06 2.86
CA CYS A 49 -1.94 -1.30 3.11
C CYS A 49 -1.40 -2.41 2.21
N SER A 50 -0.66 -3.36 2.79
CA SER A 50 -0.11 -4.45 1.99
C SER A 50 0.07 -5.72 2.79
N GLY A 51 -0.92 -6.60 2.71
CA GLY A 51 -0.88 -7.87 3.42
C GLY A 51 -2.19 -8.61 3.34
N GLN A 52 -2.33 -9.69 4.10
CA GLN A 52 -3.56 -10.43 4.10
C GLN A 52 -3.96 -10.84 5.52
N CYS A 53 -5.24 -10.73 5.83
CA CYS A 53 -5.74 -11.07 7.15
C CYS A 53 -6.33 -12.47 7.15
N GLY A 54 -5.96 -13.25 8.16
CA GLY A 54 -6.45 -14.61 8.26
C GLY A 54 -6.65 -15.05 9.70
N PRO A 55 -7.05 -16.31 9.93
CA PRO A 55 -7.27 -16.84 11.27
C PRO A 55 -6.03 -16.72 12.14
N ALA A 56 -6.23 -16.39 13.41
CA ALA A 56 -5.13 -16.23 14.35
C ALA A 56 -4.57 -17.60 14.77
N ARG A 57 -5.17 -18.66 14.23
CA ARG A 57 -4.72 -20.01 14.56
C ARG A 57 -3.39 -20.31 13.86
N LEU A 58 -2.35 -20.55 14.66
CA LEU A 58 -1.04 -20.86 14.13
C LEU A 58 -0.79 -22.36 14.12
N LEU A 59 -0.25 -22.88 13.02
CA LEU A 59 0.02 -24.30 12.89
C LEU A 59 1.52 -24.59 12.70
N PRO A 60 2.26 -24.79 13.80
CA PRO A 60 3.69 -25.11 13.74
C PRO A 60 3.93 -26.46 13.07
N ASN A 61 4.47 -26.43 11.84
CA ASN A 61 4.72 -27.68 11.10
C ASN A 61 6.18 -28.12 11.21
N ALA A 62 6.39 -29.43 11.28
CA ALA A 62 7.74 -30.00 11.39
C ALA A 62 8.25 -30.52 10.06
N ILE A 63 7.34 -30.65 9.09
CA ILE A 63 7.71 -31.15 7.76
C ILE A 63 8.83 -32.17 7.82
N GLY A 64 8.87 -32.91 8.91
CA GLY A 64 9.88 -33.91 9.09
C GLY A 64 10.73 -33.70 10.34
N ARG A 65 11.15 -32.45 10.56
CA ARG A 65 11.97 -32.11 11.73
C ARG A 65 11.15 -31.30 12.73
N VAL A 66 11.20 -31.69 14.00
CA VAL A 66 10.49 -30.96 15.03
C VAL A 66 11.38 -30.64 16.21
N LYS A 67 11.36 -29.38 16.57
CA LYS A 67 12.16 -28.88 17.67
C LYS A 67 12.20 -27.36 17.60
N TRP A 68 12.16 -26.90 16.36
CA TRP A 68 12.19 -25.48 16.03
C TRP A 68 10.78 -24.95 15.86
N TRP A 69 9.82 -25.58 16.53
CA TRP A 69 8.42 -25.19 16.40
C TRP A 69 8.24 -23.73 16.10
N ARG A 70 7.40 -23.50 15.09
CA ARG A 70 7.11 -22.17 14.64
C ARG A 70 5.62 -21.86 14.79
N PRO A 71 5.19 -21.63 16.04
CA PRO A 71 3.79 -21.31 16.35
C PRO A 71 3.38 -19.92 15.84
N ASN A 72 4.32 -19.23 15.20
CA ASN A 72 4.05 -17.90 14.66
C ASN A 72 2.91 -17.96 13.64
N GLY A 73 2.84 -19.05 12.90
CA GLY A 73 1.80 -19.21 11.91
C GLY A 73 2.07 -18.39 10.66
N PRO A 74 1.14 -18.43 9.68
CA PRO A 74 1.29 -17.68 8.42
C PRO A 74 1.32 -16.17 8.65
N ASP A 75 1.96 -15.45 7.73
CA ASP A 75 2.07 -14.00 7.82
C ASP A 75 0.79 -13.33 7.35
N PHE A 76 0.11 -12.65 8.27
CA PHE A 76 -1.14 -11.96 7.96
C PHE A 76 -0.99 -10.46 8.19
N ARG A 77 -1.54 -9.66 7.26
CA ARG A 77 -1.49 -8.21 7.38
C ARG A 77 -2.69 -7.55 6.71
N CYS A 78 -2.57 -6.26 6.44
CA CYS A 78 -3.64 -5.47 5.83
C CYS A 78 -3.64 -5.63 4.31
N ILE A 79 -4.75 -6.08 3.74
CA ILE A 79 -4.84 -6.22 2.29
C ILE A 79 -5.61 -5.05 1.69
N PRO A 80 -4.92 -4.25 0.85
CA PRO A 80 -5.53 -3.08 0.20
C PRO A 80 -6.71 -3.46 -0.68
N ASP A 81 -7.70 -2.58 -0.77
CA ASP A 81 -8.89 -2.90 -1.56
C ASP A 81 -9.11 -1.90 -2.70
N ARG A 82 -9.43 -0.66 -2.36
CA ARG A 82 -9.70 0.36 -3.37
C ARG A 82 -8.75 1.54 -3.27
N TYR A 83 -8.47 2.16 -4.42
CA TYR A 83 -7.57 3.30 -4.50
C TYR A 83 -8.24 4.50 -5.13
N ARG A 84 -7.68 5.67 -4.86
CA ARG A 84 -8.17 6.91 -5.43
C ARG A 84 -7.36 7.23 -6.67
N ALA A 85 -7.98 7.87 -7.65
CA ALA A 85 -7.28 8.19 -8.88
C ALA A 85 -6.47 9.47 -8.73
N GLN A 86 -5.25 9.46 -9.27
CA GLN A 86 -4.38 10.62 -9.21
C GLN A 86 -3.68 10.84 -10.55
N ARG A 87 -4.07 11.91 -11.24
CA ARG A 87 -3.48 12.25 -12.52
C ARG A 87 -2.95 13.67 -12.52
N VAL A 88 -1.65 13.80 -12.29
CA VAL A 88 -1.01 15.11 -12.26
C VAL A 88 0.27 15.11 -13.08
N GLN A 89 0.63 16.28 -13.60
CA GLN A 89 1.84 16.41 -14.42
C GLN A 89 3.09 16.44 -13.56
N LEU A 90 4.10 15.68 -13.98
CA LEU A 90 5.36 15.64 -13.28
C LEU A 90 6.19 16.87 -13.62
N LEU A 91 6.64 17.57 -12.59
CA LEU A 91 7.41 18.77 -12.78
C LEU A 91 8.88 18.47 -13.00
N CYS A 92 9.44 19.09 -14.02
CA CYS A 92 10.85 18.90 -14.35
C CYS A 92 11.61 20.20 -14.10
N PRO A 93 12.92 20.11 -13.79
CA PRO A 93 13.73 21.29 -13.53
C PRO A 93 13.53 22.34 -14.61
N GLY A 94 12.91 23.46 -14.23
CA GLY A 94 12.66 24.53 -15.18
C GLY A 94 11.22 24.51 -15.67
N GLY A 95 10.49 23.45 -15.34
CA GLY A 95 9.10 23.34 -15.75
C GLY A 95 8.96 23.23 -17.26
N ALA A 96 9.98 22.71 -17.91
CA ALA A 96 9.97 22.58 -19.36
C ALA A 96 9.67 21.15 -19.82
N ALA A 97 9.60 20.21 -18.87
CA ALA A 97 9.33 18.82 -19.22
C ALA A 97 8.20 18.23 -18.37
N PRO A 98 7.02 18.85 -18.39
CA PRO A 98 5.86 18.37 -17.63
C PRO A 98 5.24 17.13 -18.29
N ARG A 99 4.89 16.13 -17.47
CA ARG A 99 4.29 14.90 -17.99
C ARG A 99 3.17 14.40 -17.06
N SER A 100 2.03 14.03 -17.64
CA SER A 100 0.91 13.55 -16.84
C SER A 100 1.02 12.05 -16.55
N ARG A 101 0.73 11.68 -15.31
CA ARG A 101 0.79 10.28 -14.89
C ARG A 101 -0.36 9.93 -13.94
N LYS A 102 -0.88 8.71 -14.07
CA LYS A 102 -1.97 8.24 -13.24
C LYS A 102 -1.45 7.34 -12.12
N VAL A 103 -2.07 7.41 -10.94
CA VAL A 103 -1.65 6.61 -9.81
C VAL A 103 -2.82 6.24 -8.91
N ARG A 104 -3.02 4.95 -8.71
CA ARG A 104 -4.09 4.44 -7.85
C ARG A 104 -3.58 4.29 -6.42
N LEU A 105 -4.08 5.14 -5.52
CA LEU A 105 -3.66 5.06 -4.13
C LEU A 105 -4.80 4.65 -3.22
N VAL A 106 -4.56 3.60 -2.42
CA VAL A 106 -5.55 3.10 -1.50
C VAL A 106 -6.01 4.18 -0.53
N ALA A 107 -6.95 5.01 -0.96
CA ALA A 107 -7.46 6.07 -0.09
C ALA A 107 -8.36 5.48 0.99
N SER A 108 -8.62 4.18 0.89
CA SER A 108 -9.44 3.48 1.87
C SER A 108 -9.24 1.97 1.73
N CYS A 109 -8.69 1.34 2.76
CA CYS A 109 -8.46 -0.09 2.74
C CYS A 109 -8.95 -0.76 4.01
N LYS A 110 -9.17 -2.06 3.95
CA LYS A 110 -9.65 -2.81 5.10
C LYS A 110 -8.80 -4.07 5.31
N CYS A 111 -8.66 -4.49 6.56
CA CYS A 111 -7.88 -5.68 6.88
C CYS A 111 -8.62 -6.93 6.41
N LYS A 112 -8.22 -7.44 5.25
CA LYS A 112 -8.83 -8.63 4.69
C LYS A 112 -7.78 -9.60 4.18
N ARG A 113 -8.11 -10.89 4.17
CA ARG A 113 -7.19 -11.93 3.71
C ARG A 113 -6.60 -11.57 2.35
N LYS A 17 -7.32 -10.78 21.44
CA LYS A 17 -7.90 -10.94 20.08
C LYS A 17 -7.29 -9.94 19.10
N ASP A 18 -6.01 -10.13 18.78
CA ASP A 18 -5.31 -9.24 17.86
C ASP A 18 -5.50 -9.65 16.40
N VAL A 19 -6.49 -10.51 16.16
CA VAL A 19 -6.77 -10.98 14.80
C VAL A 19 -7.23 -9.84 13.89
N SER A 20 -8.02 -8.93 14.44
CA SER A 20 -8.52 -7.80 13.67
C SER A 20 -7.58 -6.59 13.74
N GLU A 21 -6.67 -6.61 14.72
CA GLU A 21 -5.72 -5.52 14.88
C GLU A 21 -4.43 -5.78 14.10
N TYR A 22 -4.49 -6.72 13.16
CA TYR A 22 -3.31 -7.04 12.36
C TYR A 22 -2.61 -5.78 11.87
N SER A 23 -3.10 -5.23 10.76
CA SER A 23 -2.52 -4.02 10.19
C SER A 23 -3.61 -3.12 9.63
N CYS A 24 -3.21 -2.17 8.79
CA CYS A 24 -4.16 -1.25 8.17
C CYS A 24 -4.47 -0.10 9.12
N ARG A 25 -3.65 0.08 10.14
CA ARG A 25 -3.85 1.16 11.11
C ARG A 25 -3.94 2.50 10.40
N GLU A 26 -3.64 3.58 11.13
CA GLU A 26 -3.70 4.92 10.55
C GLU A 26 -2.38 5.27 9.87
N LEU A 27 -2.44 5.51 8.56
CA LEU A 27 -1.25 5.85 7.79
C LEU A 27 -1.59 6.75 6.61
N HIS A 28 -0.84 7.84 6.45
CA HIS A 28 -1.06 8.76 5.34
C HIS A 28 0.28 9.23 4.76
N TYR A 29 0.46 8.98 3.47
CA TYR A 29 1.71 9.37 2.80
C TYR A 29 1.43 10.19 1.54
N THR A 30 2.41 10.99 1.13
CA THR A 30 2.26 11.83 -0.05
C THR A 30 3.15 11.37 -1.21
N ARG A 31 2.62 10.47 -2.02
CA ARG A 31 3.34 9.99 -3.20
C ARG A 31 2.54 10.38 -4.43
N PHE A 32 3.17 11.11 -5.33
CA PHE A 32 2.48 11.58 -6.52
C PHE A 32 2.84 10.77 -7.75
N LEU A 33 3.99 11.04 -8.35
CA LEU A 33 4.39 10.34 -9.55
C LEU A 33 5.77 10.76 -10.02
N THR A 34 6.54 9.81 -10.51
CA THR A 34 7.87 10.09 -11.02
C THR A 34 8.13 9.31 -12.29
N ASP A 35 8.64 9.98 -13.32
CA ASP A 35 8.92 9.32 -14.60
C ASP A 35 10.09 9.99 -15.30
N GLY A 36 10.15 9.85 -16.64
CA GLY A 36 11.22 10.47 -17.40
C GLY A 36 11.76 11.67 -16.67
N PRO A 37 13.08 11.85 -16.64
CA PRO A 37 13.77 12.93 -15.94
C PRO A 37 12.89 14.12 -15.56
N CYS A 38 11.86 13.85 -14.76
CA CYS A 38 10.92 14.86 -14.24
C CYS A 38 10.12 14.26 -13.09
N ARG A 39 9.49 15.11 -12.27
CA ARG A 39 8.71 14.62 -11.14
C ARG A 39 7.50 15.50 -10.84
N SER A 40 6.38 14.86 -10.48
CA SER A 40 5.16 15.57 -10.14
C SER A 40 5.14 15.92 -8.66
N ALA A 41 4.35 16.90 -8.29
CA ALA A 41 4.31 17.30 -6.89
C ALA A 41 2.95 17.80 -6.41
N LYS A 42 1.86 17.35 -7.03
CA LYS A 42 0.54 17.77 -6.59
C LYS A 42 0.16 17.03 -5.31
N PRO A 43 -0.41 17.72 -4.33
CA PRO A 43 -0.79 17.12 -3.04
C PRO A 43 -1.65 15.87 -3.20
N VAL A 44 -1.25 14.80 -2.52
CA VAL A 44 -1.97 13.53 -2.57
C VAL A 44 -1.97 12.83 -1.22
N THR A 45 -3.04 12.11 -0.93
CA THR A 45 -3.15 11.37 0.33
C THR A 45 -3.23 9.87 0.03
N GLU A 46 -2.35 9.10 0.64
CA GLU A 46 -2.33 7.66 0.43
C GLU A 46 -2.00 6.90 1.70
N LEU A 47 -2.44 5.64 1.77
CA LEU A 47 -2.17 4.79 2.91
C LEU A 47 -1.11 3.77 2.57
N VAL A 48 -0.25 3.46 3.53
CA VAL A 48 0.81 2.49 3.32
C VAL A 48 0.41 1.13 3.89
N CYS A 49 -0.37 0.38 3.11
CA CYS A 49 -0.81 -0.94 3.55
C CYS A 49 -0.60 -1.97 2.44
N SER A 50 0.37 -2.86 2.65
CA SER A 50 0.66 -3.90 1.68
C SER A 50 1.02 -5.21 2.38
N GLY A 51 0.09 -6.15 2.36
CA GLY A 51 0.33 -7.43 2.99
C GLY A 51 -0.64 -8.49 2.51
N GLN A 52 -0.58 -9.66 3.14
CA GLN A 52 -1.46 -10.76 2.77
C GLN A 52 -2.11 -11.35 4.02
N CYS A 53 -3.34 -11.81 3.89
CA CYS A 53 -4.05 -12.40 5.01
C CYS A 53 -4.13 -13.91 4.86
N GLY A 54 -4.11 -14.62 5.98
CA GLY A 54 -4.16 -16.07 5.95
C GLY A 54 -4.67 -16.64 7.26
N PRO A 55 -4.90 -17.97 7.29
CA PRO A 55 -5.39 -18.65 8.50
C PRO A 55 -4.53 -18.36 9.73
N ALA A 56 -5.14 -18.44 10.90
CA ALA A 56 -4.44 -18.17 12.15
C ALA A 56 -3.54 -19.35 12.55
N ARG A 57 -3.56 -20.40 11.74
CA ARG A 57 -2.75 -21.59 12.03
C ARG A 57 -1.28 -21.30 11.79
N LEU A 58 -0.45 -21.70 12.75
CA LEU A 58 0.99 -21.50 12.65
C LEU A 58 1.71 -22.83 12.50
N LEU A 59 2.50 -22.97 11.44
CA LEU A 59 3.23 -24.22 11.20
C LEU A 59 4.73 -24.00 11.19
N PRO A 60 5.38 -24.03 12.37
CA PRO A 60 6.81 -23.85 12.49
C PRO A 60 7.56 -25.19 12.46
N ASN A 61 8.69 -25.23 11.76
CA ASN A 61 9.47 -26.46 11.67
C ASN A 61 10.96 -26.19 11.77
N ALA A 62 11.31 -24.97 12.19
CA ALA A 62 12.71 -24.61 12.34
C ALA A 62 13.02 -24.22 13.78
N ILE A 63 12.69 -22.98 14.12
CA ILE A 63 12.91 -22.46 15.46
C ILE A 63 11.65 -22.54 16.30
N GLY A 64 10.56 -22.97 15.67
CA GLY A 64 9.29 -23.07 16.36
C GLY A 64 8.44 -21.83 16.17
N ARG A 65 9.00 -20.86 15.45
CA ARG A 65 8.30 -19.61 15.19
C ARG A 65 8.03 -19.43 13.69
N VAL A 66 6.84 -18.94 13.37
CA VAL A 66 6.44 -18.71 11.99
C VAL A 66 6.45 -17.22 11.69
N LYS A 67 7.40 -16.81 10.87
CA LYS A 67 7.58 -15.41 10.54
C LYS A 67 8.42 -15.24 9.27
N TRP A 68 8.47 -16.30 8.48
CA TRP A 68 9.27 -16.32 7.26
C TRP A 68 8.59 -17.22 6.25
N TRP A 69 8.84 -18.52 6.37
CA TRP A 69 8.22 -19.49 5.49
C TRP A 69 6.92 -19.97 6.14
N ARG A 70 5.86 -20.04 5.37
CA ARG A 70 4.58 -20.47 5.90
C ARG A 70 3.86 -21.40 4.94
N PRO A 71 3.96 -22.72 5.16
CA PRO A 71 3.33 -23.72 4.30
C PRO A 71 1.81 -23.55 4.23
N ASN A 72 1.20 -23.16 5.35
CA ASN A 72 -0.24 -22.96 5.40
C ASN A 72 -0.58 -21.49 5.15
N GLY A 73 0.44 -20.70 4.82
CA GLY A 73 0.22 -19.28 4.58
C GLY A 73 0.46 -18.45 5.82
N PRO A 74 1.00 -17.23 5.66
CA PRO A 74 1.27 -16.33 6.79
C PRO A 74 -0.01 -15.87 7.48
N ASP A 75 0.15 -15.33 8.69
CA ASP A 75 -1.00 -14.86 9.47
C ASP A 75 -1.74 -13.73 8.74
N PHE A 76 -2.90 -13.35 9.27
CA PHE A 76 -3.70 -12.30 8.68
C PHE A 76 -3.00 -10.95 8.78
N ARG A 77 -3.10 -10.15 7.72
CA ARG A 77 -2.44 -8.84 7.71
C ARG A 77 -3.30 -7.79 6.99
N CYS A 78 -2.79 -7.25 5.88
CA CYS A 78 -3.54 -6.23 5.14
C CYS A 78 -3.44 -6.46 3.63
N ILE A 79 -4.58 -6.45 2.96
CA ILE A 79 -4.62 -6.63 1.51
C ILE A 79 -5.33 -5.44 0.86
N PRO A 80 -4.62 -4.71 -0.02
CA PRO A 80 -5.18 -3.54 -0.70
C PRO A 80 -6.49 -3.89 -1.40
N ASP A 81 -7.48 -3.00 -1.30
CA ASP A 81 -8.78 -3.24 -1.92
C ASP A 81 -9.12 -2.16 -2.93
N ARG A 82 -9.20 -0.92 -2.46
CA ARG A 82 -9.53 0.21 -3.33
C ARG A 82 -8.48 1.32 -3.25
N TYR A 83 -8.21 1.95 -4.38
CA TYR A 83 -7.24 3.04 -4.43
C TYR A 83 -7.90 4.33 -4.88
N ARG A 84 -7.28 5.45 -4.53
CA ARG A 84 -7.78 6.75 -4.93
C ARG A 84 -7.11 7.16 -6.21
N ALA A 85 -7.86 7.76 -7.11
CA ALA A 85 -7.30 8.17 -8.38
C ALA A 85 -6.47 9.43 -8.22
N GLN A 86 -5.27 9.42 -8.77
CA GLN A 86 -4.38 10.56 -8.69
C GLN A 86 -3.78 10.87 -10.04
N ARG A 87 -4.30 11.89 -10.71
CA ARG A 87 -3.79 12.29 -12.01
C ARG A 87 -3.07 13.62 -11.90
N VAL A 88 -1.75 13.56 -11.84
CA VAL A 88 -0.94 14.75 -11.72
C VAL A 88 0.17 14.75 -12.77
N GLN A 89 0.56 15.93 -13.22
CA GLN A 89 1.61 16.04 -14.21
C GLN A 89 2.96 16.22 -13.52
N LEU A 90 3.97 15.48 -14.00
CA LEU A 90 5.29 15.55 -13.41
C LEU A 90 6.01 16.84 -13.82
N LEU A 91 6.38 17.61 -12.81
CA LEU A 91 7.06 18.88 -13.03
C LEU A 91 8.56 18.70 -13.07
N CYS A 92 9.20 19.40 -14.00
CA CYS A 92 10.65 19.32 -14.14
C CYS A 92 11.32 20.58 -13.62
N PRO A 93 12.18 20.45 -12.61
CA PRO A 93 12.90 21.59 -12.04
C PRO A 93 13.89 22.16 -13.04
N GLY A 94 13.54 23.27 -13.64
CA GLY A 94 14.41 23.89 -14.63
C GLY A 94 14.17 23.32 -16.02
N GLY A 95 13.06 22.61 -16.16
CA GLY A 95 12.71 22.01 -17.43
C GLY A 95 11.22 22.00 -17.65
N ALA A 96 10.77 22.71 -18.66
CA ALA A 96 9.35 22.80 -18.97
C ALA A 96 8.87 21.60 -19.79
N ALA A 97 9.30 20.41 -19.42
CA ALA A 97 8.89 19.20 -20.12
C ALA A 97 8.04 18.32 -19.22
N PRO A 98 6.97 18.90 -18.65
CA PRO A 98 6.06 18.18 -17.76
C PRO A 98 5.29 17.07 -18.46
N ARG A 99 4.93 16.04 -17.70
CA ARG A 99 4.19 14.90 -18.25
C ARG A 99 3.04 14.52 -17.32
N SER A 100 2.01 13.88 -17.87
CA SER A 100 0.86 13.48 -17.07
C SER A 100 0.88 11.98 -16.78
N ARG A 101 0.65 11.62 -15.51
CA ARG A 101 0.65 10.23 -15.09
C ARG A 101 -0.46 9.93 -14.09
N LYS A 102 -1.05 8.74 -14.21
CA LYS A 102 -2.12 8.32 -13.31
C LYS A 102 -1.57 7.47 -12.18
N VAL A 103 -2.20 7.52 -11.01
CA VAL A 103 -1.75 6.75 -9.88
C VAL A 103 -2.91 6.33 -8.99
N ARG A 104 -3.01 5.02 -8.77
CA ARG A 104 -4.05 4.46 -7.91
C ARG A 104 -3.45 4.14 -6.54
N LEU A 105 -3.85 4.91 -5.53
CA LEU A 105 -3.33 4.71 -4.18
C LEU A 105 -4.39 4.19 -3.22
N VAL A 106 -4.10 3.07 -2.57
CA VAL A 106 -5.04 2.47 -1.62
C VAL A 106 -5.50 3.49 -0.58
N ALA A 107 -6.51 4.27 -0.92
CA ALA A 107 -7.04 5.27 0.00
C ALA A 107 -7.86 4.58 1.08
N SER A 108 -8.11 3.28 0.88
CA SER A 108 -8.86 2.46 1.83
C SER A 108 -8.61 0.99 1.56
N CYS A 109 -8.11 0.26 2.54
CA CYS A 109 -7.82 -1.16 2.37
C CYS A 109 -8.27 -1.97 3.58
N LYS A 110 -8.39 -3.28 3.39
CA LYS A 110 -8.82 -4.18 4.46
C LYS A 110 -8.09 -5.51 4.37
N CYS A 111 -8.06 -6.24 5.49
CA CYS A 111 -7.40 -7.54 5.53
C CYS A 111 -8.23 -8.56 4.77
N LYS A 112 -7.73 -8.98 3.62
CA LYS A 112 -8.43 -9.96 2.79
C LYS A 112 -7.65 -11.26 2.72
N ARG A 113 -8.30 -12.36 3.09
CA ARG A 113 -7.68 -13.68 3.06
C ARG A 113 -7.27 -14.05 1.65
N LYS A 17 -15.50 9.55 14.80
CA LYS A 17 -14.55 9.25 13.70
C LYS A 17 -14.08 7.79 13.75
N ASP A 18 -14.82 6.92 13.04
CA ASP A 18 -14.51 5.49 13.00
C ASP A 18 -13.47 5.17 11.95
N VAL A 19 -12.77 6.19 11.48
CA VAL A 19 -11.74 6.02 10.47
C VAL A 19 -10.56 5.22 11.00
N SER A 20 -10.30 5.35 12.29
CA SER A 20 -9.18 4.65 12.93
C SER A 20 -9.57 3.25 13.40
N GLU A 21 -10.83 2.86 13.21
CA GLU A 21 -11.29 1.54 13.64
C GLU A 21 -10.59 0.44 12.83
N TYR A 22 -10.33 0.72 11.57
CA TYR A 22 -9.67 -0.25 10.69
C TYR A 22 -8.19 0.08 10.50
N SER A 23 -7.75 1.18 11.12
CA SER A 23 -6.36 1.60 11.02
C SER A 23 -5.46 0.81 11.96
N CYS A 24 -4.27 0.49 11.46
CA CYS A 24 -3.28 -0.28 12.23
C CYS A 24 -2.33 0.65 12.97
N ARG A 25 -1.97 1.76 12.34
CA ARG A 25 -1.06 2.72 12.94
C ARG A 25 -1.14 4.08 12.24
N GLU A 26 -0.62 5.13 12.88
CA GLU A 26 -0.66 6.46 12.30
C GLU A 26 0.00 6.43 10.92
N LEU A 27 -0.79 6.08 9.91
CA LEU A 27 -0.30 5.96 8.54
C LEU A 27 -0.80 7.08 7.63
N HIS A 28 0.12 7.68 6.86
CA HIS A 28 -0.24 8.72 5.92
C HIS A 28 0.92 9.05 4.99
N TYR A 29 0.87 8.52 3.77
CA TYR A 29 1.93 8.75 2.79
C TYR A 29 1.49 9.62 1.64
N THR A 30 2.45 10.36 1.09
CA THR A 30 2.21 11.24 -0.05
C THR A 30 3.05 10.81 -1.23
N ARG A 31 2.53 9.86 -1.99
CA ARG A 31 3.21 9.39 -3.17
C ARG A 31 2.41 9.80 -4.39
N PHE A 32 3.05 10.48 -5.32
CA PHE A 32 2.35 10.95 -6.50
C PHE A 32 2.76 10.21 -7.77
N LEU A 33 3.85 10.65 -8.40
CA LEU A 33 4.29 10.02 -9.64
C LEU A 33 5.72 10.43 -9.97
N THR A 34 6.54 9.43 -10.31
CA THR A 34 7.93 9.67 -10.66
C THR A 34 8.29 8.94 -11.96
N ASP A 35 8.94 9.65 -12.88
CA ASP A 35 9.36 9.06 -14.16
C ASP A 35 10.70 9.64 -14.62
N GLY A 36 11.00 9.49 -15.91
CA GLY A 36 12.25 10.02 -16.44
C GLY A 36 12.67 11.26 -15.68
N PRO A 37 13.98 11.51 -15.57
CA PRO A 37 14.57 12.63 -14.85
C PRO A 37 13.62 13.78 -14.51
N CYS A 38 12.51 13.44 -13.87
CA CYS A 38 11.50 14.40 -13.44
C CYS A 38 10.58 13.72 -12.43
N ARG A 39 9.87 14.51 -11.63
CA ARG A 39 8.96 13.94 -10.63
C ARG A 39 7.82 14.91 -10.31
N SER A 40 6.62 14.35 -10.15
CA SER A 40 5.45 15.15 -9.81
C SER A 40 5.41 15.44 -8.32
N ALA A 41 4.58 16.39 -7.92
CA ALA A 41 4.47 16.72 -6.50
C ALA A 41 3.07 17.18 -6.12
N LYS A 42 2.07 16.80 -6.90
CA LYS A 42 0.70 17.18 -6.60
C LYS A 42 0.25 16.51 -5.31
N PRO A 43 -0.30 17.28 -4.37
CA PRO A 43 -0.77 16.75 -3.09
C PRO A 43 -1.62 15.49 -3.25
N VAL A 44 -1.13 14.38 -2.69
CA VAL A 44 -1.85 13.10 -2.76
C VAL A 44 -1.89 12.44 -1.39
N THR A 45 -2.88 11.58 -1.18
CA THR A 45 -2.99 10.86 0.06
C THR A 45 -2.84 9.37 -0.18
N GLU A 46 -1.85 8.77 0.46
CA GLU A 46 -1.59 7.35 0.31
C GLU A 46 -1.68 6.64 1.64
N LEU A 47 -2.54 5.63 1.71
CA LEU A 47 -2.72 4.88 2.95
C LEU A 47 -2.19 3.47 2.83
N VAL A 48 -1.25 3.17 3.68
CA VAL A 48 -0.63 1.87 3.74
C VAL A 48 -1.13 1.12 4.97
N CYS A 49 -2.33 0.56 4.86
CA CYS A 49 -2.93 -0.17 5.98
C CYS A 49 -2.39 -1.60 6.04
N SER A 50 -1.63 -1.89 7.11
CA SER A 50 -1.06 -3.23 7.30
C SER A 50 -0.99 -3.57 8.78
N GLY A 51 -1.95 -4.34 9.25
CA GLY A 51 -1.98 -4.73 10.66
C GLY A 51 -2.94 -5.86 10.91
N GLN A 52 -3.56 -5.84 12.09
CA GLN A 52 -4.52 -6.87 12.47
C GLN A 52 -5.84 -6.23 12.89
N CYS A 53 -6.95 -6.91 12.59
CA CYS A 53 -8.27 -6.41 12.97
C CYS A 53 -9.11 -7.49 13.64
N GLY A 54 -10.14 -7.07 14.36
CA GLY A 54 -11.01 -8.01 15.03
C GLY A 54 -12.47 -7.75 14.74
N PRO A 55 -12.90 -8.03 13.50
CA PRO A 55 -14.29 -7.85 13.06
C PRO A 55 -15.29 -8.60 13.93
N ALA A 56 -16.46 -8.02 14.13
CA ALA A 56 -17.49 -8.68 14.93
C ALA A 56 -18.05 -9.88 14.20
N ARG A 57 -17.67 -10.03 12.94
CA ARG A 57 -18.12 -11.14 12.13
C ARG A 57 -17.24 -12.35 12.37
N LEU A 58 -17.78 -13.36 13.04
CA LEU A 58 -17.04 -14.58 13.35
C LEU A 58 -17.44 -15.72 12.42
N LEU A 59 -16.53 -16.10 11.53
CA LEU A 59 -16.81 -17.18 10.60
C LEU A 59 -15.74 -18.27 10.64
N PRO A 60 -15.97 -19.34 11.40
CA PRO A 60 -15.03 -20.46 11.48
C PRO A 60 -14.47 -20.80 10.11
N ASN A 61 -13.17 -20.57 9.92
CA ASN A 61 -12.54 -20.85 8.63
C ASN A 61 -11.77 -22.17 8.65
N ALA A 62 -11.96 -22.94 7.58
CA ALA A 62 -11.30 -24.23 7.41
C ALA A 62 -9.81 -24.08 7.18
N ILE A 63 -9.40 -22.87 6.77
CA ILE A 63 -7.99 -22.59 6.49
C ILE A 63 -7.25 -23.85 6.04
N GLY A 64 -7.96 -24.68 5.29
CA GLY A 64 -7.41 -25.91 4.76
C GLY A 64 -8.00 -27.17 5.38
N ARG A 65 -8.01 -27.24 6.71
CA ARG A 65 -8.55 -28.40 7.42
C ARG A 65 -9.61 -27.95 8.44
N VAL A 66 -10.67 -28.75 8.61
CA VAL A 66 -11.72 -28.39 9.55
C VAL A 66 -11.90 -29.42 10.65
N LYS A 67 -12.04 -28.90 11.84
CA LYS A 67 -12.22 -29.69 13.06
C LYS A 67 -11.97 -28.80 14.27
N TRP A 68 -11.05 -27.88 14.06
CA TRP A 68 -10.63 -26.89 15.05
C TRP A 68 -11.40 -25.59 14.86
N TRP A 69 -12.69 -25.71 14.55
CA TRP A 69 -13.51 -24.54 14.29
C TRP A 69 -13.32 -23.44 15.30
N ARG A 70 -13.34 -22.22 14.77
CA ARG A 70 -13.19 -21.05 15.59
C ARG A 70 -14.41 -20.16 15.46
N PRO A 71 -15.50 -20.51 16.16
CA PRO A 71 -16.74 -19.75 16.12
C PRO A 71 -16.50 -18.27 16.43
N ASN A 72 -15.35 -17.97 17.02
CA ASN A 72 -15.00 -16.60 17.36
C ASN A 72 -14.39 -15.87 16.17
N GLY A 73 -14.32 -16.56 15.04
CA GLY A 73 -13.76 -15.98 13.84
C GLY A 73 -12.30 -15.60 14.00
N PRO A 74 -11.51 -15.68 12.92
CA PRO A 74 -10.10 -15.34 12.94
C PRO A 74 -9.85 -13.84 12.78
N ASP A 75 -8.69 -13.38 13.25
CA ASP A 75 -8.34 -11.98 13.14
C ASP A 75 -7.97 -11.63 11.70
N PHE A 76 -8.47 -10.50 11.20
CA PHE A 76 -8.20 -10.09 9.82
C PHE A 76 -7.26 -8.89 9.76
N ARG A 77 -6.23 -9.00 8.92
CA ARG A 77 -5.25 -7.93 8.76
C ARG A 77 -5.85 -6.72 8.07
N CYS A 78 -5.44 -5.53 8.48
CA CYS A 78 -5.92 -4.31 7.85
C CYS A 78 -5.15 -4.08 6.55
N ILE A 79 -5.78 -4.39 5.42
CA ILE A 79 -5.14 -4.23 4.12
C ILE A 79 -5.94 -3.29 3.21
N PRO A 80 -5.29 -2.74 2.17
CA PRO A 80 -5.94 -1.82 1.22
C PRO A 80 -7.01 -2.52 0.39
N ASP A 81 -7.95 -1.74 -0.14
CA ASP A 81 -9.04 -2.32 -0.93
C ASP A 81 -9.35 -1.49 -2.19
N ARG A 82 -9.66 -0.21 -2.01
CA ARG A 82 -9.99 0.67 -3.14
C ARG A 82 -9.00 1.82 -3.25
N TYR A 83 -8.85 2.36 -4.45
CA TYR A 83 -7.93 3.47 -4.68
C TYR A 83 -8.63 4.62 -5.39
N ARG A 84 -8.08 5.81 -5.19
CA ARG A 84 -8.58 7.02 -5.81
C ARG A 84 -7.81 7.28 -7.08
N ALA A 85 -8.48 7.83 -8.09
CA ALA A 85 -7.83 8.10 -9.35
C ALA A 85 -7.31 9.53 -9.39
N GLN A 86 -6.00 9.66 -9.48
CA GLN A 86 -5.37 10.97 -9.52
C GLN A 86 -4.39 11.01 -10.68
N ARG A 87 -4.72 11.80 -11.68
CA ARG A 87 -3.87 11.94 -12.85
C ARG A 87 -3.23 13.32 -12.89
N VAL A 88 -1.97 13.39 -12.50
CA VAL A 88 -1.25 14.67 -12.49
C VAL A 88 0.03 14.58 -13.28
N GLN A 89 0.59 15.74 -13.65
CA GLN A 89 1.82 15.77 -14.43
C GLN A 89 3.05 15.93 -13.56
N LEU A 90 4.09 15.18 -13.89
CA LEU A 90 5.35 15.22 -13.18
C LEU A 90 6.09 16.49 -13.54
N LEU A 91 6.60 17.17 -12.55
CA LEU A 91 7.31 18.42 -12.76
C LEU A 91 8.81 18.20 -12.86
N CYS A 92 9.42 18.93 -13.77
CA CYS A 92 10.86 18.84 -13.98
C CYS A 92 11.49 20.19 -13.68
N PRO A 93 12.77 20.22 -13.31
CA PRO A 93 13.47 21.47 -12.99
C PRO A 93 13.35 22.49 -14.12
N GLY A 94 12.66 23.58 -13.83
CA GLY A 94 12.46 24.62 -14.83
C GLY A 94 11.10 24.57 -15.49
N GLY A 95 10.26 23.63 -15.04
CA GLY A 95 8.93 23.50 -15.61
C GLY A 95 8.93 23.76 -17.10
N ALA A 96 9.66 22.95 -17.85
CA ALA A 96 9.78 23.12 -19.29
C ALA A 96 8.92 22.12 -20.05
N ALA A 97 9.15 20.84 -19.81
CA ALA A 97 8.40 19.80 -20.52
C ALA A 97 7.73 18.84 -19.55
N PRO A 98 6.86 19.37 -18.67
CA PRO A 98 6.12 18.55 -17.71
C PRO A 98 5.46 17.35 -18.39
N ARG A 99 5.31 16.25 -17.66
CA ARG A 99 4.71 15.04 -18.21
C ARG A 99 3.50 14.60 -17.39
N SER A 100 2.52 14.00 -18.05
CA SER A 100 1.31 13.55 -17.36
C SER A 100 1.35 12.05 -17.09
N ARG A 101 0.98 11.67 -15.86
CA ARG A 101 0.97 10.26 -15.46
C ARG A 101 -0.24 9.96 -14.57
N LYS A 102 -0.84 8.78 -14.75
CA LYS A 102 -2.00 8.38 -13.96
C LYS A 102 -1.58 7.58 -12.73
N VAL A 103 -2.31 7.76 -11.64
CA VAL A 103 -2.00 7.08 -10.40
C VAL A 103 -3.25 6.78 -9.58
N ARG A 104 -3.34 5.53 -9.15
CA ARG A 104 -4.45 5.05 -8.33
C ARG A 104 -3.94 4.68 -6.94
N LEU A 105 -4.33 5.45 -5.94
CA LEU A 105 -3.88 5.19 -4.57
C LEU A 105 -5.04 4.89 -3.63
N VAL A 106 -4.80 3.97 -2.69
CA VAL A 106 -5.82 3.60 -1.71
C VAL A 106 -6.17 4.78 -0.82
N ALA A 107 -7.07 5.64 -1.29
CA ALA A 107 -7.49 6.80 -0.52
C ALA A 107 -8.23 6.38 0.74
N SER A 108 -8.74 5.15 0.73
CA SER A 108 -9.48 4.60 1.87
C SER A 108 -9.55 3.07 1.77
N CYS A 109 -9.27 2.39 2.89
CA CYS A 109 -9.29 0.92 2.90
C CYS A 109 -10.03 0.37 4.11
N LYS A 110 -10.36 -0.92 4.03
CA LYS A 110 -11.05 -1.62 5.11
C LYS A 110 -10.19 -2.77 5.59
N CYS A 111 -10.12 -2.97 6.90
CA CYS A 111 -9.31 -4.03 7.44
C CYS A 111 -10.03 -5.37 7.36
N LYS A 112 -9.79 -6.10 6.27
CA LYS A 112 -10.42 -7.39 6.08
C LYS A 112 -9.42 -8.40 5.51
N ARG A 113 -9.71 -9.68 5.72
CA ARG A 113 -8.85 -10.76 5.25
C ARG A 113 -7.60 -10.87 6.11
N LYS A 17 0.35 -13.89 19.10
CA LYS A 17 -0.82 -12.98 18.90
C LYS A 17 -0.58 -12.06 17.71
N ASP A 18 -1.09 -12.46 16.55
CA ASP A 18 -0.94 -11.67 15.33
C ASP A 18 -2.02 -10.60 15.22
N VAL A 19 -2.72 -10.35 16.33
CA VAL A 19 -3.77 -9.35 16.36
C VAL A 19 -3.23 -7.94 16.15
N SER A 20 -2.08 -7.66 16.77
CA SER A 20 -1.46 -6.35 16.64
C SER A 20 -0.64 -6.26 15.36
N GLU A 21 -0.49 -7.38 14.67
CA GLU A 21 0.27 -7.42 13.42
C GLU A 21 -0.58 -6.91 12.26
N TYR A 22 -1.78 -6.43 12.58
CA TYR A 22 -2.71 -5.92 11.58
C TYR A 22 -2.60 -4.40 11.43
N SER A 23 -1.49 -3.83 11.89
CA SER A 23 -1.32 -2.38 11.81
C SER A 23 -1.45 -1.92 10.36
N CYS A 24 -2.57 -1.26 10.08
CA CYS A 24 -2.87 -0.75 8.76
C CYS A 24 -3.83 0.42 8.86
N ARG A 25 -3.86 1.05 10.04
CA ARG A 25 -4.74 2.19 10.30
C ARG A 25 -4.66 3.22 9.19
N GLU A 26 -5.33 4.34 9.40
CA GLU A 26 -5.33 5.42 8.42
C GLU A 26 -4.04 6.22 8.48
N LEU A 27 -3.08 5.82 7.67
CA LEU A 27 -1.78 6.46 7.60
C LEU A 27 -1.69 7.31 6.34
N HIS A 28 -1.08 8.48 6.44
CA HIS A 28 -0.95 9.35 5.28
C HIS A 28 0.50 9.74 5.04
N TYR A 29 0.96 9.59 3.79
CA TYR A 29 2.33 9.95 3.44
C TYR A 29 2.42 10.44 1.99
N THR A 30 3.51 11.13 1.69
CA THR A 30 3.74 11.70 0.36
C THR A 30 4.14 10.64 -0.66
N ARG A 31 3.54 10.74 -1.83
CA ARG A 31 3.79 9.85 -2.94
C ARG A 31 2.83 10.18 -4.08
N PHE A 32 3.35 10.75 -5.17
CA PHE A 32 2.49 11.15 -6.27
C PHE A 32 2.81 10.37 -7.56
N LEU A 33 3.84 10.80 -8.28
CA LEU A 33 4.21 10.14 -9.53
C LEU A 33 5.60 10.53 -9.99
N THR A 34 6.39 9.53 -10.37
CA THR A 34 7.74 9.76 -10.86
C THR A 34 7.95 9.04 -12.19
N ASP A 35 8.58 9.71 -13.14
CA ASP A 35 8.84 9.12 -14.46
C ASP A 35 10.16 9.62 -15.02
N GLY A 36 10.38 9.43 -16.33
CA GLY A 36 11.63 9.89 -16.94
C GLY A 36 12.12 11.13 -16.24
N PRO A 37 13.45 11.34 -16.17
CA PRO A 37 14.08 12.47 -15.50
C PRO A 37 13.16 13.65 -15.21
N CYS A 38 12.07 13.38 -14.49
CA CYS A 38 11.09 14.38 -14.09
C CYS A 38 10.24 13.80 -12.97
N ARG A 39 9.61 14.65 -12.16
CA ARG A 39 8.79 14.17 -11.06
C ARG A 39 7.63 15.09 -10.74
N SER A 40 6.50 14.49 -10.37
CA SER A 40 5.32 15.24 -9.99
C SER A 40 5.36 15.54 -8.50
N ALA A 41 4.62 16.54 -8.07
CA ALA A 41 4.64 16.88 -6.65
C ALA A 41 3.29 17.38 -6.13
N LYS A 42 2.21 17.04 -6.82
CA LYS A 42 0.89 17.47 -6.36
C LYS A 42 0.55 16.78 -5.05
N PRO A 43 -0.06 17.51 -4.10
CA PRO A 43 -0.41 16.96 -2.78
C PRO A 43 -1.19 15.66 -2.89
N VAL A 44 -0.71 14.62 -2.23
CA VAL A 44 -1.36 13.32 -2.25
C VAL A 44 -1.52 12.75 -0.86
N THR A 45 -2.43 11.80 -0.72
CA THR A 45 -2.67 11.15 0.56
C THR A 45 -2.76 9.64 0.37
N GLU A 46 -1.65 8.97 0.61
CA GLU A 46 -1.60 7.52 0.46
C GLU A 46 -1.45 6.85 1.82
N LEU A 47 -1.76 5.57 1.89
CA LEU A 47 -1.65 4.85 3.15
C LEU A 47 -0.53 3.83 3.12
N VAL A 48 0.27 3.84 4.16
CA VAL A 48 1.39 2.93 4.27
C VAL A 48 0.95 1.62 4.88
N CYS A 49 0.32 0.78 4.08
CA CYS A 49 -0.18 -0.50 4.54
C CYS A 49 0.93 -1.54 4.57
N SER A 50 1.44 -1.82 5.77
CA SER A 50 2.50 -2.81 5.94
C SER A 50 2.36 -3.54 7.27
N GLY A 51 1.91 -4.79 7.21
CA GLY A 51 1.74 -5.57 8.42
C GLY A 51 1.65 -7.06 8.16
N GLN A 52 1.41 -7.85 9.20
CA GLN A 52 1.30 -9.29 9.07
C GLN A 52 -0.07 -9.75 9.54
N CYS A 53 -0.84 -10.32 8.61
CA CYS A 53 -2.18 -10.80 8.92
C CYS A 53 -2.14 -12.21 9.50
N GLY A 54 -1.01 -12.89 9.34
CA GLY A 54 -0.87 -14.24 9.85
C GLY A 54 0.52 -14.51 10.41
N PRO A 55 0.69 -15.67 11.05
CA PRO A 55 1.99 -16.06 11.64
C PRO A 55 3.13 -15.97 10.63
N ALA A 56 4.27 -16.55 10.98
CA ALA A 56 5.45 -16.54 10.11
C ALA A 56 5.41 -17.71 9.13
N ARG A 57 4.21 -18.08 8.70
CA ARG A 57 4.05 -19.20 7.76
C ARG A 57 4.87 -18.99 6.50
N LEU A 58 5.61 -20.02 6.10
CA LEU A 58 6.46 -19.98 4.92
C LEU A 58 5.77 -20.60 3.70
N LEU A 59 6.20 -20.18 2.52
CA LEU A 59 5.64 -20.71 1.28
C LEU A 59 6.00 -22.17 1.09
N PRO A 60 5.32 -22.86 0.17
CA PRO A 60 5.55 -24.28 -0.11
C PRO A 60 7.00 -24.59 -0.51
N ASN A 61 7.74 -25.24 0.40
CA ASN A 61 9.13 -25.60 0.13
C ASN A 61 9.38 -27.09 0.36
N ALA A 62 8.66 -27.92 -0.38
CA ALA A 62 8.78 -29.37 -0.28
C ALA A 62 10.18 -29.87 -0.59
N ILE A 63 10.91 -29.14 -1.42
CA ILE A 63 12.26 -29.56 -1.79
C ILE A 63 12.34 -31.07 -1.92
N GLY A 64 11.22 -31.68 -2.29
CA GLY A 64 11.16 -33.12 -2.46
C GLY A 64 10.55 -33.84 -1.27
N ARG A 65 10.81 -33.32 -0.06
CA ARG A 65 10.29 -33.93 1.16
C ARG A 65 9.25 -33.04 1.85
N VAL A 66 8.27 -33.68 2.50
CA VAL A 66 7.23 -32.95 3.22
C VAL A 66 6.79 -33.75 4.44
N LYS A 67 6.90 -33.14 5.60
CA LYS A 67 6.55 -33.79 6.87
C LYS A 67 6.81 -32.86 8.05
N TRP A 68 6.62 -31.58 7.81
CA TRP A 68 6.87 -30.53 8.80
C TRP A 68 5.93 -29.38 8.50
N TRP A 69 6.18 -28.75 7.36
CA TRP A 69 5.34 -27.68 6.86
C TRP A 69 4.42 -28.28 5.81
N ARG A 70 3.12 -28.05 5.90
CA ARG A 70 2.22 -28.62 4.92
C ARG A 70 1.16 -27.61 4.47
N PRO A 71 1.03 -27.41 3.14
CA PRO A 71 0.09 -26.48 2.49
C PRO A 71 -1.19 -26.16 3.27
N ASN A 72 -1.05 -25.58 4.46
CA ASN A 72 -2.21 -25.21 5.26
C ASN A 72 -2.69 -23.81 4.87
N GLY A 73 -2.11 -23.27 3.80
CA GLY A 73 -2.49 -21.95 3.33
C GLY A 73 -1.29 -21.05 3.14
N PRO A 74 -1.35 -20.14 2.15
CA PRO A 74 -0.25 -19.22 1.86
C PRO A 74 0.01 -18.23 3.00
N ASP A 75 1.23 -17.70 3.05
CA ASP A 75 1.61 -16.75 4.08
C ASP A 75 0.63 -15.59 4.15
N PHE A 76 0.69 -14.84 5.25
CA PHE A 76 -0.21 -13.71 5.46
C PHE A 76 0.55 -12.40 5.61
N ARG A 77 -0.07 -11.31 5.16
CA ARG A 77 0.56 -9.99 5.23
C ARG A 77 -0.45 -8.88 4.91
N CYS A 78 -0.51 -7.86 5.75
CA CYS A 78 -1.43 -6.75 5.51
C CYS A 78 -1.07 -6.08 4.19
N ILE A 79 -1.95 -6.20 3.21
CA ILE A 79 -1.68 -5.62 1.89
C ILE A 79 -2.82 -4.73 1.41
N PRO A 80 -2.48 -3.65 0.70
CA PRO A 80 -3.46 -2.69 0.15
C PRO A 80 -4.48 -3.38 -0.75
N ASP A 81 -5.67 -2.78 -0.87
CA ASP A 81 -6.72 -3.38 -1.69
C ASP A 81 -7.24 -2.42 -2.76
N ARG A 82 -7.79 -1.28 -2.33
CA ARG A 82 -8.34 -0.29 -3.26
C ARG A 82 -7.52 0.98 -3.29
N TYR A 83 -7.64 1.71 -4.40
CA TYR A 83 -6.90 2.96 -4.57
C TYR A 83 -7.79 4.07 -5.14
N ARG A 84 -7.28 5.28 -5.03
CA ARG A 84 -7.96 6.45 -5.55
C ARG A 84 -7.27 6.86 -6.84
N ALA A 85 -8.01 7.48 -7.74
CA ALA A 85 -7.45 7.89 -9.02
C ALA A 85 -6.87 9.30 -8.95
N GLN A 86 -5.59 9.43 -9.31
CA GLN A 86 -4.92 10.72 -9.30
C GLN A 86 -4.18 10.95 -10.62
N ARG A 87 -4.38 12.11 -11.21
CA ARG A 87 -3.71 12.47 -12.45
C ARG A 87 -3.01 13.81 -12.31
N VAL A 88 -1.73 13.77 -11.99
CA VAL A 88 -0.94 14.97 -11.81
C VAL A 88 0.21 15.03 -12.79
N GLN A 89 0.54 16.23 -13.23
CA GLN A 89 1.64 16.42 -14.18
C GLN A 89 2.96 16.36 -13.44
N LEU A 90 3.90 15.57 -13.95
CA LEU A 90 5.20 15.44 -13.33
C LEU A 90 6.06 16.64 -13.68
N LEU A 91 6.56 17.30 -12.66
CA LEU A 91 7.37 18.49 -12.83
C LEU A 91 8.83 18.15 -13.07
N CYS A 92 9.39 18.77 -14.09
CA CYS A 92 10.79 18.57 -14.44
C CYS A 92 11.58 19.84 -14.09
N PRO A 93 12.91 19.75 -13.94
CA PRO A 93 13.72 20.92 -13.58
C PRO A 93 13.44 22.10 -14.48
N GLY A 94 12.82 23.13 -13.91
CA GLY A 94 12.48 24.32 -14.66
C GLY A 94 11.05 24.29 -15.17
N GLY A 95 10.40 23.13 -15.05
CA GLY A 95 9.02 23.00 -15.49
C GLY A 95 8.90 23.00 -17.00
N ALA A 96 9.98 22.64 -17.67
CA ALA A 96 9.99 22.62 -19.14
C ALA A 96 9.63 21.24 -19.69
N ALA A 97 9.46 20.25 -18.83
CA ALA A 97 9.13 18.90 -19.29
C ALA A 97 7.99 18.27 -18.49
N PRO A 98 6.86 18.99 -18.34
CA PRO A 98 5.70 18.48 -17.60
C PRO A 98 5.00 17.33 -18.33
N ARG A 99 4.58 16.32 -17.57
CA ARG A 99 3.88 15.17 -18.15
C ARG A 99 2.76 14.70 -17.23
N SER A 100 1.58 14.45 -17.81
CA SER A 100 0.44 13.99 -17.02
C SER A 100 0.49 12.48 -16.82
N ARG A 101 0.23 12.03 -15.59
CA ARG A 101 0.26 10.62 -15.29
C ARG A 101 -0.82 10.22 -14.28
N LYS A 102 -1.42 9.06 -14.48
CA LYS A 102 -2.44 8.55 -13.57
C LYS A 102 -1.81 7.55 -12.62
N VAL A 103 -2.20 7.60 -11.35
CA VAL A 103 -1.66 6.70 -10.36
C VAL A 103 -2.70 6.33 -9.32
N ARG A 104 -2.84 5.04 -9.12
CA ARG A 104 -3.79 4.51 -8.14
C ARG A 104 -3.18 4.56 -6.74
N LEU A 105 -3.84 5.25 -5.83
CA LEU A 105 -3.36 5.38 -4.47
C LEU A 105 -4.32 4.75 -3.46
N VAL A 106 -3.80 3.85 -2.64
CA VAL A 106 -4.62 3.21 -1.63
C VAL A 106 -5.00 4.16 -0.50
N ALA A 107 -6.12 4.84 -0.68
CA ALA A 107 -6.61 5.76 0.34
C ALA A 107 -7.29 4.98 1.46
N SER A 108 -7.47 3.69 1.22
CA SER A 108 -8.10 2.80 2.21
C SER A 108 -7.72 1.35 1.92
N CYS A 109 -7.07 0.70 2.88
CA CYS A 109 -6.66 -0.70 2.70
C CYS A 109 -6.98 -1.53 3.94
N LYS A 110 -7.10 -2.84 3.73
CA LYS A 110 -7.38 -3.78 4.81
C LYS A 110 -6.33 -4.86 4.87
N CYS A 111 -6.01 -5.35 6.07
CA CYS A 111 -5.01 -6.38 6.22
C CYS A 111 -5.58 -7.74 5.81
N LYS A 112 -5.25 -8.15 4.59
CA LYS A 112 -5.71 -9.42 4.05
C LYS A 112 -4.58 -10.13 3.31
N ARG A 113 -4.73 -11.44 3.16
CA ARG A 113 -3.73 -12.25 2.45
C ARG A 113 -2.49 -12.44 3.32
N LYS A 17 -14.07 -2.83 13.57
CA LYS A 17 -12.89 -2.66 12.67
C LYS A 17 -11.59 -2.99 13.39
N ASP A 18 -11.25 -4.28 13.44
CA ASP A 18 -10.03 -4.72 14.10
C ASP A 18 -8.83 -4.65 13.15
N VAL A 19 -8.99 -3.91 12.07
CA VAL A 19 -7.93 -3.77 11.08
C VAL A 19 -6.72 -3.03 11.64
N SER A 20 -6.96 -2.13 12.59
CA SER A 20 -5.88 -1.36 13.19
C SER A 20 -5.17 -2.14 14.28
N GLU A 21 -5.67 -3.34 14.59
CA GLU A 21 -5.07 -4.18 15.62
C GLU A 21 -3.67 -4.64 15.23
N TYR A 22 -3.46 -4.93 13.96
CA TYR A 22 -2.15 -5.38 13.48
C TYR A 22 -1.42 -4.26 12.75
N SER A 23 -1.94 -3.92 11.59
CA SER A 23 -1.37 -2.87 10.76
C SER A 23 -2.45 -2.02 10.13
N CYS A 24 -2.12 -1.38 9.01
CA CYS A 24 -3.09 -0.53 8.32
C CYS A 24 -3.75 0.41 9.32
N ARG A 25 -3.20 1.62 9.44
CA ARG A 25 -3.71 2.61 10.39
C ARG A 25 -4.15 3.89 9.67
N GLU A 26 -4.18 4.98 10.42
CA GLU A 26 -4.58 6.28 9.87
C GLU A 26 -3.38 7.04 9.31
N LEU A 27 -2.22 6.40 9.30
CA LEU A 27 -1.00 7.04 8.78
C LEU A 27 -0.96 6.94 7.27
N HIS A 28 -0.85 8.09 6.62
CA HIS A 28 -0.82 8.12 5.16
C HIS A 28 0.51 8.68 4.64
N TYR A 29 0.81 8.39 3.38
CA TYR A 29 2.04 8.87 2.75
C TYR A 29 1.74 9.73 1.53
N THR A 30 2.69 10.61 1.21
CA THR A 30 2.56 11.52 0.08
C THR A 30 3.34 11.03 -1.13
N ARG A 31 2.70 10.17 -1.92
CA ARG A 31 3.30 9.64 -3.13
C ARG A 31 2.47 10.08 -4.33
N PHE A 32 3.08 10.81 -5.24
CA PHE A 32 2.36 11.33 -6.39
C PHE A 32 2.71 10.60 -7.69
N LEU A 33 3.84 10.96 -8.30
CA LEU A 33 4.23 10.33 -9.56
C LEU A 33 5.62 10.77 -10.02
N THR A 34 6.34 9.87 -10.67
CA THR A 34 7.67 10.17 -11.17
C THR A 34 7.89 9.59 -12.58
N ASP A 35 8.70 10.27 -13.37
CA ASP A 35 9.01 9.82 -14.73
C ASP A 35 10.36 10.38 -15.17
N GLY A 36 10.69 10.28 -16.46
CA GLY A 36 11.96 10.81 -16.96
C GLY A 36 12.36 12.02 -16.17
N PRO A 37 13.67 12.28 -15.99
CA PRO A 37 14.20 13.40 -15.22
C PRO A 37 13.20 14.54 -14.96
N CYS A 38 12.08 14.18 -14.33
CA CYS A 38 11.01 15.10 -13.97
C CYS A 38 10.12 14.42 -12.93
N ARG A 39 9.44 15.19 -12.09
CA ARG A 39 8.59 14.61 -11.08
C ARG A 39 7.43 15.50 -10.70
N SER A 40 6.30 14.88 -10.42
CA SER A 40 5.10 15.60 -10.01
C SER A 40 5.15 15.90 -8.52
N ALA A 41 4.31 16.81 -8.07
CA ALA A 41 4.30 17.16 -6.66
C ALA A 41 2.94 17.66 -6.17
N LYS A 42 1.86 17.11 -6.71
CA LYS A 42 0.53 17.51 -6.28
C LYS A 42 0.16 16.75 -5.01
N PRO A 43 -0.63 17.36 -4.12
CA PRO A 43 -1.01 16.73 -2.85
C PRO A 43 -1.74 15.40 -3.05
N VAL A 44 -1.16 14.34 -2.49
CA VAL A 44 -1.74 13.00 -2.59
C VAL A 44 -1.72 12.31 -1.23
N THR A 45 -2.76 11.52 -0.95
CA THR A 45 -2.83 10.81 0.32
C THR A 45 -3.04 9.31 0.09
N GLU A 46 -2.21 8.51 0.75
CA GLU A 46 -2.32 7.06 0.66
C GLU A 46 -1.96 6.44 2.00
N LEU A 47 -2.48 5.25 2.25
CA LEU A 47 -2.22 4.57 3.50
C LEU A 47 -0.96 3.72 3.45
N VAL A 48 -0.30 3.63 4.60
CA VAL A 48 0.90 2.84 4.72
C VAL A 48 0.61 1.59 5.54
N CYS A 49 0.11 0.56 4.86
CA CYS A 49 -0.24 -0.69 5.54
C CYS A 49 0.92 -1.69 5.49
N SER A 50 1.55 -1.91 6.64
CA SER A 50 2.67 -2.84 6.74
C SER A 50 2.70 -3.51 8.11
N GLY A 51 2.16 -4.73 8.19
CA GLY A 51 2.13 -5.44 9.45
C GLY A 51 1.91 -6.94 9.27
N GLN A 52 1.35 -7.58 10.28
CA GLN A 52 1.09 -9.01 10.23
C GLN A 52 -0.39 -9.31 10.44
N CYS A 53 -0.88 -10.37 9.79
CA CYS A 53 -2.28 -10.76 9.91
C CYS A 53 -2.39 -12.17 10.50
N GLY A 54 -3.52 -12.45 11.12
CA GLY A 54 -3.72 -13.76 11.73
C GLY A 54 -2.56 -14.12 12.64
N PRO A 55 -2.67 -15.25 13.36
CA PRO A 55 -1.61 -15.69 14.27
C PRO A 55 -0.26 -15.76 13.55
N ALA A 56 0.79 -15.34 14.24
CA ALA A 56 2.13 -15.35 13.67
C ALA A 56 2.73 -16.75 13.66
N ARG A 57 1.98 -17.72 14.15
CA ARG A 57 2.45 -19.09 14.19
C ARG A 57 2.53 -19.67 12.79
N LEU A 58 3.60 -20.41 12.51
CA LEU A 58 3.81 -21.01 11.21
C LEU A 58 3.64 -22.52 11.25
N LEU A 59 2.66 -23.03 10.49
CA LEU A 59 2.41 -24.46 10.45
C LEU A 59 2.87 -25.06 9.12
N PRO A 60 3.78 -26.05 9.18
CA PRO A 60 4.31 -26.73 7.98
C PRO A 60 3.24 -27.63 7.34
N ASN A 61 2.55 -27.10 6.32
CA ASN A 61 1.51 -27.86 5.63
C ASN A 61 1.26 -27.29 4.24
N ALA A 62 2.15 -27.62 3.32
CA ALA A 62 2.06 -27.13 1.94
C ALA A 62 0.84 -27.69 1.20
N ILE A 63 0.62 -29.00 1.30
CA ILE A 63 -0.51 -29.63 0.61
C ILE A 63 -1.25 -30.67 1.46
N GLY A 64 -0.61 -31.12 2.54
CA GLY A 64 -1.23 -32.13 3.38
C GLY A 64 -0.32 -33.32 3.61
N ARG A 65 0.50 -33.61 2.60
CA ARG A 65 1.45 -34.71 2.69
C ARG A 65 2.51 -34.39 3.75
N VAL A 66 3.65 -35.08 3.71
CA VAL A 66 4.71 -34.84 4.69
C VAL A 66 6.09 -35.03 4.07
N LYS A 67 7.02 -35.66 4.77
CA LYS A 67 8.36 -35.89 4.22
C LYS A 67 8.94 -34.68 3.47
N TRP A 68 8.39 -33.50 3.69
CA TRP A 68 8.88 -32.28 3.01
C TRP A 68 8.50 -31.04 3.84
N TRP A 69 8.11 -31.27 5.09
CA TRP A 69 7.67 -30.21 5.97
C TRP A 69 8.36 -28.91 5.74
N ARG A 70 7.54 -27.88 5.79
CA ARG A 70 8.01 -26.53 5.63
C ARG A 70 7.53 -25.69 6.81
N PRO A 71 8.28 -25.73 7.91
CA PRO A 71 7.96 -25.00 9.13
C PRO A 71 7.84 -23.49 8.89
N ASN A 72 8.24 -23.04 7.72
CA ASN A 72 8.16 -21.62 7.37
C ASN A 72 6.72 -21.14 7.50
N GLY A 73 5.78 -22.01 7.15
CA GLY A 73 4.38 -21.67 7.25
C GLY A 73 3.98 -20.55 6.31
N PRO A 74 2.68 -20.24 6.24
CA PRO A 74 2.17 -19.17 5.38
C PRO A 74 2.48 -17.79 5.95
N ASP A 75 2.93 -16.88 5.10
CA ASP A 75 3.26 -15.52 5.53
C ASP A 75 2.00 -14.67 5.66
N PHE A 76 1.94 -13.87 6.73
CA PHE A 76 0.79 -13.00 6.96
C PHE A 76 1.24 -11.55 7.03
N ARG A 77 0.37 -10.65 6.56
CA ARG A 77 0.67 -9.21 6.57
C ARG A 77 -0.51 -8.41 6.02
N CYS A 78 -0.51 -7.10 6.28
CA CYS A 78 -1.57 -6.23 5.80
C CYS A 78 -1.30 -5.88 4.34
N ILE A 79 -2.31 -6.06 3.50
CA ILE A 79 -2.16 -5.77 2.07
C ILE A 79 -3.19 -4.76 1.60
N PRO A 80 -2.79 -3.83 0.72
CA PRO A 80 -3.70 -2.83 0.17
C PRO A 80 -4.89 -3.48 -0.50
N ASP A 81 -6.03 -2.79 -0.54
CA ASP A 81 -7.22 -3.34 -1.14
C ASP A 81 -7.70 -2.48 -2.31
N ARG A 82 -8.05 -1.23 -2.01
CA ARG A 82 -8.53 -0.32 -3.05
C ARG A 82 -7.74 0.98 -3.04
N TYR A 83 -7.57 1.56 -4.23
CA TYR A 83 -6.82 2.80 -4.38
C TYR A 83 -7.68 3.89 -5.00
N ARG A 84 -7.32 5.13 -4.71
CA ARG A 84 -8.01 6.28 -5.25
C ARG A 84 -7.31 6.70 -6.54
N ALA A 85 -8.08 7.22 -7.48
CA ALA A 85 -7.52 7.64 -8.76
C ALA A 85 -6.90 9.03 -8.65
N GLN A 86 -5.61 9.13 -8.99
CA GLN A 86 -4.92 10.41 -8.93
C GLN A 86 -4.26 10.70 -10.27
N ARG A 87 -4.54 11.85 -10.85
CA ARG A 87 -3.95 12.22 -12.12
C ARG A 87 -3.25 13.57 -12.01
N VAL A 88 -1.94 13.52 -11.85
CA VAL A 88 -1.12 14.71 -11.72
C VAL A 88 -0.01 14.73 -12.76
N GLN A 89 0.35 15.94 -13.21
CA GLN A 89 1.41 16.07 -14.20
C GLN A 89 2.76 16.27 -13.48
N LEU A 90 3.78 15.54 -13.94
CA LEU A 90 5.10 15.63 -13.32
C LEU A 90 5.85 16.88 -13.77
N LEU A 91 6.46 17.55 -12.80
CA LEU A 91 7.22 18.76 -13.07
C LEU A 91 8.63 18.40 -13.54
N CYS A 92 9.18 19.23 -14.41
CA CYS A 92 10.50 18.99 -14.97
C CYS A 92 11.51 19.95 -14.37
N PRO A 93 12.36 19.45 -13.46
CA PRO A 93 13.38 20.27 -12.81
C PRO A 93 14.35 20.87 -13.80
N GLY A 94 14.20 22.16 -14.06
CA GLY A 94 15.07 22.84 -15.01
C GLY A 94 14.60 22.67 -16.44
N GLY A 95 13.32 22.35 -16.59
CA GLY A 95 12.74 22.16 -17.89
C GLY A 95 11.24 22.32 -17.84
N ALA A 96 10.71 23.15 -18.70
CA ALA A 96 9.27 23.40 -18.74
C ALA A 96 8.54 22.38 -19.61
N ALA A 97 8.87 21.12 -19.42
CA ALA A 97 8.22 20.05 -20.18
C ALA A 97 7.52 19.08 -19.25
N PRO A 98 6.50 19.56 -18.53
CA PRO A 98 5.71 18.74 -17.60
C PRO A 98 5.08 17.54 -18.29
N ARG A 99 4.88 16.46 -17.54
CA ARG A 99 4.29 15.23 -18.08
C ARG A 99 3.05 14.82 -17.29
N SER A 100 2.14 14.09 -17.92
CA SER A 100 0.91 13.66 -17.24
C SER A 100 0.94 12.18 -16.89
N ARG A 101 0.58 11.85 -15.66
CA ARG A 101 0.56 10.45 -15.21
C ARG A 101 -0.55 10.19 -14.18
N LYS A 102 -1.23 9.05 -14.33
CA LYS A 102 -2.28 8.65 -13.41
C LYS A 102 -1.69 7.74 -12.33
N VAL A 103 -2.23 7.81 -11.12
CA VAL A 103 -1.73 7.00 -10.03
C VAL A 103 -2.84 6.60 -9.06
N ARG A 104 -2.92 5.31 -8.82
CA ARG A 104 -3.91 4.77 -7.89
C ARG A 104 -3.31 4.65 -6.48
N LEU A 105 -3.93 5.32 -5.51
CA LEU A 105 -3.42 5.30 -4.13
C LEU A 105 -4.37 4.61 -3.17
N VAL A 106 -3.87 3.63 -2.43
CA VAL A 106 -4.69 2.90 -1.46
C VAL A 106 -5.41 3.84 -0.51
N ALA A 107 -6.55 4.37 -0.93
CA ALA A 107 -7.34 5.27 -0.08
C ALA A 107 -7.84 4.52 1.15
N SER A 108 -7.86 3.20 1.05
CA SER A 108 -8.30 2.35 2.16
C SER A 108 -7.80 0.93 1.97
N CYS A 109 -7.15 0.39 2.99
CA CYS A 109 -6.62 -0.97 2.93
C CYS A 109 -6.95 -1.72 4.21
N LYS A 110 -6.99 -3.05 4.11
CA LYS A 110 -7.29 -3.90 5.25
C LYS A 110 -6.24 -5.00 5.39
N CYS A 111 -6.07 -5.50 6.61
CA CYS A 111 -5.08 -6.54 6.87
C CYS A 111 -5.64 -7.92 6.55
N LYS A 112 -5.28 -8.42 5.38
CA LYS A 112 -5.72 -9.73 4.92
C LYS A 112 -4.56 -10.47 4.28
N ARG A 113 -4.53 -11.80 4.44
CA ARG A 113 -3.47 -12.64 3.88
C ARG A 113 -2.32 -12.80 4.87
N LYS A 17 -12.77 9.74 14.02
CA LYS A 17 -13.26 8.79 12.99
C LYS A 17 -12.88 7.36 13.36
N ASP A 18 -13.66 6.39 12.87
CA ASP A 18 -13.42 4.99 13.17
C ASP A 18 -12.41 4.37 12.20
N VAL A 19 -11.65 5.23 11.52
CA VAL A 19 -10.65 4.77 10.56
C VAL A 19 -9.47 4.12 11.27
N SER A 20 -9.23 4.51 12.52
CA SER A 20 -8.15 3.96 13.31
C SER A 20 -8.53 2.62 13.91
N GLU A 21 -9.81 2.26 13.80
CA GLU A 21 -10.30 0.99 14.32
C GLU A 21 -9.67 -0.20 13.61
N TYR A 22 -9.34 -0.02 12.33
CA TYR A 22 -8.73 -1.09 11.55
C TYR A 22 -7.26 -0.79 11.26
N SER A 23 -6.85 0.45 11.52
CA SER A 23 -5.48 0.87 11.26
C SER A 23 -4.52 0.27 12.28
N CYS A 24 -3.28 0.06 11.84
CA CYS A 24 -2.25 -0.48 12.70
C CYS A 24 -1.37 0.64 13.21
N ARG A 25 -1.27 1.70 12.40
CA ARG A 25 -0.48 2.87 12.74
C ARG A 25 -1.01 4.09 11.99
N GLU A 26 -0.66 5.28 12.48
CA GLU A 26 -1.10 6.51 11.82
C GLU A 26 -0.37 6.68 10.51
N LEU A 27 -1.02 6.29 9.42
CA LEU A 27 -0.39 6.38 8.10
C LEU A 27 -1.02 7.47 7.23
N HIS A 28 -0.15 8.34 6.72
CA HIS A 28 -0.55 9.42 5.84
C HIS A 28 0.68 9.95 5.12
N TYR A 29 0.87 9.53 3.87
CA TYR A 29 2.03 9.95 3.11
C TYR A 29 1.64 10.55 1.76
N THR A 30 2.53 11.36 1.20
CA THR A 30 2.29 12.02 -0.08
C THR A 30 3.06 11.38 -1.21
N ARG A 31 2.39 10.46 -1.92
CA ARG A 31 2.98 9.79 -3.07
C ARG A 31 2.17 10.16 -4.30
N PHE A 32 2.84 10.68 -5.32
CA PHE A 32 2.14 11.11 -6.51
C PHE A 32 2.53 10.33 -7.76
N LEU A 33 3.66 10.68 -8.36
CA LEU A 33 4.08 10.02 -9.60
C LEU A 33 5.50 10.41 -10.01
N THR A 34 6.24 9.42 -10.52
CA THR A 34 7.60 9.67 -10.99
C THR A 34 7.82 9.00 -12.34
N ASP A 35 8.42 9.73 -13.28
CA ASP A 35 8.68 9.21 -14.62
C ASP A 35 9.95 9.85 -15.18
N GLY A 36 10.13 9.77 -16.52
CA GLY A 36 11.31 10.36 -17.14
C GLY A 36 11.76 11.58 -16.38
N PRO A 37 13.08 11.88 -16.34
CA PRO A 37 13.65 13.01 -15.62
C PRO A 37 12.63 14.07 -15.23
N CYS A 38 11.65 13.64 -14.42
CA CYS A 38 10.60 14.50 -13.92
C CYS A 38 9.92 13.83 -12.73
N ARG A 39 9.40 14.63 -11.82
CA ARG A 39 8.71 14.08 -10.65
C ARG A 39 7.55 14.98 -10.25
N SER A 40 6.36 14.39 -10.18
CA SER A 40 5.18 15.15 -9.79
C SER A 40 5.19 15.42 -8.30
N ALA A 41 4.47 16.45 -7.89
CA ALA A 41 4.44 16.80 -6.48
C ALA A 41 3.14 17.47 -6.06
N LYS A 42 2.03 17.09 -6.69
CA LYS A 42 0.73 17.67 -6.34
C LYS A 42 0.23 17.06 -5.04
N PRO A 43 -0.46 17.86 -4.21
CA PRO A 43 -0.98 17.37 -2.93
C PRO A 43 -1.82 16.11 -3.08
N VAL A 44 -1.31 15.01 -2.55
CA VAL A 44 -2.00 13.74 -2.63
C VAL A 44 -2.06 13.03 -1.28
N THR A 45 -3.12 12.26 -1.07
CA THR A 45 -3.28 11.51 0.17
C THR A 45 -3.23 10.02 -0.13
N GLU A 46 -2.24 9.33 0.44
CA GLU A 46 -2.09 7.90 0.22
C GLU A 46 -2.05 7.15 1.55
N LEU A 47 -2.50 5.90 1.53
CA LEU A 47 -2.53 5.11 2.76
C LEU A 47 -1.67 3.86 2.67
N VAL A 48 -0.78 3.75 3.65
CA VAL A 48 0.13 2.62 3.74
C VAL A 48 -0.26 1.75 4.93
N CYS A 49 -1.32 0.97 4.76
CA CYS A 49 -1.80 0.11 5.85
C CYS A 49 -1.09 -1.24 5.86
N SER A 50 -0.25 -1.45 6.87
CA SER A 50 0.48 -2.69 7.03
C SER A 50 0.72 -2.99 8.51
N GLY A 51 -0.05 -3.93 9.06
CA GLY A 51 0.09 -4.28 10.46
C GLY A 51 -0.60 -5.57 10.81
N GLN A 52 -0.86 -5.77 12.11
CA GLN A 52 -1.53 -6.96 12.59
C GLN A 52 -2.89 -6.60 13.19
N CYS A 53 -3.89 -7.43 12.93
CA CYS A 53 -5.23 -7.20 13.45
C CYS A 53 -5.57 -8.22 14.53
N GLY A 54 -6.44 -7.84 15.45
CA GLY A 54 -6.81 -8.73 16.53
C GLY A 54 -8.31 -8.86 16.71
N PRO A 55 -9.02 -9.34 15.67
CA PRO A 55 -10.48 -9.52 15.72
C PRO A 55 -10.89 -10.51 16.81
N ALA A 56 -12.08 -10.29 17.37
CA ALA A 56 -12.59 -11.17 18.42
C ALA A 56 -13.23 -12.42 17.85
N ARG A 57 -13.29 -12.52 16.52
CA ARG A 57 -13.87 -13.68 15.87
C ARG A 57 -12.76 -14.67 15.49
N LEU A 58 -12.41 -15.55 16.42
CA LEU A 58 -11.39 -16.54 16.19
C LEU A 58 -12.00 -17.87 15.79
N LEU A 59 -11.58 -18.39 14.64
CA LEU A 59 -12.12 -19.65 14.15
C LEU A 59 -11.07 -20.76 14.19
N PRO A 60 -11.27 -21.75 15.07
CA PRO A 60 -10.36 -22.89 15.19
C PRO A 60 -10.47 -23.82 13.99
N ASN A 61 -9.35 -24.08 13.33
CA ASN A 61 -9.36 -24.95 12.15
C ASN A 61 -8.80 -26.33 12.49
N ALA A 62 -9.40 -27.36 11.90
CA ALA A 62 -8.98 -28.74 12.14
C ALA A 62 -7.80 -29.14 11.26
N ILE A 63 -7.47 -28.32 10.28
CA ILE A 63 -6.35 -28.61 9.38
C ILE A 63 -6.18 -30.12 9.17
N GLY A 64 -7.32 -30.81 9.17
CA GLY A 64 -7.32 -32.25 8.98
C GLY A 64 -7.85 -32.98 10.20
N ARG A 65 -7.27 -32.70 11.37
CA ARG A 65 -7.69 -33.32 12.62
C ARG A 65 -8.42 -32.30 13.50
N VAL A 66 -9.05 -32.76 14.57
CA VAL A 66 -9.78 -31.85 15.46
C VAL A 66 -9.35 -31.97 16.91
N LYS A 67 -10.30 -32.02 17.85
CA LYS A 67 -10.01 -32.11 19.29
C LYS A 67 -9.08 -30.99 19.79
N TRP A 68 -7.92 -30.85 19.18
CA TRP A 68 -6.95 -29.80 19.54
C TRP A 68 -7.41 -28.44 19.00
N TRP A 69 -8.68 -28.11 19.19
CA TRP A 69 -9.19 -26.85 18.67
C TRP A 69 -8.32 -25.68 19.01
N ARG A 70 -8.14 -24.83 18.01
CA ARG A 70 -7.32 -23.65 18.15
C ARG A 70 -8.16 -22.39 18.03
N PRO A 71 -8.79 -21.97 19.14
CA PRO A 71 -9.64 -20.78 19.20
C PRO A 71 -8.82 -19.49 19.02
N ASN A 72 -7.51 -19.64 18.89
CA ASN A 72 -6.64 -18.48 18.72
C ASN A 72 -7.02 -17.70 17.47
N GLY A 73 -7.58 -18.40 16.49
CA GLY A 73 -7.99 -17.75 15.25
C GLY A 73 -6.86 -17.60 14.26
N PRO A 74 -7.19 -17.41 12.97
CA PRO A 74 -6.19 -17.25 11.91
C PRO A 74 -5.43 -15.94 12.05
N ASP A 75 -4.26 -15.87 11.42
CA ASP A 75 -3.43 -14.67 11.47
C ASP A 75 -4.10 -13.51 10.74
N PHE A 76 -4.05 -12.33 11.33
CA PHE A 76 -4.64 -11.14 10.73
C PHE A 76 -3.60 -10.06 10.49
N ARG A 77 -3.92 -9.12 9.62
CA ARG A 77 -2.99 -8.04 9.29
C ARG A 77 -3.64 -6.97 8.41
N CYS A 78 -3.04 -5.79 8.38
CA CYS A 78 -3.54 -4.68 7.58
C CYS A 78 -3.16 -4.90 6.12
N ILE A 79 -4.16 -4.96 5.25
CA ILE A 79 -3.90 -5.17 3.83
C ILE A 79 -4.79 -4.28 2.96
N PRO A 80 -4.17 -3.51 2.06
CA PRO A 80 -4.90 -2.60 1.15
C PRO A 80 -5.98 -3.34 0.35
N ASP A 81 -6.97 -2.60 -0.13
CA ASP A 81 -8.07 -3.21 -0.88
C ASP A 81 -8.36 -2.48 -2.19
N ARG A 82 -8.80 -1.22 -2.11
CA ARG A 82 -9.12 -0.44 -3.29
C ARG A 82 -8.26 0.80 -3.42
N TYR A 83 -8.03 1.24 -4.66
CA TYR A 83 -7.21 2.42 -4.91
C TYR A 83 -7.98 3.47 -5.71
N ARG A 84 -7.75 4.73 -5.37
CA ARG A 84 -8.39 5.83 -6.04
C ARG A 84 -7.49 6.33 -7.16
N ALA A 85 -8.10 6.74 -8.27
CA ALA A 85 -7.33 7.21 -9.41
C ALA A 85 -6.78 8.61 -9.17
N GLN A 86 -5.50 8.80 -9.48
CA GLN A 86 -4.85 10.09 -9.29
C GLN A 86 -4.20 10.54 -10.61
N ARG A 87 -4.35 11.82 -10.91
CA ARG A 87 -3.78 12.38 -12.13
C ARG A 87 -3.01 13.66 -11.82
N VAL A 88 -1.68 13.56 -11.88
CA VAL A 88 -0.81 14.71 -11.60
C VAL A 88 0.30 14.82 -12.63
N GLN A 89 0.77 16.05 -12.86
CA GLN A 89 1.84 16.26 -13.82
C GLN A 89 3.20 16.22 -13.13
N LEU A 90 4.12 15.43 -13.68
CA LEU A 90 5.45 15.31 -13.11
C LEU A 90 6.30 16.54 -13.44
N LEU A 91 6.87 17.14 -12.41
CA LEU A 91 7.70 18.33 -12.58
C LEU A 91 9.16 17.97 -12.77
N CYS A 92 9.80 18.61 -13.75
CA CYS A 92 11.21 18.37 -14.04
C CYS A 92 12.03 19.59 -13.64
N PRO A 93 13.36 19.44 -13.57
CA PRO A 93 14.23 20.56 -13.20
C PRO A 93 14.05 21.76 -14.11
N GLY A 94 13.45 22.81 -13.56
CA GLY A 94 13.22 24.02 -14.35
C GLY A 94 11.80 24.08 -14.90
N GLY A 95 11.08 22.97 -14.79
CA GLY A 95 9.71 22.92 -15.28
C GLY A 95 9.63 23.25 -16.77
N ALA A 96 10.36 22.49 -17.58
CA ALA A 96 10.37 22.72 -19.02
C ALA A 96 9.33 21.88 -19.74
N ALA A 97 9.47 20.55 -19.66
CA ALA A 97 8.54 19.67 -20.33
C ALA A 97 7.75 18.80 -19.34
N PRO A 98 6.96 19.43 -18.48
CA PRO A 98 6.14 18.71 -17.50
C PRO A 98 5.33 17.60 -18.18
N ARG A 99 5.11 16.50 -17.47
CA ARG A 99 4.37 15.37 -18.03
C ARG A 99 3.22 14.95 -17.13
N SER A 100 2.19 14.34 -17.72
CA SER A 100 1.02 13.89 -16.97
C SER A 100 1.03 12.38 -16.79
N ARG A 101 0.65 11.92 -15.60
CA ARG A 101 0.60 10.48 -15.31
C ARG A 101 -0.54 10.13 -14.37
N LYS A 102 -1.21 9.01 -14.67
CA LYS A 102 -2.31 8.52 -13.85
C LYS A 102 -1.76 7.56 -12.79
N VAL A 103 -2.30 7.61 -11.58
CA VAL A 103 -1.83 6.73 -10.53
C VAL A 103 -2.96 6.30 -9.61
N ARG A 104 -3.09 5.00 -9.46
CA ARG A 104 -4.12 4.41 -8.59
C ARG A 104 -3.50 4.03 -7.25
N LEU A 105 -3.93 4.72 -6.19
CA LEU A 105 -3.42 4.45 -4.85
C LEU A 105 -4.56 4.21 -3.87
N VAL A 106 -4.29 3.38 -2.87
CA VAL A 106 -5.28 3.05 -1.86
C VAL A 106 -5.80 4.28 -1.13
N ALA A 107 -6.90 4.83 -1.62
CA ALA A 107 -7.51 5.99 -0.97
C ALA A 107 -8.20 5.57 0.31
N SER A 108 -8.38 4.26 0.47
CA SER A 108 -9.01 3.70 1.66
C SER A 108 -8.80 2.19 1.69
N CYS A 109 -8.49 1.65 2.88
CA CYS A 109 -8.27 0.21 3.02
C CYS A 109 -8.79 -0.30 4.35
N LYS A 110 -8.89 -1.61 4.48
CA LYS A 110 -9.35 -2.23 5.71
C LYS A 110 -8.38 -3.32 6.13
N CYS A 111 -8.07 -3.39 7.41
CA CYS A 111 -7.15 -4.40 7.91
C CYS A 111 -7.86 -5.72 8.09
N LYS A 112 -7.77 -6.57 7.08
CA LYS A 112 -8.42 -7.87 7.12
C LYS A 112 -7.48 -8.95 6.59
N ARG A 113 -7.72 -10.19 7.02
CA ARG A 113 -6.91 -11.32 6.58
C ARG A 113 -5.61 -11.40 7.39
N LYS A 17 -17.77 9.60 8.32
CA LYS A 17 -18.05 8.16 8.49
C LYS A 17 -16.87 7.45 9.15
N ASP A 18 -17.12 6.23 9.60
CA ASP A 18 -16.09 5.43 10.26
C ASP A 18 -15.27 4.63 9.25
N VAL A 19 -15.28 5.07 7.99
CA VAL A 19 -14.53 4.40 6.94
C VAL A 19 -13.03 4.45 7.20
N SER A 20 -12.58 5.51 7.87
CA SER A 20 -11.16 5.69 8.17
C SER A 20 -10.77 4.92 9.43
N GLU A 21 -11.70 4.16 9.99
CA GLU A 21 -11.45 3.38 11.21
C GLU A 21 -10.62 2.13 10.91
N TYR A 22 -10.28 1.90 9.65
CA TYR A 22 -9.51 0.72 9.28
C TYR A 22 -8.00 0.98 9.35
N SER A 23 -7.63 2.13 9.89
CA SER A 23 -6.21 2.47 10.01
C SER A 23 -5.57 1.67 11.13
N CYS A 24 -4.57 0.86 10.78
CA CYS A 24 -3.87 0.05 11.77
C CYS A 24 -3.09 0.93 12.73
N ARG A 25 -2.58 2.04 12.21
CA ARG A 25 -1.80 2.99 13.00
C ARG A 25 -1.72 4.33 12.27
N GLU A 26 -1.19 5.35 12.95
CA GLU A 26 -1.04 6.67 12.35
C GLU A 26 -0.28 6.55 11.03
N LEU A 27 -1.01 6.20 9.98
CA LEU A 27 -0.41 6.01 8.66
C LEU A 27 -0.92 7.03 7.64
N HIS A 28 0.01 7.74 7.01
CA HIS A 28 -0.32 8.72 5.98
C HIS A 28 0.91 9.09 5.16
N TYR A 29 0.88 8.76 3.87
CA TYR A 29 2.01 9.04 2.98
C TYR A 29 1.62 9.96 1.81
N THR A 30 2.62 10.60 1.21
CA THR A 30 2.43 11.50 0.08
C THR A 30 3.26 11.06 -1.11
N ARG A 31 2.71 10.11 -1.87
CA ARG A 31 3.37 9.62 -3.06
C ARG A 31 2.49 9.93 -4.24
N PHE A 32 3.03 10.64 -5.22
CA PHE A 32 2.24 11.04 -6.37
C PHE A 32 2.62 10.26 -7.63
N LEU A 33 3.73 10.65 -8.26
CA LEU A 33 4.13 10.00 -9.50
C LEU A 33 5.54 10.41 -9.93
N THR A 34 6.32 9.43 -10.38
CA THR A 34 7.66 9.70 -10.86
C THR A 34 7.85 9.08 -12.23
N ASP A 35 8.59 9.75 -13.10
CA ASP A 35 8.84 9.26 -14.44
C ASP A 35 10.16 9.80 -14.97
N GLY A 36 10.37 9.74 -16.29
CA GLY A 36 11.61 10.25 -16.86
C GLY A 36 12.17 11.37 -16.02
N PRO A 37 13.50 11.43 -15.85
CA PRO A 37 14.19 12.43 -15.04
C PRO A 37 13.34 13.64 -14.66
N CYS A 38 12.20 13.36 -14.05
CA CYS A 38 11.24 14.37 -13.61
C CYS A 38 10.29 13.72 -12.61
N ARG A 39 9.52 14.53 -11.89
CA ARG A 39 8.58 14.00 -10.90
C ARG A 39 7.50 15.02 -10.55
N SER A 40 6.28 14.55 -10.32
CA SER A 40 5.18 15.42 -9.96
C SER A 40 5.20 15.70 -8.46
N ALA A 41 4.36 16.62 -8.02
CA ALA A 41 4.32 16.94 -6.60
C ALA A 41 2.96 17.46 -6.14
N LYS A 42 1.90 17.10 -6.84
CA LYS A 42 0.56 17.54 -6.45
C LYS A 42 0.18 16.87 -5.13
N PRO A 43 -0.52 17.57 -4.25
CA PRO A 43 -0.93 17.02 -2.95
C PRO A 43 -1.71 15.71 -3.09
N VAL A 44 -1.13 14.62 -2.59
CA VAL A 44 -1.78 13.31 -2.67
C VAL A 44 -1.77 12.61 -1.32
N THR A 45 -2.73 11.70 -1.13
CA THR A 45 -2.81 10.95 0.11
C THR A 45 -2.60 9.47 -0.15
N GLU A 46 -1.63 8.88 0.53
CA GLU A 46 -1.33 7.48 0.38
C GLU A 46 -1.45 6.76 1.71
N LEU A 47 -2.23 5.68 1.75
CA LEU A 47 -2.41 4.94 2.98
C LEU A 47 -1.80 3.55 2.88
N VAL A 48 -0.90 3.27 3.80
CA VAL A 48 -0.23 1.98 3.86
C VAL A 48 -0.75 1.22 5.09
N CYS A 49 -1.96 0.68 4.95
CA CYS A 49 -2.61 -0.04 6.04
C CYS A 49 -2.14 -1.50 6.10
N SER A 50 -1.42 -1.82 7.17
CA SER A 50 -0.91 -3.18 7.37
C SER A 50 -0.89 -3.52 8.85
N GLY A 51 -1.94 -4.21 9.30
CA GLY A 51 -2.04 -4.60 10.69
C GLY A 51 -3.00 -5.75 10.90
N GLN A 52 -3.51 -5.89 12.11
CA GLN A 52 -4.44 -6.97 12.43
C GLN A 52 -5.81 -6.40 12.80
N CYS A 53 -6.86 -7.15 12.49
CA CYS A 53 -8.23 -6.72 12.79
C CYS A 53 -9.01 -7.80 13.53
N GLY A 54 -10.05 -7.39 14.24
CA GLY A 54 -10.86 -8.35 14.98
C GLY A 54 -12.34 -8.20 14.69
N PRO A 55 -12.78 -8.54 13.46
CA PRO A 55 -14.18 -8.44 13.06
C PRO A 55 -15.09 -9.33 13.91
N ALA A 56 -16.33 -8.91 14.11
CA ALA A 56 -17.29 -9.66 14.90
C ALA A 56 -17.76 -10.91 14.16
N ARG A 57 -17.28 -11.09 12.94
CA ARG A 57 -17.67 -12.25 12.15
C ARG A 57 -17.00 -13.51 12.68
N LEU A 58 -17.81 -14.49 13.08
CA LEU A 58 -17.29 -15.74 13.63
C LEU A 58 -17.34 -16.86 12.59
N LEU A 59 -16.16 -17.30 12.14
CA LEU A 59 -16.09 -18.37 11.16
C LEU A 59 -15.23 -19.51 11.67
N PRO A 60 -15.86 -20.46 12.37
CA PRO A 60 -15.15 -21.63 12.91
C PRO A 60 -14.74 -22.60 11.81
N ASN A 61 -13.50 -22.51 11.36
CA ASN A 61 -13.01 -23.37 10.29
C ASN A 61 -11.52 -23.68 10.48
N ALA A 62 -11.15 -23.98 11.71
CA ALA A 62 -9.75 -24.28 12.04
C ALA A 62 -9.21 -25.50 11.27
N ILE A 63 -9.89 -26.64 11.39
CA ILE A 63 -9.44 -27.86 10.72
C ILE A 63 -10.50 -28.43 9.78
N GLY A 64 -11.78 -28.18 10.09
CA GLY A 64 -12.85 -28.70 9.27
C GLY A 64 -13.84 -29.51 10.08
N ARG A 65 -13.31 -30.36 10.96
CA ARG A 65 -14.16 -31.17 11.82
C ARG A 65 -14.88 -30.27 12.79
N VAL A 66 -16.08 -30.64 13.20
CA VAL A 66 -16.82 -29.81 14.12
C VAL A 66 -17.19 -30.54 15.39
N LYS A 67 -16.92 -29.86 16.47
CA LYS A 67 -17.17 -30.36 17.82
C LYS A 67 -16.40 -29.45 18.77
N TRP A 68 -15.23 -29.07 18.28
CA TRP A 68 -14.29 -28.19 18.96
C TRP A 68 -14.45 -26.76 18.44
N TRP A 69 -15.49 -26.54 17.64
CA TRP A 69 -15.76 -25.26 16.99
C TRP A 69 -15.13 -24.07 17.68
N ARG A 70 -14.58 -23.20 16.83
CA ARG A 70 -13.93 -21.99 17.27
C ARG A 70 -14.45 -20.76 16.52
N PRO A 71 -15.54 -20.16 17.01
CA PRO A 71 -16.16 -18.98 16.40
C PRO A 71 -15.27 -17.74 16.42
N ASN A 72 -14.07 -17.85 16.99
CA ASN A 72 -13.15 -16.72 17.05
C ASN A 72 -12.89 -16.18 15.66
N GLY A 73 -12.91 -17.07 14.67
CA GLY A 73 -12.67 -16.67 13.30
C GLY A 73 -11.20 -16.61 12.96
N PRO A 74 -10.86 -16.63 11.66
CA PRO A 74 -9.47 -16.57 11.21
C PRO A 74 -8.82 -15.23 11.52
N ASP A 75 -7.50 -15.18 11.38
CA ASP A 75 -6.75 -13.96 11.65
C ASP A 75 -6.95 -12.96 10.51
N PHE A 76 -7.43 -11.76 10.86
CA PHE A 76 -7.68 -10.72 9.86
C PHE A 76 -6.64 -9.60 9.95
N ARG A 77 -6.15 -9.16 8.79
CA ARG A 77 -5.16 -8.09 8.73
C ARG A 77 -5.70 -6.90 7.95
N CYS A 78 -5.24 -5.70 8.30
CA CYS A 78 -5.71 -4.51 7.59
C CYS A 78 -4.80 -4.20 6.42
N ILE A 79 -5.27 -4.53 5.21
CA ILE A 79 -4.51 -4.28 3.99
C ILE A 79 -5.36 -3.48 2.99
N PRO A 80 -4.70 -2.75 2.07
CA PRO A 80 -5.38 -1.93 1.06
C PRO A 80 -6.29 -2.77 0.16
N ASP A 81 -7.39 -2.17 -0.28
CA ASP A 81 -8.34 -2.88 -1.15
C ASP A 81 -8.70 -2.06 -2.38
N ARG A 82 -9.02 -0.78 -2.18
CA ARG A 82 -9.39 0.10 -3.28
C ARG A 82 -8.53 1.34 -3.34
N TYR A 83 -8.37 1.88 -4.55
CA TYR A 83 -7.56 3.06 -4.78
C TYR A 83 -8.31 4.12 -5.58
N ARG A 84 -7.94 5.37 -5.39
CA ARG A 84 -8.54 6.48 -6.11
C ARG A 84 -7.71 6.80 -7.33
N ALA A 85 -8.37 7.06 -8.45
CA ALA A 85 -7.66 7.37 -9.68
C ALA A 85 -7.28 8.85 -9.71
N GLN A 86 -5.98 9.12 -9.82
CA GLN A 86 -5.51 10.50 -9.86
C GLN A 86 -4.49 10.70 -10.98
N ARG A 87 -4.59 11.84 -11.66
CA ARG A 87 -3.67 12.17 -12.75
C ARG A 87 -2.99 13.50 -12.48
N VAL A 88 -1.70 13.42 -12.17
CA VAL A 88 -0.90 14.61 -11.91
C VAL A 88 0.25 14.72 -12.89
N GLN A 89 0.59 15.95 -13.26
CA GLN A 89 1.67 16.16 -14.19
C GLN A 89 3.00 16.26 -13.45
N LEU A 90 3.97 15.46 -13.89
CA LEU A 90 5.28 15.45 -13.25
C LEU A 90 6.11 16.66 -13.64
N LEU A 91 6.60 17.36 -12.63
CA LEU A 91 7.40 18.55 -12.82
C LEU A 91 8.87 18.23 -12.94
N CYS A 92 9.56 18.94 -13.81
CA CYS A 92 10.99 18.78 -14.01
C CYS A 92 11.70 20.07 -13.66
N PRO A 93 12.97 20.00 -13.25
CA PRO A 93 13.74 21.20 -12.89
C PRO A 93 13.60 22.31 -13.93
N GLY A 94 12.94 23.40 -13.53
CA GLY A 94 12.73 24.50 -14.44
C GLY A 94 11.43 24.39 -15.21
N GLY A 95 10.63 23.40 -14.86
CA GLY A 95 9.34 23.19 -15.52
C GLY A 95 9.38 23.55 -16.99
N ALA A 96 10.03 22.72 -17.80
CA ALA A 96 10.13 22.95 -19.23
C ALA A 96 9.32 21.93 -20.02
N ALA A 97 9.54 20.65 -19.74
CA ALA A 97 8.83 19.59 -20.46
C ALA A 97 8.04 18.70 -19.50
N PRO A 98 7.09 19.29 -18.78
CA PRO A 98 6.23 18.56 -17.82
C PRO A 98 5.63 17.29 -18.43
N ARG A 99 5.34 16.32 -17.57
CA ARG A 99 4.77 15.05 -18.03
C ARG A 99 3.47 14.73 -17.30
N SER A 100 2.64 13.87 -17.89
CA SER A 100 1.36 13.48 -17.29
C SER A 100 1.36 12.00 -16.93
N ARG A 101 0.85 11.67 -15.75
CA ARG A 101 0.80 10.29 -15.30
C ARG A 101 -0.41 10.03 -14.40
N LYS A 102 -1.08 8.89 -14.64
CA LYS A 102 -2.23 8.53 -13.84
C LYS A 102 -1.81 7.55 -12.75
N VAL A 103 -2.36 7.71 -11.56
CA VAL A 103 -2.01 6.86 -10.45
C VAL A 103 -3.19 6.59 -9.54
N ARG A 104 -3.46 5.32 -9.31
CA ARG A 104 -4.55 4.92 -8.43
C ARG A 104 -3.99 4.57 -7.05
N LEU A 105 -4.31 5.40 -6.06
CA LEU A 105 -3.81 5.20 -4.70
C LEU A 105 -4.91 4.84 -3.70
N VAL A 106 -4.61 3.90 -2.79
CA VAL A 106 -5.58 3.47 -1.79
C VAL A 106 -6.03 4.64 -0.92
N ALA A 107 -7.02 5.39 -1.40
CA ALA A 107 -7.54 6.53 -0.64
C ALA A 107 -8.39 6.05 0.52
N SER A 108 -8.71 4.75 0.51
CA SER A 108 -9.51 4.14 1.56
C SER A 108 -9.41 2.62 1.49
N CYS A 109 -9.01 1.98 2.59
CA CYS A 109 -8.89 0.53 2.62
C CYS A 109 -9.69 -0.10 3.75
N LYS A 110 -9.97 -1.39 3.60
CA LYS A 110 -10.71 -2.14 4.61
C LYS A 110 -9.81 -3.22 5.19
N CYS A 111 -9.97 -3.51 6.48
CA CYS A 111 -9.16 -4.53 7.12
C CYS A 111 -9.77 -5.91 6.95
N LYS A 112 -9.24 -6.65 5.98
CA LYS A 112 -9.74 -8.00 5.69
C LYS A 112 -8.61 -8.91 5.24
N ARG A 113 -8.73 -10.20 5.60
CA ARG A 113 -7.72 -11.22 5.25
C ARG A 113 -6.75 -11.45 6.40
N LYS A 17 -13.19 -2.08 15.32
CA LYS A 17 -12.23 -1.85 14.20
C LYS A 17 -10.82 -2.32 14.58
N ASP A 18 -10.63 -3.62 14.57
CA ASP A 18 -9.33 -4.22 14.90
C ASP A 18 -8.38 -4.20 13.71
N VAL A 19 -8.72 -3.43 12.69
CA VAL A 19 -7.90 -3.34 11.49
C VAL A 19 -6.55 -2.69 11.77
N SER A 20 -6.51 -1.73 12.68
CA SER A 20 -5.27 -1.03 13.00
C SER A 20 -4.41 -1.81 14.00
N GLU A 21 -4.90 -2.98 14.41
CA GLU A 21 -4.16 -3.81 15.35
C GLU A 21 -2.88 -4.36 14.71
N TYR A 22 -2.96 -4.69 13.42
CA TYR A 22 -1.81 -5.20 12.69
C TYR A 22 -1.22 -4.08 11.84
N SER A 23 -1.93 -3.73 10.77
CA SER A 23 -1.50 -2.67 9.87
C SER A 23 -2.71 -1.93 9.34
N CYS A 24 -2.55 -1.23 8.23
CA CYS A 24 -3.64 -0.48 7.62
C CYS A 24 -4.30 0.41 8.68
N ARG A 25 -3.49 1.21 9.34
CA ARG A 25 -3.95 2.11 10.40
C ARG A 25 -3.97 3.56 9.90
N GLU A 26 -3.84 4.51 10.83
CA GLU A 26 -3.84 5.93 10.48
C GLU A 26 -2.54 6.33 9.78
N LEU A 27 -2.27 5.67 8.66
CA LEU A 27 -1.07 5.93 7.87
C LEU A 27 -1.35 6.89 6.72
N HIS A 28 -0.45 7.84 6.54
CA HIS A 28 -0.57 8.81 5.46
C HIS A 28 0.80 9.29 5.01
N TYR A 29 1.04 9.27 3.71
CA TYR A 29 2.31 9.70 3.14
C TYR A 29 2.08 10.42 1.81
N THR A 30 3.08 11.17 1.35
CA THR A 30 2.96 11.92 0.10
C THR A 30 3.76 11.32 -1.05
N ARG A 31 3.08 10.48 -1.82
CA ARG A 31 3.68 9.87 -3.01
C ARG A 31 2.76 10.13 -4.19
N PHE A 32 3.30 10.67 -5.26
CA PHE A 32 2.49 11.01 -6.41
C PHE A 32 2.88 10.25 -7.67
N LEU A 33 3.94 10.69 -8.34
CA LEU A 33 4.36 10.05 -9.57
C LEU A 33 5.75 10.48 -10.00
N THR A 34 6.56 9.52 -10.43
CA THR A 34 7.91 9.79 -10.89
C THR A 34 8.15 9.13 -12.25
N ASP A 35 8.85 9.84 -13.14
CA ASP A 35 9.15 9.31 -14.47
C ASP A 35 10.50 9.84 -14.95
N GLY A 36 10.76 9.72 -16.26
CA GLY A 36 12.02 10.20 -16.80
C GLY A 36 12.51 11.38 -16.01
N PRO A 37 13.83 11.55 -15.85
CA PRO A 37 14.45 12.62 -15.07
C PRO A 37 13.55 13.81 -14.76
N CYS A 38 12.41 13.50 -14.13
CA CYS A 38 11.42 14.50 -13.73
C CYS A 38 10.48 13.86 -12.71
N ARG A 39 9.73 14.67 -11.98
CA ARG A 39 8.82 14.12 -10.99
C ARG A 39 7.70 15.09 -10.65
N SER A 40 6.54 14.53 -10.33
CA SER A 40 5.39 15.31 -9.95
C SER A 40 5.40 15.57 -8.47
N ALA A 41 4.61 16.54 -8.04
CA ALA A 41 4.56 16.86 -6.63
C ALA A 41 3.20 17.39 -6.19
N LYS A 42 2.15 17.00 -6.89
CA LYS A 42 0.81 17.44 -6.54
C LYS A 42 0.32 16.72 -5.28
N PRO A 43 -0.47 17.41 -4.45
CA PRO A 43 -0.98 16.84 -3.19
C PRO A 43 -1.63 15.48 -3.39
N VAL A 44 -1.13 14.49 -2.66
CA VAL A 44 -1.66 13.12 -2.73
C VAL A 44 -1.77 12.50 -1.36
N THR A 45 -2.81 11.67 -1.18
CA THR A 45 -3.02 10.97 0.07
C THR A 45 -3.06 9.47 -0.18
N GLU A 46 -2.09 8.74 0.36
CA GLU A 46 -2.04 7.29 0.17
C GLU A 46 -1.85 6.58 1.50
N LEU A 47 -2.13 5.27 1.51
CA LEU A 47 -1.98 4.48 2.73
C LEU A 47 -0.94 3.38 2.54
N VAL A 48 -0.11 3.21 3.55
CA VAL A 48 0.95 2.20 3.51
C VAL A 48 0.55 1.00 4.35
N CYS A 49 -0.25 0.12 3.78
CA CYS A 49 -0.72 -1.06 4.49
C CYS A 49 0.17 -2.28 4.24
N SER A 50 0.93 -2.67 5.25
CA SER A 50 1.82 -3.82 5.17
C SER A 50 2.02 -4.44 6.57
N GLY A 51 1.30 -5.51 6.86
CA GLY A 51 1.42 -6.16 8.16
C GLY A 51 1.05 -7.61 8.12
N GLN A 52 0.57 -8.12 9.27
CA GLN A 52 0.15 -9.51 9.39
C GLN A 52 -1.28 -9.59 9.88
N CYS A 53 -2.05 -10.52 9.35
CA CYS A 53 -3.44 -10.68 9.74
C CYS A 53 -3.62 -11.98 10.50
N GLY A 54 -4.61 -12.00 11.40
CA GLY A 54 -4.87 -13.19 12.18
C GLY A 54 -6.32 -13.61 12.11
N PRO A 55 -6.81 -13.98 10.93
CA PRO A 55 -8.19 -14.41 10.76
C PRO A 55 -8.49 -15.65 11.57
N ALA A 56 -9.69 -15.71 12.12
CA ALA A 56 -10.11 -16.84 12.93
C ALA A 56 -10.40 -18.07 12.06
N ARG A 57 -10.15 -17.94 10.77
CA ARG A 57 -10.39 -19.04 9.84
C ARG A 57 -9.14 -19.90 9.69
N LEU A 58 -9.06 -20.95 10.49
CA LEU A 58 -7.92 -21.86 10.46
C LEU A 58 -8.26 -23.13 9.67
N LEU A 59 -7.37 -23.53 8.77
CA LEU A 59 -7.59 -24.73 7.96
C LEU A 59 -6.63 -25.84 8.35
N PRO A 60 -7.04 -26.71 9.29
CA PRO A 60 -6.22 -27.83 9.75
C PRO A 60 -6.08 -28.91 8.67
N ASN A 61 -5.06 -28.76 7.82
CA ASN A 61 -4.83 -29.72 6.74
C ASN A 61 -3.35 -30.01 6.55
N ALA A 62 -2.74 -30.65 7.53
CA ALA A 62 -1.31 -31.00 7.44
C ALA A 62 -1.03 -31.85 6.20
N ILE A 63 -2.07 -32.46 5.65
CA ILE A 63 -1.93 -33.29 4.46
C ILE A 63 -0.56 -33.97 4.39
N GLY A 64 -0.04 -34.31 5.56
CA GLY A 64 1.27 -34.94 5.64
C GLY A 64 2.37 -33.91 5.78
N ARG A 65 2.27 -32.82 5.02
CA ARG A 65 3.26 -31.77 5.07
C ARG A 65 2.70 -30.54 5.79
N VAL A 66 3.47 -30.05 6.76
CA VAL A 66 3.08 -28.89 7.52
C VAL A 66 4.22 -27.89 7.58
N LYS A 67 3.87 -26.64 7.40
CA LYS A 67 4.85 -25.56 7.39
C LYS A 67 4.16 -24.24 7.07
N TRP A 68 3.14 -24.35 6.24
CA TRP A 68 2.36 -23.20 5.80
C TRP A 68 1.39 -22.74 6.90
N TRP A 69 0.26 -23.44 7.03
CA TRP A 69 -0.73 -23.10 8.06
C TRP A 69 -0.43 -23.86 9.35
N ARG A 70 -1.25 -23.60 10.36
CA ARG A 70 -1.14 -24.26 11.66
C ARG A 70 -1.70 -23.41 12.78
N PRO A 71 -2.05 -24.05 13.90
CA PRO A 71 -2.61 -23.37 15.07
C PRO A 71 -1.90 -22.05 15.37
N ASN A 72 -0.66 -21.92 14.90
CA ASN A 72 0.10 -20.68 15.12
C ASN A 72 -0.37 -19.60 14.16
N GLY A 73 -1.39 -19.90 13.37
CA GLY A 73 -1.92 -18.94 12.42
C GLY A 73 -1.28 -19.03 11.05
N PRO A 74 -2.07 -18.92 9.98
CA PRO A 74 -1.57 -18.97 8.61
C PRO A 74 -0.79 -17.71 8.24
N ASP A 75 0.01 -17.78 7.19
CA ASP A 75 0.80 -16.63 6.76
C ASP A 75 -0.08 -15.59 6.07
N PHE A 76 -0.48 -14.55 6.81
CA PHE A 76 -1.33 -13.49 6.27
C PHE A 76 -0.69 -12.12 6.42
N ARG A 77 -1.17 -11.14 5.66
CA ARG A 77 -0.64 -9.78 5.73
C ARG A 77 -1.69 -8.75 5.28
N CYS A 78 -1.53 -7.50 5.73
CA CYS A 78 -2.46 -6.44 5.37
C CYS A 78 -2.31 -6.09 3.89
N ILE A 79 -3.42 -6.18 3.16
CA ILE A 79 -3.41 -5.91 1.73
C ILE A 79 -4.41 -4.82 1.35
N PRO A 80 -4.05 -3.97 0.37
CA PRO A 80 -4.89 -2.87 -0.12
C PRO A 80 -6.22 -3.36 -0.67
N ASP A 81 -7.24 -2.48 -0.65
CA ASP A 81 -8.55 -2.83 -1.16
C ASP A 81 -9.04 -1.86 -2.24
N ARG A 82 -9.15 -0.58 -1.88
CA ARG A 82 -9.61 0.43 -2.84
C ARG A 82 -8.61 1.59 -2.94
N TYR A 83 -8.48 2.15 -4.14
CA TYR A 83 -7.56 3.25 -4.37
C TYR A 83 -8.27 4.51 -4.83
N ARG A 84 -7.60 5.63 -4.66
CA ARG A 84 -8.10 6.92 -5.08
C ARG A 84 -7.45 7.30 -6.38
N ALA A 85 -8.23 7.89 -7.27
CA ALA A 85 -7.71 8.27 -8.57
C ALA A 85 -6.95 9.58 -8.50
N GLN A 86 -5.69 9.55 -8.94
CA GLN A 86 -4.85 10.73 -8.94
C GLN A 86 -4.30 10.98 -10.32
N ARG A 87 -4.53 12.17 -10.85
CA ARG A 87 -4.07 12.53 -12.18
C ARG A 87 -3.33 13.86 -12.18
N VAL A 88 -2.02 13.79 -12.01
CA VAL A 88 -1.18 14.97 -11.97
C VAL A 88 -0.05 14.86 -12.98
N GLN A 89 0.68 15.96 -13.19
CA GLN A 89 1.78 15.95 -14.14
C GLN A 89 3.12 16.07 -13.41
N LEU A 90 4.11 15.31 -13.86
CA LEU A 90 5.43 15.32 -13.25
C LEU A 90 6.20 16.57 -13.67
N LEU A 91 6.66 17.31 -12.67
CA LEU A 91 7.40 18.54 -12.91
C LEU A 91 8.89 18.29 -12.99
N CYS A 92 9.54 19.03 -13.88
CA CYS A 92 10.98 18.92 -14.08
C CYS A 92 11.67 20.25 -13.78
N PRO A 93 12.94 20.20 -13.36
CA PRO A 93 13.71 21.41 -13.03
C PRO A 93 13.61 22.47 -14.13
N GLY A 94 12.92 23.55 -13.81
CA GLY A 94 12.73 24.61 -14.77
C GLY A 94 11.43 24.42 -15.56
N GLY A 95 10.67 23.39 -15.20
CA GLY A 95 9.43 23.11 -15.89
C GLY A 95 9.54 23.36 -17.38
N ALA A 96 10.00 22.36 -18.11
CA ALA A 96 10.15 22.49 -19.55
C ALA A 96 9.26 21.52 -20.32
N ALA A 97 9.35 20.23 -19.99
CA ALA A 97 8.54 19.23 -20.67
C ALA A 97 7.75 18.39 -19.67
N PRO A 98 6.94 19.05 -18.83
CA PRO A 98 6.13 18.35 -17.83
C PRO A 98 5.27 17.27 -18.46
N ARG A 99 5.05 16.20 -17.72
CA ARG A 99 4.25 15.08 -18.22
C ARG A 99 3.11 14.75 -17.28
N SER A 100 2.03 14.23 -17.85
CA SER A 100 0.86 13.87 -17.08
C SER A 100 0.80 12.37 -16.88
N ARG A 101 0.53 11.95 -15.64
CA ARG A 101 0.46 10.55 -15.30
C ARG A 101 -0.60 10.28 -14.24
N LYS A 102 -1.31 9.16 -14.40
CA LYS A 102 -2.35 8.79 -13.44
C LYS A 102 -1.85 7.68 -12.53
N VAL A 103 -2.35 7.64 -11.29
CA VAL A 103 -1.93 6.64 -10.34
C VAL A 103 -3.03 6.36 -9.33
N ARG A 104 -3.31 5.08 -9.15
CA ARG A 104 -4.32 4.64 -8.18
C ARG A 104 -3.67 4.39 -6.83
N LEU A 105 -4.16 5.08 -5.80
CA LEU A 105 -3.59 4.93 -4.47
C LEU A 105 -4.62 4.47 -3.44
N VAL A 106 -4.28 3.40 -2.74
CA VAL A 106 -5.17 2.86 -1.73
C VAL A 106 -5.56 3.91 -0.68
N ALA A 107 -6.67 4.59 -0.93
CA ALA A 107 -7.14 5.61 -0.01
C ALA A 107 -7.91 4.97 1.15
N SER A 108 -8.11 3.66 1.05
CA SER A 108 -8.80 2.90 2.08
C SER A 108 -8.43 1.42 1.97
N CYS A 109 -7.78 0.87 2.98
CA CYS A 109 -7.38 -0.54 2.94
C CYS A 109 -7.65 -1.24 4.27
N LYS A 110 -7.78 -2.57 4.20
CA LYS A 110 -8.05 -3.38 5.38
C LYS A 110 -7.10 -4.58 5.44
N CYS A 111 -6.71 -4.98 6.64
CA CYS A 111 -5.81 -6.12 6.80
C CYS A 111 -6.56 -7.42 6.55
N LYS A 112 -6.41 -7.94 5.34
CA LYS A 112 -7.06 -9.18 4.94
C LYS A 112 -6.18 -9.97 3.99
N ARG A 113 -6.37 -11.28 3.96
CA ARG A 113 -5.60 -12.15 3.08
C ARG A 113 -4.20 -12.37 3.64
N LYS A 17 -13.26 4.18 10.80
CA LYS A 17 -13.25 2.92 10.01
C LYS A 17 -12.92 1.71 10.90
N ASP A 18 -13.39 0.54 10.49
CA ASP A 18 -13.17 -0.68 11.26
C ASP A 18 -11.87 -1.37 10.83
N VAL A 19 -11.03 -0.64 10.10
CA VAL A 19 -9.76 -1.18 9.64
C VAL A 19 -8.62 -0.75 10.56
N SER A 20 -8.88 0.29 11.34
CA SER A 20 -7.87 0.81 12.26
C SER A 20 -7.80 -0.03 13.53
N GLU A 21 -8.76 -0.95 13.68
CA GLU A 21 -8.78 -1.81 14.84
C GLU A 21 -7.51 -2.65 14.91
N TYR A 22 -7.00 -3.02 13.75
CA TYR A 22 -5.78 -3.82 13.67
C TYR A 22 -4.58 -2.99 13.21
N SER A 23 -4.71 -2.38 12.03
CA SER A 23 -3.63 -1.56 11.47
C SER A 23 -4.24 -0.48 10.57
N CYS A 24 -3.40 0.18 9.78
CA CYS A 24 -3.88 1.22 8.88
C CYS A 24 -4.50 2.35 9.70
N ARG A 25 -3.72 2.88 10.62
CA ARG A 25 -4.17 3.98 11.48
C ARG A 25 -3.21 5.16 11.42
N GLU A 26 -3.74 6.36 11.65
CA GLU A 26 -2.94 7.58 11.63
C GLU A 26 -1.75 7.44 10.68
N LEU A 27 -2.02 6.86 9.52
CA LEU A 27 -0.98 6.62 8.51
C LEU A 27 -1.33 7.26 7.17
N HIS A 28 -0.50 8.21 6.74
CA HIS A 28 -0.73 8.89 5.47
C HIS A 28 0.61 9.35 4.87
N TYR A 29 0.79 9.10 3.58
CA TYR A 29 2.01 9.47 2.90
C TYR A 29 1.72 10.18 1.57
N THR A 30 2.63 11.08 1.19
CA THR A 30 2.49 11.85 -0.04
C THR A 30 3.27 11.23 -1.19
N ARG A 31 2.57 10.45 -2.00
CA ARG A 31 3.16 9.83 -3.16
C ARG A 31 2.31 10.20 -4.37
N PHE A 32 2.91 10.83 -5.35
CA PHE A 32 2.14 11.26 -6.51
C PHE A 32 2.52 10.49 -7.78
N LEU A 33 3.61 10.91 -8.43
CA LEU A 33 4.00 10.25 -9.67
C LEU A 33 5.39 10.67 -10.12
N THR A 34 6.16 9.69 -10.58
CA THR A 34 7.51 9.95 -11.07
C THR A 34 7.68 9.30 -12.44
N ASP A 35 8.28 10.00 -13.38
CA ASP A 35 8.46 9.45 -14.72
C ASP A 35 9.73 9.99 -15.36
N GLY A 36 9.79 9.94 -16.70
CA GLY A 36 10.97 10.44 -17.39
C GLY A 36 11.57 11.58 -16.61
N PRO A 37 12.91 11.67 -16.56
CA PRO A 37 13.65 12.67 -15.82
C PRO A 37 12.85 13.90 -15.38
N CYS A 38 11.73 13.64 -14.69
CA CYS A 38 10.86 14.68 -14.14
C CYS A 38 10.03 14.06 -13.03
N ARG A 39 9.43 14.87 -12.17
CA ARG A 39 8.63 14.33 -11.07
C ARG A 39 7.47 15.25 -10.69
N SER A 40 6.31 14.65 -10.44
CA SER A 40 5.12 15.40 -10.04
C SER A 40 5.18 15.71 -8.56
N ALA A 41 4.37 16.66 -8.13
CA ALA A 41 4.36 17.03 -6.72
C ALA A 41 3.01 17.57 -6.26
N LYS A 42 1.93 17.15 -6.91
CA LYS A 42 0.60 17.61 -6.52
C LYS A 42 0.21 16.99 -5.20
N PRO A 43 -0.61 17.68 -4.40
CA PRO A 43 -1.04 17.19 -3.09
C PRO A 43 -1.78 15.86 -3.20
N VAL A 44 -1.18 14.82 -2.62
CA VAL A 44 -1.77 13.48 -2.63
C VAL A 44 -1.69 12.84 -1.26
N THR A 45 -2.60 11.90 -1.02
CA THR A 45 -2.62 11.18 0.24
C THR A 45 -2.61 9.67 -0.02
N GLU A 46 -1.60 8.98 0.52
CA GLU A 46 -1.49 7.54 0.32
C GLU A 46 -1.27 6.81 1.65
N LEU A 47 -1.73 5.57 1.71
CA LEU A 47 -1.59 4.76 2.91
C LEU A 47 -0.48 3.75 2.75
N VAL A 48 0.28 3.53 3.82
CA VAL A 48 1.35 2.56 3.78
C VAL A 48 0.83 1.22 4.25
N CYS A 49 0.31 0.46 3.28
CA CYS A 49 -0.26 -0.85 3.58
C CYS A 49 0.78 -1.94 3.37
N SER A 50 1.13 -2.64 4.45
CA SER A 50 2.13 -3.71 4.37
C SER A 50 1.52 -5.08 4.68
N GLY A 51 2.13 -6.14 4.17
CA GLY A 51 1.56 -7.46 4.40
C GLY A 51 1.57 -7.86 5.86
N GLN A 52 0.37 -7.98 6.46
CA GLN A 52 0.23 -8.38 7.85
C GLN A 52 -1.14 -8.99 8.15
N CYS A 53 -1.18 -9.87 9.14
CA CYS A 53 -2.41 -10.52 9.56
C CYS A 53 -2.14 -11.76 10.40
N GLY A 54 -1.14 -11.66 11.29
CA GLY A 54 -0.80 -12.78 12.15
C GLY A 54 0.53 -13.42 11.79
N PRO A 55 0.55 -14.30 10.78
CA PRO A 55 1.75 -15.02 10.35
C PRO A 55 3.03 -14.17 10.38
N ALA A 56 3.94 -14.55 11.28
CA ALA A 56 5.21 -13.84 11.43
C ALA A 56 6.35 -14.60 10.75
N ARG A 57 6.01 -15.39 9.73
CA ARG A 57 7.01 -16.17 9.01
C ARG A 57 8.04 -15.26 8.38
N LEU A 58 9.24 -15.26 8.95
CA LEU A 58 10.32 -14.42 8.45
C LEU A 58 11.10 -15.17 7.37
N LEU A 59 11.68 -14.41 6.43
CA LEU A 59 12.44 -15.02 5.34
C LEU A 59 13.91 -15.13 5.73
N PRO A 60 14.42 -16.36 5.85
CA PRO A 60 15.82 -16.61 6.21
C PRO A 60 16.79 -16.02 5.18
N ASN A 61 18.03 -16.49 5.21
CA ASN A 61 19.06 -15.98 4.30
C ASN A 61 18.87 -16.51 2.88
N ALA A 62 18.87 -15.57 1.93
CA ALA A 62 18.70 -15.89 0.52
C ALA A 62 20.02 -16.06 -0.21
N ILE A 63 21.14 -15.78 0.46
CA ILE A 63 22.45 -15.91 -0.21
C ILE A 63 23.59 -16.15 0.77
N GLY A 64 23.52 -15.53 1.93
CA GLY A 64 24.59 -15.67 2.91
C GLY A 64 25.27 -14.34 3.17
N ARG A 65 25.28 -13.49 2.15
CA ARG A 65 25.87 -12.16 2.26
C ARG A 65 24.76 -11.12 2.32
N VAL A 66 24.91 -10.12 3.19
CA VAL A 66 23.89 -9.11 3.31
C VAL A 66 24.36 -7.78 2.77
N LYS A 67 23.58 -7.28 1.82
CA LYS A 67 23.85 -6.02 1.16
C LYS A 67 22.57 -5.48 0.52
N TRP A 68 21.42 -5.95 0.99
CA TRP A 68 20.15 -5.54 0.42
C TRP A 68 19.00 -5.64 1.42
N TRP A 69 18.68 -6.88 1.80
CA TRP A 69 17.60 -7.15 2.74
C TRP A 69 18.10 -7.92 3.96
N ARG A 70 17.18 -8.48 4.73
CA ARG A 70 17.55 -9.24 5.91
C ARG A 70 16.35 -10.02 6.46
N PRO A 71 16.61 -11.24 6.98
CA PRO A 71 15.56 -12.11 7.53
C PRO A 71 14.85 -11.54 8.75
N ASN A 72 15.21 -10.33 9.15
CA ASN A 72 14.56 -9.69 10.29
C ASN A 72 13.05 -9.73 10.10
N GLY A 73 12.62 -9.74 8.84
CA GLY A 73 11.20 -9.80 8.52
C GLY A 73 10.72 -8.67 7.64
N PRO A 74 9.62 -8.89 6.87
CA PRO A 74 9.04 -7.89 6.00
C PRO A 74 8.14 -6.93 6.78
N ASP A 75 7.69 -5.86 6.12
CA ASP A 75 6.82 -4.88 6.77
C ASP A 75 5.41 -5.41 6.93
N PHE A 76 4.93 -5.45 8.17
CA PHE A 76 3.60 -5.95 8.46
C PHE A 76 2.68 -4.80 8.90
N ARG A 77 1.48 -4.71 8.32
CA ARG A 77 0.54 -3.64 8.69
C ARG A 77 -0.78 -3.67 7.91
N CYS A 78 -0.69 -3.82 6.60
CA CYS A 78 -1.89 -3.82 5.76
C CYS A 78 -1.64 -4.32 4.32
N ILE A 79 -2.63 -4.99 3.73
CA ILE A 79 -2.48 -5.45 2.34
C ILE A 79 -3.33 -4.59 1.42
N PRO A 80 -2.74 -4.14 0.30
CA PRO A 80 -3.42 -3.29 -0.68
C PRO A 80 -4.74 -3.91 -1.15
N ASP A 81 -5.76 -3.09 -1.30
CA ASP A 81 -7.05 -3.58 -1.76
C ASP A 81 -7.62 -2.71 -2.87
N ARG A 82 -8.00 -1.49 -2.53
CA ARG A 82 -8.56 -0.57 -3.49
C ARG A 82 -7.79 0.75 -3.49
N TYR A 83 -7.61 1.32 -4.67
CA TYR A 83 -6.88 2.58 -4.80
C TYR A 83 -7.76 3.69 -5.34
N ARG A 84 -7.32 4.90 -5.08
CA ARG A 84 -8.00 6.09 -5.55
C ARG A 84 -7.32 6.56 -6.82
N ALA A 85 -8.09 7.12 -7.73
CA ALA A 85 -7.53 7.58 -9.00
C ALA A 85 -6.92 8.96 -8.87
N GLN A 86 -5.74 9.13 -9.46
CA GLN A 86 -5.06 10.42 -9.42
C GLN A 86 -4.53 10.79 -10.81
N ARG A 87 -4.73 12.04 -11.20
CA ARG A 87 -4.25 12.53 -12.50
C ARG A 87 -3.43 13.80 -12.32
N VAL A 88 -2.12 13.65 -12.20
CA VAL A 88 -1.23 14.79 -11.99
C VAL A 88 -0.06 14.82 -12.98
N GLN A 89 0.33 16.02 -13.38
CA GLN A 89 1.45 16.18 -14.31
C GLN A 89 2.77 16.26 -13.56
N LEU A 90 3.74 15.46 -14.01
CA LEU A 90 5.06 15.44 -13.37
C LEU A 90 5.89 16.65 -13.79
N LEU A 91 6.22 17.48 -12.80
CA LEU A 91 7.00 18.69 -13.04
C LEU A 91 8.49 18.35 -13.12
N CYS A 92 9.23 19.16 -13.89
CA CYS A 92 10.66 18.95 -14.05
C CYS A 92 11.45 20.07 -13.37
N PRO A 93 12.18 19.75 -12.29
CA PRO A 93 12.96 20.73 -11.56
C PRO A 93 13.95 21.45 -12.47
N GLY A 94 13.66 22.72 -12.74
CA GLY A 94 14.52 23.50 -13.63
C GLY A 94 14.32 23.08 -15.06
N GLY A 95 13.14 22.51 -15.34
CA GLY A 95 12.81 22.05 -16.67
C GLY A 95 11.31 22.12 -16.92
N ALA A 96 10.92 22.90 -17.91
CA ALA A 96 9.51 23.06 -18.23
C ALA A 96 8.97 21.97 -19.17
N ALA A 97 9.34 20.72 -18.90
CA ALA A 97 8.87 19.61 -19.72
C ALA A 97 7.97 18.69 -18.90
N PRO A 98 6.86 19.24 -18.38
CA PRO A 98 5.88 18.49 -17.56
C PRO A 98 5.12 17.44 -18.36
N ARG A 99 4.79 16.34 -17.70
CA ARG A 99 4.05 15.27 -18.35
C ARG A 99 2.91 14.79 -17.45
N SER A 100 1.82 14.33 -18.06
CA SER A 100 0.68 13.85 -17.28
C SER A 100 0.80 12.35 -17.00
N ARG A 101 0.41 11.95 -15.79
CA ARG A 101 0.48 10.54 -15.39
C ARG A 101 -0.66 10.15 -14.45
N LYS A 102 -1.08 8.88 -14.55
CA LYS A 102 -2.13 8.33 -13.70
C LYS A 102 -1.52 7.49 -12.59
N VAL A 103 -2.13 7.50 -11.41
CA VAL A 103 -1.63 6.72 -10.30
C VAL A 103 -2.75 6.26 -9.38
N ARG A 104 -2.79 4.96 -9.14
CA ARG A 104 -3.79 4.36 -8.28
C ARG A 104 -3.21 4.21 -6.87
N LEU A 105 -3.77 4.95 -5.93
CA LEU A 105 -3.29 4.89 -4.55
C LEU A 105 -4.32 4.30 -3.60
N VAL A 106 -3.90 3.27 -2.88
CA VAL A 106 -4.76 2.59 -1.92
C VAL A 106 -5.33 3.54 -0.87
N ALA A 107 -6.50 4.11 -1.15
CA ALA A 107 -7.13 4.99 -0.18
C ALA A 107 -7.50 4.16 1.05
N SER A 108 -7.70 2.86 0.82
CA SER A 108 -8.04 1.92 1.89
C SER A 108 -7.75 0.48 1.44
N CYS A 109 -7.02 -0.27 2.26
CA CYS A 109 -6.70 -1.67 1.94
C CYS A 109 -7.21 -2.63 3.02
N LYS A 110 -6.87 -3.91 2.88
CA LYS A 110 -7.30 -4.95 3.82
C LYS A 110 -6.11 -5.62 4.51
N CYS A 111 -6.39 -6.40 5.55
CA CYS A 111 -5.35 -7.09 6.30
C CYS A 111 -5.00 -8.44 5.69
N LYS A 112 -3.88 -8.50 4.99
CA LYS A 112 -3.41 -9.74 4.38
C LYS A 112 -1.89 -9.83 4.48
N ARG A 113 -1.38 -11.03 4.71
CA ARG A 113 0.06 -11.24 4.81
C ARG A 113 0.74 -10.90 3.49
N LYS A 17 -11.78 1.38 13.65
CA LYS A 17 -12.05 0.39 12.57
C LYS A 17 -11.53 -0.99 12.95
N ASP A 18 -12.19 -2.03 12.43
CA ASP A 18 -11.80 -3.40 12.72
C ASP A 18 -10.64 -3.86 11.84
N VAL A 19 -9.99 -2.92 11.19
CA VAL A 19 -8.85 -3.22 10.33
C VAL A 19 -7.53 -2.97 11.05
N SER A 20 -7.61 -2.20 12.14
CA SER A 20 -6.44 -1.88 12.93
C SER A 20 -6.13 -2.96 13.95
N GLU A 21 -6.97 -4.00 13.98
CA GLU A 21 -6.79 -5.10 14.92
C GLU A 21 -5.45 -5.80 14.66
N TYR A 22 -5.02 -5.78 13.41
CA TYR A 22 -3.74 -6.40 13.03
C TYR A 22 -2.73 -5.33 12.63
N SER A 23 -2.94 -4.78 11.44
CA SER A 23 -2.07 -3.73 10.91
C SER A 23 -2.90 -2.72 10.13
N CYS A 24 -2.25 -1.98 9.24
CA CYS A 24 -2.92 -0.98 8.43
C CYS A 24 -3.52 0.11 9.31
N ARG A 25 -2.83 0.43 10.41
CA ARG A 25 -3.29 1.47 11.33
C ARG A 25 -3.47 2.79 10.59
N GLU A 26 -3.19 3.90 11.27
CA GLU A 26 -3.33 5.21 10.64
C GLU A 26 -2.00 5.66 10.03
N LEU A 27 -1.84 5.43 8.74
CA LEU A 27 -0.63 5.81 8.03
C LEU A 27 -0.97 6.68 6.83
N HIS A 28 -0.18 7.72 6.61
CA HIS A 28 -0.42 8.62 5.48
C HIS A 28 0.89 9.00 4.80
N TYR A 29 0.89 8.91 3.48
CA TYR A 29 2.08 9.23 2.70
C TYR A 29 1.75 10.12 1.51
N THR A 30 2.71 10.97 1.13
CA THR A 30 2.53 11.88 0.00
C THR A 30 3.27 11.38 -1.23
N ARG A 31 2.64 10.47 -1.96
CA ARG A 31 3.21 9.93 -3.18
C ARG A 31 2.32 10.34 -4.34
N PHE A 32 2.89 11.02 -5.32
CA PHE A 32 2.10 11.50 -6.45
C PHE A 32 2.45 10.76 -7.74
N LEU A 33 3.54 11.15 -8.37
CA LEU A 33 3.92 10.52 -9.63
C LEU A 33 5.35 10.90 -10.01
N THR A 34 6.14 9.90 -10.42
CA THR A 34 7.52 10.13 -10.82
C THR A 34 7.82 9.45 -12.16
N ASP A 35 8.59 10.12 -13.00
CA ASP A 35 8.97 9.58 -14.30
C ASP A 35 10.32 10.14 -14.73
N GLY A 36 10.64 10.01 -16.03
CA GLY A 36 11.91 10.55 -16.52
C GLY A 36 12.30 11.78 -15.75
N PRO A 37 13.60 12.04 -15.55
CA PRO A 37 14.12 13.17 -14.78
C PRO A 37 13.13 14.31 -14.54
N CYS A 38 11.98 13.96 -13.98
CA CYS A 38 10.92 14.91 -13.66
C CYS A 38 9.95 14.27 -12.66
N ARG A 39 9.27 15.09 -11.86
CA ARG A 39 8.34 14.57 -10.87
C ARG A 39 7.20 15.53 -10.59
N SER A 40 6.04 14.97 -10.24
CA SER A 40 4.87 15.75 -9.91
C SER A 40 4.84 16.05 -8.43
N ALA A 41 4.06 17.05 -8.04
CA ALA A 41 4.01 17.41 -6.63
C ALA A 41 2.64 17.90 -6.18
N LYS A 42 1.56 17.36 -6.72
CA LYS A 42 0.22 17.77 -6.31
C LYS A 42 -0.16 17.08 -5.00
N PRO A 43 -1.11 17.65 -4.24
CA PRO A 43 -1.55 17.07 -2.95
C PRO A 43 -2.16 15.69 -3.12
N VAL A 44 -1.51 14.68 -2.53
CA VAL A 44 -2.00 13.31 -2.61
C VAL A 44 -1.99 12.61 -1.25
N THR A 45 -2.86 11.62 -1.10
CA THR A 45 -2.94 10.86 0.15
C THR A 45 -2.60 9.39 -0.12
N GLU A 46 -1.57 8.88 0.55
CA GLU A 46 -1.17 7.49 0.37
C GLU A 46 -1.16 6.73 1.68
N LEU A 47 -1.59 5.47 1.63
CA LEU A 47 -1.61 4.63 2.81
C LEU A 47 -0.69 3.44 2.64
N VAL A 48 0.22 3.28 3.60
CA VAL A 48 1.15 2.18 3.58
C VAL A 48 0.64 1.01 4.42
N CYS A 49 -0.15 0.14 3.80
CA CYS A 49 -0.70 -1.01 4.52
C CYS A 49 0.24 -2.22 4.39
N SER A 50 1.01 -2.47 5.45
CA SER A 50 1.93 -3.60 5.47
C SER A 50 1.99 -4.22 6.87
N GLY A 51 1.37 -5.38 7.02
CA GLY A 51 1.37 -6.05 8.30
C GLY A 51 0.96 -7.51 8.20
N GLN A 52 0.41 -8.05 9.28
CA GLN A 52 -0.03 -9.44 9.29
C GLN A 52 -1.47 -9.55 9.78
N CYS A 53 -2.17 -10.59 9.31
CA CYS A 53 -3.55 -10.82 9.72
C CYS A 53 -3.64 -12.03 10.63
N GLY A 54 -4.72 -12.13 11.40
CA GLY A 54 -4.88 -13.25 12.30
C GLY A 54 -6.15 -14.04 12.01
N PRO A 55 -6.23 -14.66 10.83
CA PRO A 55 -7.39 -15.45 10.43
C PRO A 55 -7.47 -16.75 11.21
N ALA A 56 -8.63 -17.42 11.11
CA ALA A 56 -8.82 -18.69 11.81
C ALA A 56 -8.07 -19.82 11.12
N ARG A 57 -7.30 -19.48 10.09
CA ARG A 57 -6.53 -20.48 9.36
C ARG A 57 -5.58 -21.21 10.28
N LEU A 58 -5.53 -22.53 10.15
CA LEU A 58 -4.66 -23.35 10.96
C LEU A 58 -3.38 -23.70 10.21
N LEU A 59 -2.25 -23.60 10.89
CA LEU A 59 -0.95 -23.88 10.27
C LEU A 59 -0.49 -25.31 10.59
N PRO A 60 0.25 -25.93 9.67
CA PRO A 60 0.78 -27.28 9.86
C PRO A 60 1.50 -27.42 11.19
N ASN A 61 0.86 -28.07 12.16
CA ASN A 61 1.45 -28.25 13.48
C ASN A 61 1.90 -29.69 13.72
N ALA A 62 3.05 -29.84 14.36
CA ALA A 62 3.60 -31.16 14.66
C ALA A 62 2.69 -31.95 15.59
N ILE A 63 1.95 -31.24 16.42
CA ILE A 63 1.00 -31.87 17.35
C ILE A 63 1.51 -33.24 17.79
N GLY A 64 2.82 -33.35 17.94
CA GLY A 64 3.44 -34.58 18.37
C GLY A 64 4.21 -35.29 17.27
N ARG A 65 3.55 -35.51 16.13
CA ARG A 65 4.18 -36.17 14.99
C ARG A 65 4.21 -35.23 13.79
N VAL A 66 5.28 -35.28 13.00
CA VAL A 66 5.37 -34.44 11.83
C VAL A 66 5.73 -35.23 10.58
N LYS A 67 4.98 -34.97 9.54
CA LYS A 67 5.13 -35.61 8.25
C LYS A 67 3.86 -35.41 7.45
N TRP A 68 2.79 -35.38 8.20
CA TRP A 68 1.44 -35.20 7.68
C TRP A 68 1.06 -33.72 7.68
N TRP A 69 2.07 -32.87 7.62
CA TRP A 69 1.85 -31.43 7.66
C TRP A 69 0.54 -31.02 7.06
N ARG A 70 -0.04 -30.00 7.68
CA ARG A 70 -1.30 -29.49 7.21
C ARG A 70 -1.10 -28.09 6.65
N PRO A 71 -0.52 -28.00 5.44
CA PRO A 71 -0.25 -26.72 4.77
C PRO A 71 -1.52 -25.95 4.39
N ASN A 72 -2.47 -25.84 5.31
CA ASN A 72 -3.72 -25.14 5.04
C ASN A 72 -3.42 -23.73 4.51
N GLY A 73 -2.26 -23.21 4.87
CA GLY A 73 -1.86 -21.89 4.42
C GLY A 73 -1.39 -20.99 5.54
N PRO A 74 -0.43 -20.11 5.25
CA PRO A 74 0.14 -19.18 6.24
C PRO A 74 -0.73 -17.94 6.44
N ASP A 75 -0.38 -17.16 7.46
CA ASP A 75 -1.11 -15.92 7.78
C ASP A 75 -1.08 -14.97 6.59
N PHE A 76 -2.09 -14.11 6.49
CA PHE A 76 -2.15 -13.14 5.39
C PHE A 76 -1.69 -11.75 5.84
N ARG A 77 -0.78 -11.18 5.06
CA ARG A 77 -0.24 -9.85 5.34
C ARG A 77 -1.25 -8.75 5.01
N CYS A 78 -1.08 -7.58 5.64
CA CYS A 78 -1.98 -6.46 5.39
C CYS A 78 -1.64 -5.86 4.03
N ILE A 79 -2.43 -6.20 3.02
CA ILE A 79 -2.20 -5.71 1.67
C ILE A 79 -3.33 -4.80 1.20
N PRO A 80 -2.98 -3.71 0.51
CA PRO A 80 -3.95 -2.76 -0.02
C PRO A 80 -4.99 -3.41 -0.92
N ASP A 81 -6.23 -2.93 -0.84
CA ASP A 81 -7.31 -3.50 -1.65
C ASP A 81 -7.74 -2.55 -2.77
N ARG A 82 -8.23 -1.38 -2.41
CA ARG A 82 -8.69 -0.41 -3.40
C ARG A 82 -7.95 0.92 -3.31
N TYR A 83 -7.78 1.57 -4.46
CA TYR A 83 -7.08 2.85 -4.52
C TYR A 83 -7.94 3.92 -5.19
N ARG A 84 -7.61 5.17 -4.90
CA ARG A 84 -8.31 6.30 -5.49
C ARG A 84 -7.56 6.72 -6.74
N ALA A 85 -8.29 7.12 -7.77
CA ALA A 85 -7.68 7.53 -9.02
C ALA A 85 -7.16 8.96 -8.96
N GLN A 86 -5.92 9.13 -9.41
CA GLN A 86 -5.29 10.44 -9.44
C GLN A 86 -4.72 10.72 -10.82
N ARG A 87 -4.78 11.96 -11.25
CA ARG A 87 -4.25 12.34 -12.55
C ARG A 87 -3.53 13.67 -12.48
N VAL A 88 -2.24 13.64 -12.22
CA VAL A 88 -1.44 14.85 -12.13
C VAL A 88 -0.25 14.80 -13.08
N GLN A 89 0.36 15.95 -13.33
CA GLN A 89 1.50 16.01 -14.22
C GLN A 89 2.79 16.21 -13.45
N LEU A 90 3.82 15.48 -13.86
CA LEU A 90 5.13 15.56 -13.23
C LEU A 90 5.90 16.78 -13.68
N LEU A 91 6.35 17.55 -12.70
CA LEU A 91 7.12 18.76 -12.98
C LEU A 91 8.55 18.37 -13.37
N CYS A 92 9.12 19.14 -14.28
CA CYS A 92 10.46 18.89 -14.76
C CYS A 92 11.44 19.89 -14.16
N PRO A 93 12.28 19.45 -13.22
CA PRO A 93 13.25 20.33 -12.57
C PRO A 93 14.31 20.84 -13.56
N GLY A 94 14.15 22.08 -13.98
CA GLY A 94 15.08 22.67 -14.93
C GLY A 94 14.67 22.38 -16.35
N GLY A 95 13.41 22.02 -16.51
CA GLY A 95 12.86 21.73 -17.81
C GLY A 95 11.37 21.99 -17.83
N ALA A 96 10.93 22.83 -18.74
CA ALA A 96 9.53 23.19 -18.83
C ALA A 96 8.75 22.24 -19.72
N ALA A 97 8.97 20.94 -19.55
CA ALA A 97 8.27 19.93 -20.33
C ALA A 97 7.49 19.00 -19.41
N PRO A 98 6.47 19.53 -18.73
CA PRO A 98 5.65 18.76 -17.79
C PRO A 98 5.09 17.48 -18.42
N ARG A 99 4.90 16.46 -17.59
CA ARG A 99 4.37 15.19 -18.08
C ARG A 99 3.16 14.78 -17.27
N SER A 100 2.25 14.03 -17.89
CA SER A 100 1.04 13.57 -17.19
C SER A 100 1.18 12.11 -16.80
N ARG A 101 0.78 11.80 -15.57
CA ARG A 101 0.87 10.44 -15.08
C ARG A 101 -0.30 10.09 -14.17
N LYS A 102 -0.74 8.83 -14.23
CA LYS A 102 -1.82 8.34 -13.41
C LYS A 102 -1.25 7.58 -12.23
N VAL A 103 -1.90 7.69 -11.06
CA VAL A 103 -1.44 7.02 -9.88
C VAL A 103 -2.60 6.60 -9.00
N ARG A 104 -2.58 5.34 -8.61
CA ARG A 104 -3.62 4.78 -7.75
C ARG A 104 -3.20 4.89 -6.28
N LEU A 105 -4.08 5.46 -5.46
CA LEU A 105 -3.78 5.63 -4.04
C LEU A 105 -4.75 4.85 -3.15
N VAL A 106 -4.23 3.86 -2.44
CA VAL A 106 -5.06 3.07 -1.54
C VAL A 106 -5.69 3.97 -0.48
N ALA A 107 -6.71 4.71 -0.87
CA ALA A 107 -7.39 5.61 0.05
C ALA A 107 -8.11 4.83 1.15
N SER A 108 -8.18 3.52 0.96
CA SER A 108 -8.83 2.64 1.93
C SER A 108 -8.37 1.21 1.72
N CYS A 109 -7.78 0.61 2.74
CA CYS A 109 -7.29 -0.76 2.64
C CYS A 109 -7.57 -1.55 3.92
N LYS A 110 -7.66 -2.87 3.75
CA LYS A 110 -7.89 -3.77 4.86
C LYS A 110 -6.79 -4.83 4.87
N CYS A 111 -6.55 -5.46 6.02
CA CYS A 111 -5.50 -6.46 6.10
C CYS A 111 -5.95 -7.78 5.46
N LYS A 112 -5.47 -8.03 4.24
CA LYS A 112 -5.80 -9.23 3.51
C LYS A 112 -4.62 -9.66 2.63
N ARG A 113 -4.50 -10.96 2.41
CA ARG A 113 -3.42 -11.49 1.57
C ARG A 113 -2.08 -11.52 2.32
N LYS A 17 -11.78 0.93 20.68
CA LYS A 17 -11.86 0.21 19.37
C LYS A 17 -10.55 -0.53 19.07
N ASP A 18 -10.65 -1.82 18.79
CA ASP A 18 -9.48 -2.64 18.49
C ASP A 18 -9.15 -2.61 17.00
N VAL A 19 -9.74 -1.65 16.28
CA VAL A 19 -9.52 -1.52 14.84
C VAL A 19 -8.09 -1.06 14.53
N SER A 20 -7.56 -0.17 15.35
CA SER A 20 -6.22 0.35 15.16
C SER A 20 -5.18 -0.59 15.77
N GLU A 21 -5.64 -1.74 16.27
CA GLU A 21 -4.75 -2.71 16.90
C GLU A 21 -3.78 -3.34 15.89
N TYR A 22 -4.17 -3.39 14.62
CA TYR A 22 -3.31 -3.97 13.60
C TYR A 22 -2.53 -2.90 12.85
N SER A 23 -3.16 -2.32 11.85
CA SER A 23 -2.55 -1.28 11.04
C SER A 23 -3.60 -0.28 10.57
N CYS A 24 -3.24 0.53 9.59
CA CYS A 24 -4.16 1.52 9.06
C CYS A 24 -4.50 2.57 10.12
N ARG A 25 -3.46 3.02 10.83
CA ARG A 25 -3.63 4.01 11.88
C ARG A 25 -2.52 5.07 11.81
N GLU A 26 -2.87 6.31 12.15
CA GLU A 26 -1.91 7.40 12.13
C GLU A 26 -0.87 7.19 11.05
N LEU A 27 -1.32 6.63 9.94
CA LEU A 27 -0.44 6.34 8.80
C LEU A 27 -0.86 7.16 7.58
N HIS A 28 0.07 7.95 7.06
CA HIS A 28 -0.20 8.78 5.89
C HIS A 28 1.08 9.05 5.11
N TYR A 29 1.05 8.76 3.81
CA TYR A 29 2.23 8.97 2.97
C TYR A 29 1.90 9.81 1.73
N THR A 30 2.90 10.57 1.27
CA THR A 30 2.76 11.45 0.10
C THR A 30 3.51 10.90 -1.10
N ARG A 31 2.81 10.10 -1.89
CA ARG A 31 3.38 9.53 -3.11
C ARG A 31 2.55 9.98 -4.29
N PHE A 32 3.18 10.60 -5.28
CA PHE A 32 2.44 11.08 -6.43
C PHE A 32 2.78 10.34 -7.71
N LEU A 33 3.86 10.72 -8.38
CA LEU A 33 4.22 10.07 -9.64
C LEU A 33 5.62 10.45 -10.10
N THR A 34 6.34 9.48 -10.66
CA THR A 34 7.68 9.74 -11.16
C THR A 34 7.87 9.10 -12.54
N ASP A 35 8.45 9.86 -13.46
CA ASP A 35 8.70 9.36 -14.82
C ASP A 35 10.05 9.86 -15.32
N GLY A 36 10.31 9.75 -16.63
CA GLY A 36 11.57 10.23 -17.18
C GLY A 36 12.09 11.39 -16.37
N PRO A 37 13.41 11.50 -16.17
CA PRO A 37 14.07 12.53 -15.39
C PRO A 37 13.21 13.75 -15.06
N CYS A 38 12.08 13.50 -14.38
CA CYS A 38 11.14 14.52 -13.94
C CYS A 38 10.22 13.91 -12.88
N ARG A 39 9.59 14.73 -12.05
CA ARG A 39 8.72 14.20 -11.00
C ARG A 39 7.59 15.16 -10.63
N SER A 40 6.43 14.58 -10.35
CA SER A 40 5.25 15.34 -9.95
C SER A 40 5.28 15.61 -8.46
N ALA A 41 4.51 16.60 -8.02
CA ALA A 41 4.49 16.93 -6.60
C ALA A 41 3.15 17.43 -6.11
N LYS A 42 2.07 17.03 -6.76
CA LYS A 42 0.73 17.45 -6.33
C LYS A 42 0.34 16.77 -5.04
N PRO A 43 -0.56 17.37 -4.26
CA PRO A 43 -1.01 16.80 -2.99
C PRO A 43 -1.68 15.44 -3.18
N VAL A 44 -1.10 14.41 -2.56
CA VAL A 44 -1.66 13.07 -2.66
C VAL A 44 -1.69 12.38 -1.32
N THR A 45 -2.69 11.54 -1.11
CA THR A 45 -2.81 10.80 0.14
C THR A 45 -2.61 9.31 -0.11
N GLU A 46 -1.65 8.73 0.60
CA GLU A 46 -1.35 7.31 0.46
C GLU A 46 -1.32 6.64 1.83
N LEU A 47 -1.89 5.44 1.91
CA LEU A 47 -1.93 4.71 3.17
C LEU A 47 -1.12 3.43 3.05
N VAL A 48 -0.29 3.16 4.05
CA VAL A 48 0.54 1.96 4.05
C VAL A 48 -0.11 0.84 4.86
N CYS A 49 -0.98 0.06 4.22
CA CYS A 49 -1.65 -1.05 4.88
C CYS A 49 -0.97 -2.37 4.51
N SER A 50 -0.32 -3.01 5.47
CA SER A 50 0.36 -4.28 5.22
C SER A 50 0.30 -5.23 6.41
N GLY A 51 -0.49 -6.30 6.28
CA GLY A 51 -0.60 -7.28 7.36
C GLY A 51 -1.45 -8.49 6.98
N GLN A 52 -1.58 -9.42 7.94
CA GLN A 52 -2.36 -10.63 7.76
C GLN A 52 -3.65 -10.57 8.59
N CYS A 53 -4.73 -11.14 8.05
CA CYS A 53 -6.00 -11.15 8.77
C CYS A 53 -6.29 -12.54 9.31
N GLY A 54 -6.59 -12.62 10.61
CA GLY A 54 -6.86 -13.89 11.24
C GLY A 54 -5.60 -14.74 11.36
N PRO A 55 -4.43 -14.11 11.60
CA PRO A 55 -3.16 -14.83 11.74
C PRO A 55 -3.03 -15.52 13.09
N ALA A 56 -2.57 -16.76 13.08
CA ALA A 56 -2.37 -17.51 14.30
C ALA A 56 -0.89 -17.69 14.59
N ARG A 57 -0.08 -17.64 13.54
CA ARG A 57 1.35 -17.80 13.68
C ARG A 57 2.00 -16.48 14.02
N LEU A 58 2.26 -16.27 15.31
CA LEU A 58 2.88 -15.04 15.77
C LEU A 58 4.38 -15.24 15.93
N LEU A 59 5.17 -14.49 15.16
CA LEU A 59 6.62 -14.61 15.20
C LEU A 59 7.30 -13.36 15.76
N PRO A 60 8.00 -13.49 16.91
CA PRO A 60 8.71 -12.38 17.54
C PRO A 60 9.81 -11.83 16.62
N ASN A 61 9.91 -10.52 16.54
CA ASN A 61 10.88 -9.87 15.66
C ASN A 61 12.13 -9.38 16.40
N ALA A 62 13.27 -9.41 15.70
CA ALA A 62 14.55 -8.96 16.22
C ALA A 62 14.74 -7.46 16.10
N ILE A 63 13.95 -6.83 15.23
CA ILE A 63 14.03 -5.38 15.02
C ILE A 63 15.42 -4.84 15.32
N GLY A 64 16.43 -5.64 15.00
CA GLY A 64 17.81 -5.25 15.23
C GLY A 64 18.37 -5.83 16.53
N ARG A 65 17.65 -5.62 17.63
CA ARG A 65 18.07 -6.13 18.93
C ARG A 65 17.10 -7.20 19.43
N VAL A 66 17.63 -8.22 20.09
CA VAL A 66 16.80 -9.28 20.60
C VAL A 66 16.95 -9.45 22.11
N LYS A 67 15.81 -9.56 22.75
CA LYS A 67 15.71 -9.71 24.19
C LYS A 67 14.29 -9.39 24.63
N TRP A 68 13.69 -8.50 23.86
CA TRP A 68 12.33 -8.02 24.08
C TRP A 68 11.36 -8.79 23.20
N TRP A 69 11.70 -10.03 22.89
CA TRP A 69 10.88 -10.85 22.00
C TRP A 69 9.41 -10.57 22.15
N ARG A 70 8.76 -10.47 21.01
CA ARG A 70 7.35 -10.20 20.98
C ARG A 70 6.61 -11.31 20.22
N PRO A 71 6.32 -12.42 20.90
CA PRO A 71 5.62 -13.54 20.28
C PRO A 71 4.21 -13.17 19.82
N ASN A 72 3.78 -11.96 20.15
CA ASN A 72 2.46 -11.49 19.77
C ASN A 72 2.32 -11.50 18.25
N GLY A 73 3.43 -11.21 17.56
CA GLY A 73 3.42 -11.20 16.11
C GLY A 73 3.38 -9.79 15.53
N PRO A 74 3.90 -9.62 14.31
CA PRO A 74 3.93 -8.33 13.62
C PRO A 74 2.53 -7.78 13.37
N ASP A 75 2.45 -6.51 12.97
CA ASP A 75 1.17 -5.89 12.70
C ASP A 75 0.47 -6.55 11.53
N PHE A 76 -0.45 -7.46 11.84
CA PHE A 76 -1.20 -8.19 10.82
C PHE A 76 -2.67 -7.80 10.83
N ARG A 77 -3.23 -7.64 9.63
CA ARG A 77 -4.65 -7.29 9.43
C ARG A 77 -4.80 -5.88 8.86
N CYS A 78 -4.35 -5.70 7.60
CA CYS A 78 -4.45 -4.41 6.94
C CYS A 78 -3.69 -4.40 5.62
N ILE A 79 -4.42 -4.34 4.51
CA ILE A 79 -3.80 -4.31 3.18
C ILE A 79 -4.65 -3.49 2.21
N PRO A 80 -3.99 -2.72 1.33
CA PRO A 80 -4.68 -1.89 0.34
C PRO A 80 -5.63 -2.70 -0.52
N ASP A 81 -6.80 -2.14 -0.81
CA ASP A 81 -7.78 -2.85 -1.63
C ASP A 81 -8.22 -1.99 -2.81
N ARG A 82 -8.72 -0.79 -2.54
CA ARG A 82 -9.17 0.10 -3.61
C ARG A 82 -8.38 1.39 -3.64
N TYR A 83 -8.27 1.99 -4.82
CA TYR A 83 -7.53 3.24 -4.99
C TYR A 83 -8.36 4.29 -5.68
N ARG A 84 -7.90 5.52 -5.57
CA ARG A 84 -8.53 6.64 -6.21
C ARG A 84 -7.77 6.94 -7.49
N ALA A 85 -8.47 7.37 -8.52
CA ALA A 85 -7.82 7.67 -9.79
C ALA A 85 -7.37 9.12 -9.85
N GLN A 86 -6.05 9.32 -9.91
CA GLN A 86 -5.50 10.66 -9.98
C GLN A 86 -4.43 10.76 -11.08
N ARG A 87 -4.49 11.87 -11.82
CA ARG A 87 -3.55 12.13 -12.91
C ARG A 87 -2.93 13.51 -12.74
N VAL A 88 -1.65 13.53 -12.44
CA VAL A 88 -0.94 14.78 -12.22
C VAL A 88 0.31 14.88 -13.09
N GLN A 89 0.63 16.10 -13.52
CA GLN A 89 1.80 16.32 -14.35
C GLN A 89 3.08 16.33 -13.51
N LEU A 90 4.07 15.57 -13.96
CA LEU A 90 5.34 15.50 -13.25
C LEU A 90 6.19 16.73 -13.58
N LEU A 91 6.56 17.46 -12.54
CA LEU A 91 7.34 18.68 -12.70
C LEU A 91 8.83 18.39 -12.81
N CYS A 92 9.47 19.08 -13.75
CA CYS A 92 10.89 18.92 -13.97
C CYS A 92 11.63 20.20 -13.55
N PRO A 93 12.94 20.11 -13.27
CA PRO A 93 13.72 21.27 -12.86
C PRO A 93 13.56 22.43 -13.83
N GLY A 94 12.88 23.48 -13.38
CA GLY A 94 12.65 24.63 -14.23
C GLY A 94 11.26 24.60 -14.84
N GLY A 95 10.60 23.45 -14.74
CA GLY A 95 9.26 23.30 -15.28
C GLY A 95 9.21 23.42 -16.79
N ALA A 96 9.98 22.57 -17.47
CA ALA A 96 10.02 22.60 -18.93
C ALA A 96 9.58 21.26 -19.55
N ALA A 97 9.69 20.18 -18.80
CA ALA A 97 9.32 18.87 -19.31
C ALA A 97 8.22 18.20 -18.47
N PRO A 98 7.08 18.88 -18.31
CA PRO A 98 5.95 18.33 -17.54
C PRO A 98 5.33 17.12 -18.24
N ARG A 99 4.93 16.12 -17.45
CA ARG A 99 4.33 14.91 -18.01
C ARG A 99 3.15 14.42 -17.17
N SER A 100 2.07 14.03 -17.83
CA SER A 100 0.88 13.55 -17.11
C SER A 100 0.96 12.04 -16.87
N ARG A 101 0.66 11.64 -15.63
CA ARG A 101 0.69 10.23 -15.26
C ARG A 101 -0.48 9.84 -14.35
N LYS A 102 -1.06 8.67 -14.62
CA LYS A 102 -2.18 8.18 -13.82
C LYS A 102 -1.66 7.40 -12.61
N VAL A 103 -2.33 7.54 -11.48
CA VAL A 103 -1.92 6.85 -10.28
C VAL A 103 -3.12 6.38 -9.47
N ARG A 104 -3.12 5.10 -9.17
CA ARG A 104 -4.18 4.49 -8.37
C ARG A 104 -3.73 4.44 -6.91
N LEU A 105 -4.20 5.40 -6.12
CA LEU A 105 -3.82 5.44 -4.71
C LEU A 105 -4.95 4.97 -3.80
N VAL A 106 -4.58 4.12 -2.85
CA VAL A 106 -5.53 3.57 -1.89
C VAL A 106 -6.04 4.62 -0.92
N ALA A 107 -7.13 5.29 -1.29
CA ALA A 107 -7.71 6.30 -0.42
C ALA A 107 -8.41 5.62 0.75
N SER A 108 -8.57 4.30 0.63
CA SER A 108 -9.19 3.49 1.67
C SER A 108 -8.84 2.02 1.48
N CYS A 109 -8.37 1.36 2.55
CA CYS A 109 -8.00 -0.05 2.46
C CYS A 109 -8.72 -0.86 3.54
N LYS A 110 -8.81 -2.16 3.33
CA LYS A 110 -9.48 -3.05 4.28
C LYS A 110 -8.53 -4.14 4.75
N CYS A 111 -8.84 -4.73 5.90
CA CYS A 111 -8.01 -5.80 6.46
C CYS A 111 -7.84 -6.92 5.46
N LYS A 112 -6.63 -7.04 4.93
CA LYS A 112 -6.31 -8.10 3.98
C LYS A 112 -4.92 -8.66 4.26
N ARG A 113 -4.76 -9.96 4.05
CA ARG A 113 -3.47 -10.61 4.29
C ARG A 113 -2.50 -10.34 3.16
N LYS A 17 -0.85 -14.97 18.36
CA LYS A 17 -0.98 -13.51 18.56
C LYS A 17 -0.49 -12.75 17.33
N ASP A 18 -0.74 -13.32 16.16
CA ASP A 18 -0.32 -12.70 14.91
C ASP A 18 -1.35 -11.71 14.39
N VAL A 19 -2.26 -11.31 15.25
CA VAL A 19 -3.28 -10.34 14.87
C VAL A 19 -2.72 -8.93 14.91
N SER A 20 -1.55 -8.79 15.54
CA SER A 20 -0.88 -7.52 15.66
C SER A 20 -0.09 -7.19 14.39
N GLU A 21 0.01 -8.17 13.50
CA GLU A 21 0.74 -7.99 12.24
C GLU A 21 -0.18 -7.43 11.15
N TYR A 22 -1.42 -7.14 11.53
CA TYR A 22 -2.42 -6.59 10.61
C TYR A 22 -2.31 -5.07 10.51
N SER A 23 -1.13 -4.54 10.79
CA SER A 23 -0.93 -3.10 10.75
C SER A 23 -1.20 -2.54 9.36
N CYS A 24 -2.32 -1.82 9.24
CA CYS A 24 -2.73 -1.22 7.98
C CYS A 24 -3.71 -0.08 8.23
N ARG A 25 -3.62 0.53 9.41
CA ARG A 25 -4.50 1.63 9.80
C ARG A 25 -4.41 2.79 8.81
N GLU A 26 -5.49 3.59 8.75
CA GLU A 26 -5.53 4.73 7.85
C GLU A 26 -4.31 5.63 8.03
N LEU A 27 -3.23 5.29 7.34
CA LEU A 27 -2.00 6.06 7.40
C LEU A 27 -1.91 7.05 6.25
N HIS A 28 -1.22 8.16 6.47
CA HIS A 28 -1.08 9.16 5.41
C HIS A 28 0.39 9.55 5.18
N TYR A 29 0.78 9.59 3.91
CA TYR A 29 2.15 9.95 3.55
C TYR A 29 2.21 10.55 2.13
N THR A 30 3.36 11.14 1.77
CA THR A 30 3.54 11.77 0.47
C THR A 30 4.15 10.84 -0.58
N ARG A 31 3.45 10.75 -1.70
CA ARG A 31 3.85 9.96 -2.85
C ARG A 31 2.94 10.31 -4.00
N PHE A 32 3.51 10.79 -5.10
CA PHE A 32 2.70 11.21 -6.23
C PHE A 32 3.03 10.43 -7.51
N LEU A 33 4.09 10.83 -8.21
CA LEU A 33 4.44 10.17 -9.46
C LEU A 33 5.84 10.54 -9.93
N THR A 34 6.56 9.56 -10.45
CA THR A 34 7.90 9.77 -10.96
C THR A 34 8.06 9.11 -12.32
N ASP A 35 8.53 9.86 -13.30
CA ASP A 35 8.73 9.33 -14.65
C ASP A 35 10.03 9.87 -15.23
N GLY A 36 10.20 9.73 -16.57
CA GLY A 36 11.42 10.23 -17.20
C GLY A 36 11.97 11.41 -16.46
N PRO A 37 13.31 11.55 -16.39
CA PRO A 37 14.03 12.60 -15.70
C PRO A 37 13.18 13.82 -15.30
N CYS A 38 12.10 13.53 -14.58
CA CYS A 38 11.18 14.55 -14.08
C CYS A 38 10.34 13.92 -12.97
N ARG A 39 9.78 14.75 -12.10
CA ARG A 39 8.96 14.23 -11.02
C ARG A 39 7.82 15.17 -10.66
N SER A 40 6.70 14.58 -10.26
CA SER A 40 5.53 15.35 -9.85
C SER A 40 5.59 15.67 -8.38
N ALA A 41 4.84 16.67 -7.95
CA ALA A 41 4.88 17.03 -6.54
C ALA A 41 3.56 17.61 -6.01
N LYS A 42 2.44 17.21 -6.60
CA LYS A 42 1.15 17.71 -6.11
C LYS A 42 0.79 17.05 -4.80
N PRO A 43 0.21 17.80 -3.86
CA PRO A 43 -0.19 17.27 -2.55
C PRO A 43 -1.03 16.00 -2.66
N VAL A 44 -0.61 14.93 -1.99
CA VAL A 44 -1.34 13.67 -2.03
C VAL A 44 -1.52 13.06 -0.64
N THR A 45 -2.45 12.12 -0.52
CA THR A 45 -2.71 11.44 0.73
C THR A 45 -2.89 9.94 0.47
N GLU A 46 -1.84 9.18 0.75
CA GLU A 46 -1.87 7.73 0.52
C GLU A 46 -1.76 6.96 1.83
N LEU A 47 -2.13 5.69 1.79
CA LEU A 47 -2.05 4.84 2.97
C LEU A 47 -0.97 3.79 2.82
N VAL A 48 -0.30 3.52 3.92
CA VAL A 48 0.78 2.56 3.93
C VAL A 48 0.32 1.25 4.57
N CYS A 49 -0.31 0.40 3.76
CA CYS A 49 -0.80 -0.88 4.26
C CYS A 49 0.30 -1.95 4.21
N SER A 50 0.81 -2.30 5.39
CA SER A 50 1.86 -3.30 5.48
C SER A 50 1.64 -4.19 6.70
N GLY A 51 1.36 -5.46 6.47
CA GLY A 51 1.14 -6.39 7.56
C GLY A 51 1.08 -7.83 7.12
N GLN A 52 0.74 -8.72 8.05
CA GLN A 52 0.63 -10.13 7.75
C GLN A 52 -0.80 -10.62 8.00
N CYS A 53 -1.31 -11.48 7.12
CA CYS A 53 -2.67 -11.99 7.24
C CYS A 53 -2.69 -13.51 7.35
N GLY A 54 -3.73 -14.03 7.98
CA GLY A 54 -3.89 -15.46 8.14
C GLY A 54 -2.64 -16.14 8.69
N PRO A 55 -2.75 -17.41 9.11
CA PRO A 55 -1.61 -18.16 9.66
C PRO A 55 -0.50 -18.34 8.63
N ALA A 56 0.69 -18.68 9.11
CA ALA A 56 1.85 -18.88 8.25
C ALA A 56 1.90 -20.30 7.70
N ARG A 57 0.80 -21.03 7.88
CA ARG A 57 0.74 -22.41 7.39
C ARG A 57 0.68 -22.43 5.86
N LEU A 58 1.52 -23.25 5.25
CA LEU A 58 1.55 -23.36 3.80
C LEU A 58 0.78 -24.59 3.32
N LEU A 59 -0.22 -24.37 2.48
CA LEU A 59 -1.02 -25.48 1.95
C LEU A 59 -0.82 -25.65 0.44
N PRO A 60 -0.15 -26.73 0.02
CA PRO A 60 0.10 -27.01 -1.39
C PRO A 60 -1.21 -27.18 -2.16
N ASN A 61 -1.47 -26.27 -3.08
CA ASN A 61 -2.71 -26.30 -3.88
C ASN A 61 -2.49 -26.95 -5.24
N ALA A 62 -3.47 -27.73 -5.69
CA ALA A 62 -3.39 -28.41 -6.99
C ALA A 62 -3.90 -27.54 -8.11
N ILE A 63 -4.31 -26.32 -7.78
CA ILE A 63 -4.81 -25.40 -8.79
C ILE A 63 -5.56 -26.11 -9.90
N GLY A 64 -6.20 -27.21 -9.51
CA GLY A 64 -6.98 -28.00 -10.45
C GLY A 64 -6.50 -29.43 -10.59
N ARG A 65 -5.20 -29.62 -10.80
CA ARG A 65 -4.61 -30.95 -10.94
C ARG A 65 -3.63 -31.22 -9.80
N VAL A 66 -3.47 -32.48 -9.42
CA VAL A 66 -2.54 -32.81 -8.34
C VAL A 66 -1.50 -33.82 -8.77
N LYS A 67 -0.26 -33.37 -8.75
CA LYS A 67 0.89 -34.18 -9.15
C LYS A 67 2.12 -33.29 -9.20
N TRP A 68 2.20 -32.38 -8.24
CA TRP A 68 3.28 -31.42 -8.17
C TRP A 68 3.10 -30.53 -6.94
N TRP A 69 2.93 -31.16 -5.79
CA TRP A 69 2.67 -30.41 -4.57
C TRP A 69 3.69 -29.36 -4.28
N ARG A 70 3.17 -28.22 -3.84
CA ARG A 70 3.97 -27.08 -3.50
C ARG A 70 3.71 -26.68 -2.05
N PRO A 71 4.38 -27.35 -1.11
CA PRO A 71 4.24 -27.10 0.33
C PRO A 71 4.53 -25.64 0.69
N ASN A 72 5.08 -24.88 -0.26
CA ASN A 72 5.42 -23.49 -0.04
C ASN A 72 4.20 -22.67 0.37
N GLY A 73 3.03 -23.03 -0.17
CA GLY A 73 1.82 -22.30 0.17
C GLY A 73 1.83 -20.88 -0.37
N PRO A 74 0.66 -20.26 -0.55
CA PRO A 74 0.54 -18.90 -1.06
C PRO A 74 1.04 -17.88 -0.05
N ASP A 75 1.69 -16.81 -0.53
CA ASP A 75 2.19 -15.78 0.34
C ASP A 75 1.04 -14.97 0.93
N PHE A 76 1.01 -14.83 2.26
CA PHE A 76 -0.07 -14.10 2.92
C PHE A 76 0.44 -12.81 3.57
N ARG A 77 -0.31 -11.72 3.39
CA ARG A 77 0.07 -10.44 3.98
C ARG A 77 -1.03 -9.40 3.77
N CYS A 78 -0.85 -8.21 4.34
CA CYS A 78 -1.83 -7.13 4.19
C CYS A 78 -1.80 -6.62 2.76
N ILE A 79 -2.89 -6.87 2.03
CA ILE A 79 -2.97 -6.46 0.62
C ILE A 79 -3.96 -5.31 0.44
N PRO A 80 -3.58 -4.33 -0.41
CA PRO A 80 -4.43 -3.17 -0.72
C PRO A 80 -5.73 -3.60 -1.38
N ASP A 81 -6.83 -2.95 -1.00
CA ASP A 81 -8.13 -3.30 -1.55
C ASP A 81 -8.57 -2.34 -2.67
N ARG A 82 -8.87 -1.10 -2.30
CA ARG A 82 -9.32 -0.10 -3.27
C ARG A 82 -8.42 1.13 -3.25
N TYR A 83 -8.18 1.70 -4.43
CA TYR A 83 -7.33 2.88 -4.54
C TYR A 83 -8.10 4.06 -5.10
N ARG A 84 -7.59 5.26 -4.84
CA ARG A 84 -8.20 6.49 -5.33
C ARG A 84 -7.47 6.92 -6.59
N ALA A 85 -8.20 7.43 -7.56
CA ALA A 85 -7.60 7.84 -8.82
C ALA A 85 -6.89 9.19 -8.70
N GLN A 86 -5.63 9.22 -9.13
CA GLN A 86 -4.84 10.45 -9.07
C GLN A 86 -4.25 10.78 -10.44
N ARG A 87 -4.30 12.05 -10.81
CA ARG A 87 -3.75 12.51 -12.07
C ARG A 87 -2.93 13.78 -11.86
N VAL A 88 -1.63 13.61 -11.69
CA VAL A 88 -0.75 14.75 -11.49
C VAL A 88 0.36 14.74 -12.53
N GLN A 89 0.81 15.93 -12.92
CA GLN A 89 1.85 16.02 -13.91
C GLN A 89 3.22 16.13 -13.25
N LEU A 90 4.17 15.36 -13.74
CA LEU A 90 5.52 15.36 -13.18
C LEU A 90 6.29 16.58 -13.66
N LEU A 91 6.69 17.40 -12.70
CA LEU A 91 7.42 18.61 -12.97
C LEU A 91 8.88 18.31 -13.24
N CYS A 92 9.45 19.04 -14.19
CA CYS A 92 10.84 18.87 -14.53
C CYS A 92 11.61 20.14 -14.20
N PRO A 93 12.90 20.02 -13.86
CA PRO A 93 13.72 21.18 -13.51
C PRO A 93 13.63 22.29 -14.54
N GLY A 94 13.03 23.40 -14.13
CA GLY A 94 12.87 24.53 -15.02
C GLY A 94 11.54 24.49 -15.74
N GLY A 95 10.73 23.49 -15.42
CA GLY A 95 9.43 23.34 -16.05
C GLY A 95 9.46 23.54 -17.54
N ALA A 96 9.82 22.48 -18.28
CA ALA A 96 9.88 22.56 -19.73
C ALA A 96 8.86 21.64 -20.40
N ALA A 97 9.08 20.33 -20.30
CA ALA A 97 8.15 19.38 -20.91
C ALA A 97 7.49 18.49 -19.87
N PRO A 98 6.75 19.09 -18.94
CA PRO A 98 6.05 18.36 -17.89
C PRO A 98 5.29 17.16 -18.46
N ARG A 99 5.04 16.17 -17.62
CA ARG A 99 4.31 14.98 -18.07
C ARG A 99 3.18 14.66 -17.11
N SER A 100 2.16 13.98 -17.60
CA SER A 100 1.02 13.60 -16.77
C SER A 100 1.04 12.12 -16.48
N ARG A 101 0.69 11.76 -15.25
CA ARG A 101 0.68 10.36 -14.85
C ARG A 101 -0.50 10.02 -13.93
N LYS A 102 -1.04 8.83 -14.13
CA LYS A 102 -2.14 8.35 -13.31
C LYS A 102 -1.59 7.54 -12.15
N VAL A 103 -2.23 7.64 -10.99
CA VAL A 103 -1.74 6.92 -9.82
C VAL A 103 -2.90 6.42 -8.96
N ARG A 104 -2.93 5.11 -8.77
CA ARG A 104 -3.96 4.48 -7.94
C ARG A 104 -3.43 4.36 -6.51
N LEU A 105 -4.03 5.09 -5.59
CA LEU A 105 -3.59 5.05 -4.20
C LEU A 105 -4.64 4.45 -3.28
N VAL A 106 -4.24 3.41 -2.57
CA VAL A 106 -5.12 2.73 -1.63
C VAL A 106 -5.68 3.68 -0.58
N ALA A 107 -6.75 4.38 -0.90
CA ALA A 107 -7.35 5.30 0.05
C ALA A 107 -8.01 4.50 1.18
N SER A 108 -8.22 3.21 0.93
CA SER A 108 -8.82 2.32 1.93
C SER A 108 -8.37 0.88 1.70
N CYS A 109 -7.67 0.31 2.67
CA CYS A 109 -7.18 -1.06 2.55
C CYS A 109 -7.42 -1.87 3.82
N LYS A 110 -7.40 -3.19 3.66
CA LYS A 110 -7.58 -4.12 4.77
C LYS A 110 -6.66 -5.32 4.58
N CYS A 111 -6.13 -5.86 5.68
CA CYS A 111 -5.24 -7.01 5.60
C CYS A 111 -6.02 -8.27 5.19
N LYS A 112 -6.01 -8.58 3.88
CA LYS A 112 -6.70 -9.74 3.37
C LYS A 112 -5.87 -10.44 2.29
N ARG A 113 -5.82 -11.78 2.36
CA ARG A 113 -5.06 -12.58 1.40
C ARG A 113 -3.61 -12.74 1.85
N LYS A 17 12.96 -6.14 7.42
CA LYS A 17 12.01 -5.48 8.34
C LYS A 17 11.46 -4.19 7.74
N ASP A 18 11.15 -4.24 6.44
CA ASP A 18 10.63 -3.07 5.74
C ASP A 18 9.12 -2.95 5.91
N VAL A 19 8.57 -3.68 6.87
CA VAL A 19 7.14 -3.64 7.14
C VAL A 19 6.75 -2.35 7.86
N SER A 20 7.74 -1.54 8.19
CA SER A 20 7.48 -0.28 8.88
C SER A 20 6.67 0.65 7.98
N GLU A 21 6.76 0.41 6.68
CA GLU A 21 6.03 1.20 5.70
C GLU A 21 4.68 0.57 5.43
N TYR A 22 4.30 -0.40 6.26
CA TYR A 22 3.04 -1.10 6.07
C TYR A 22 2.12 -0.99 7.31
N SER A 23 2.67 -0.99 8.52
CA SER A 23 1.83 -0.91 9.74
C SER A 23 0.57 -0.05 9.52
N CYS A 24 -0.62 -0.70 9.60
CA CYS A 24 -1.89 0.02 9.41
C CYS A 24 -2.23 0.82 10.65
N ARG A 25 -1.92 2.11 10.61
CA ARG A 25 -2.17 3.01 11.73
C ARG A 25 -2.71 4.36 11.24
N GLU A 26 -2.44 5.41 12.00
CA GLU A 26 -2.88 6.76 11.64
C GLU A 26 -1.88 7.43 10.72
N LEU A 27 -0.98 6.65 10.13
CA LEU A 27 0.04 7.18 9.23
C LEU A 27 -0.49 7.42 7.82
N HIS A 28 0.20 8.30 7.10
CA HIS A 28 -0.16 8.65 5.73
C HIS A 28 1.09 8.97 4.92
N TYR A 29 1.10 8.59 3.64
CA TYR A 29 2.25 8.83 2.77
C TYR A 29 1.87 9.70 1.58
N THR A 30 2.81 10.54 1.16
CA THR A 30 2.59 11.45 0.03
C THR A 30 3.39 11.03 -1.20
N ARG A 31 2.79 10.17 -2.01
CA ARG A 31 3.42 9.72 -3.25
C ARG A 31 2.52 10.12 -4.41
N PHE A 32 3.07 10.88 -5.33
CA PHE A 32 2.30 11.36 -6.46
C PHE A 32 2.62 10.62 -7.76
N LEU A 33 3.70 11.01 -8.43
CA LEU A 33 4.05 10.37 -9.69
C LEU A 33 5.43 10.79 -10.18
N THR A 34 6.18 9.83 -10.71
CA THR A 34 7.51 10.09 -11.23
C THR A 34 7.69 9.44 -12.59
N ASP A 35 8.22 10.20 -13.55
CA ASP A 35 8.45 9.69 -14.90
C ASP A 35 9.75 10.25 -15.46
N GLY A 36 9.95 10.16 -16.78
CA GLY A 36 11.16 10.69 -17.39
C GLY A 36 11.71 11.83 -16.59
N PRO A 37 13.04 11.98 -16.49
CA PRO A 37 13.74 13.01 -15.73
C PRO A 37 12.86 14.19 -15.30
N CYS A 38 11.78 13.89 -14.57
CA CYS A 38 10.85 14.89 -14.04
C CYS A 38 9.98 14.23 -12.97
N ARG A 39 9.30 15.02 -12.15
CA ARG A 39 8.45 14.46 -11.10
C ARG A 39 7.29 15.39 -10.74
N SER A 40 6.14 14.78 -10.44
CA SER A 40 4.95 15.53 -10.06
C SER A 40 4.94 15.81 -8.57
N ALA A 41 4.13 16.78 -8.15
CA ALA A 41 4.07 17.13 -6.74
C ALA A 41 2.65 17.45 -6.27
N LYS A 42 1.65 16.84 -6.90
CA LYS A 42 0.26 17.07 -6.51
C LYS A 42 -0.05 16.38 -5.20
N PRO A 43 -0.70 17.08 -4.26
CA PRO A 43 -1.05 16.52 -2.94
C PRO A 43 -1.84 15.23 -3.06
N VAL A 44 -1.31 14.16 -2.46
CA VAL A 44 -1.96 12.85 -2.48
C VAL A 44 -1.94 12.20 -1.11
N THR A 45 -2.82 11.24 -0.90
CA THR A 45 -2.87 10.53 0.38
C THR A 45 -2.61 9.04 0.18
N GLU A 46 -1.66 8.52 0.95
CA GLU A 46 -1.31 7.11 0.87
C GLU A 46 -1.28 6.51 2.27
N LEU A 47 -1.78 5.31 2.42
CA LEU A 47 -1.81 4.66 3.73
C LEU A 47 -0.86 3.48 3.80
N VAL A 48 -0.27 3.30 4.97
CA VAL A 48 0.64 2.20 5.20
C VAL A 48 -0.12 1.11 5.97
N CYS A 49 -0.67 0.15 5.23
CA CYS A 49 -1.50 -0.90 5.83
C CYS A 49 -0.71 -2.20 6.13
N SER A 50 -0.67 -2.56 7.42
CA SER A 50 -0.02 -3.80 7.90
C SER A 50 -0.50 -4.17 9.29
N GLY A 51 -1.49 -5.06 9.36
CA GLY A 51 -2.02 -5.48 10.63
C GLY A 51 -2.73 -6.81 10.54
N GLN A 52 -3.67 -7.04 11.46
CA GLN A 52 -4.43 -8.28 11.46
C GLN A 52 -5.93 -8.00 11.33
N CYS A 53 -6.68 -9.01 10.93
CA CYS A 53 -8.13 -8.87 10.76
C CYS A 53 -8.86 -10.07 11.33
N GLY A 54 -8.33 -11.26 11.09
CA GLY A 54 -8.95 -12.47 11.57
C GLY A 54 -8.17 -13.12 12.69
N PRO A 55 -8.75 -14.14 13.35
CA PRO A 55 -8.11 -14.85 14.46
C PRO A 55 -6.71 -15.32 14.10
N ALA A 56 -5.86 -15.43 15.12
CA ALA A 56 -4.48 -15.87 14.92
C ALA A 56 -4.39 -17.38 14.87
N ARG A 57 -5.52 -18.05 14.72
CA ARG A 57 -5.54 -19.50 14.66
C ARG A 57 -4.86 -20.00 13.39
N LEU A 58 -3.99 -21.00 13.54
CA LEU A 58 -3.27 -21.56 12.40
C LEU A 58 -3.95 -22.82 11.89
N LEU A 59 -4.18 -22.87 10.59
CA LEU A 59 -4.84 -24.02 9.97
C LEU A 59 -3.90 -24.72 9.00
N PRO A 60 -3.15 -25.73 9.48
CA PRO A 60 -2.20 -26.47 8.66
C PRO A 60 -2.81 -26.94 7.34
N ASN A 61 -2.67 -26.09 6.31
CA ASN A 61 -3.20 -26.41 4.99
C ASN A 61 -2.22 -25.96 3.90
N ALA A 62 -1.10 -26.64 3.82
CA ALA A 62 -0.07 -26.34 2.82
C ALA A 62 -0.56 -26.63 1.42
N ILE A 63 -1.70 -27.29 1.31
CA ILE A 63 -2.27 -27.63 0.01
C ILE A 63 -1.17 -27.91 -1.02
N GLY A 64 -0.06 -28.44 -0.54
CA GLY A 64 1.06 -28.76 -1.41
C GLY A 64 2.10 -27.65 -1.43
N ARG A 65 1.64 -26.41 -1.48
CA ARG A 65 2.54 -25.26 -1.50
C ARG A 65 2.25 -24.29 -0.35
N VAL A 66 3.30 -23.82 0.30
CA VAL A 66 3.15 -22.89 1.40
C VAL A 66 3.65 -21.53 1.01
N LYS A 67 2.81 -20.55 1.22
CA LYS A 67 3.12 -19.16 0.89
C LYS A 67 2.22 -18.20 1.66
N TRP A 68 1.63 -18.68 2.76
CA TRP A 68 0.73 -17.86 3.54
C TRP A 68 0.75 -18.24 5.02
N TRP A 69 -0.25 -19.03 5.45
CA TRP A 69 -0.33 -19.46 6.84
C TRP A 69 0.91 -20.27 7.22
N ARG A 70 1.00 -20.64 8.50
CA ARG A 70 2.12 -21.44 8.99
C ARG A 70 2.34 -21.24 10.49
N PRO A 71 2.85 -22.29 11.17
CA PRO A 71 3.12 -22.27 12.61
C PRO A 71 3.97 -21.09 13.06
N ASN A 72 4.58 -20.39 12.10
CA ASN A 72 5.42 -19.23 12.43
C ASN A 72 4.57 -17.98 12.65
N GLY A 73 3.25 -18.17 12.69
CA GLY A 73 2.34 -17.06 12.89
C GLY A 73 1.27 -16.99 11.82
N PRO A 74 0.08 -16.48 12.17
CA PRO A 74 -1.05 -16.36 11.24
C PRO A 74 -0.96 -15.11 10.38
N ASP A 75 -1.18 -15.27 9.08
CA ASP A 75 -1.14 -14.14 8.16
C ASP A 75 -2.46 -13.40 8.11
N PHE A 76 -2.40 -12.08 8.24
CA PHE A 76 -3.59 -11.24 8.21
C PHE A 76 -3.19 -9.79 7.95
N ARG A 77 -2.05 -9.62 7.30
CA ARG A 77 -1.52 -8.30 6.98
C ARG A 77 -2.59 -7.38 6.43
N CYS A 78 -2.29 -6.09 6.45
CA CYS A 78 -3.19 -5.08 5.93
C CYS A 78 -2.81 -4.75 4.48
N ILE A 79 -3.60 -5.21 3.53
CA ILE A 79 -3.30 -4.95 2.13
C ILE A 79 -4.27 -3.94 1.53
N PRO A 80 -3.78 -3.16 0.55
CA PRO A 80 -4.58 -2.14 -0.14
C PRO A 80 -5.77 -2.76 -0.86
N ASP A 81 -6.95 -2.19 -0.63
CA ASP A 81 -8.16 -2.71 -1.27
C ASP A 81 -8.52 -1.92 -2.51
N ARG A 82 -8.92 -0.67 -2.33
CA ARG A 82 -9.30 0.18 -3.45
C ARG A 82 -8.46 1.45 -3.48
N TYR A 83 -8.19 1.95 -4.67
CA TYR A 83 -7.40 3.16 -4.83
C TYR A 83 -8.17 4.25 -5.55
N ARG A 84 -7.76 5.48 -5.31
CA ARG A 84 -8.36 6.63 -5.95
C ARG A 84 -7.54 6.98 -7.18
N ALA A 85 -8.20 7.39 -8.22
CA ALA A 85 -7.50 7.72 -9.46
C ALA A 85 -6.90 9.11 -9.40
N GLN A 86 -5.62 9.22 -9.75
CA GLN A 86 -4.92 10.50 -9.74
C GLN A 86 -4.17 10.73 -11.05
N ARG A 87 -4.42 11.89 -11.65
CA ARG A 87 -3.75 12.25 -12.91
C ARG A 87 -3.14 13.64 -12.79
N VAL A 88 -1.86 13.69 -12.47
CA VAL A 88 -1.15 14.94 -12.31
C VAL A 88 0.04 15.00 -13.25
N GLN A 89 0.32 16.20 -13.77
CA GLN A 89 1.44 16.37 -14.66
C GLN A 89 2.73 16.52 -13.87
N LEU A 90 3.67 15.63 -14.12
CA LEU A 90 4.94 15.65 -13.40
C LEU A 90 5.73 16.90 -13.76
N LEU A 91 6.13 17.63 -12.73
CA LEU A 91 6.86 18.86 -12.90
C LEU A 91 8.36 18.63 -12.88
N CYS A 92 9.07 19.39 -13.69
CA CYS A 92 10.52 19.25 -13.78
C CYS A 92 11.23 20.44 -13.13
N PRO A 93 12.09 20.16 -12.16
CA PRO A 93 12.86 21.21 -11.47
C PRO A 93 13.85 21.86 -12.42
N GLY A 94 13.51 23.06 -12.89
CA GLY A 94 14.37 23.75 -13.83
C GLY A 94 14.23 23.19 -15.23
N GLY A 95 13.04 22.68 -15.53
CA GLY A 95 12.76 22.11 -16.83
C GLY A 95 11.28 22.12 -17.15
N ALA A 96 10.93 22.72 -18.26
CA ALA A 96 9.53 22.82 -18.67
C ALA A 96 9.11 21.61 -19.51
N ALA A 97 9.52 20.43 -19.08
CA ALA A 97 9.17 19.20 -19.79
C ALA A 97 8.24 18.35 -18.95
N PRO A 98 7.09 18.90 -18.54
CA PRO A 98 6.09 18.21 -17.72
C PRO A 98 5.41 17.08 -18.48
N ARG A 99 4.97 16.06 -17.74
CA ARG A 99 4.29 14.91 -18.35
C ARG A 99 3.11 14.47 -17.48
N SER A 100 2.09 13.90 -18.12
CA SER A 100 0.90 13.43 -17.40
C SER A 100 1.05 11.98 -16.98
N ARG A 101 0.61 11.66 -15.76
CA ARG A 101 0.72 10.29 -15.25
C ARG A 101 -0.46 9.93 -14.34
N LYS A 102 -0.89 8.67 -14.43
CA LYS A 102 -1.98 8.17 -13.61
C LYS A 102 -1.43 7.28 -12.50
N VAL A 103 -2.01 7.37 -11.31
CA VAL A 103 -1.57 6.57 -10.18
C VAL A 103 -2.75 6.21 -9.28
N ARG A 104 -2.85 4.93 -8.98
CA ARG A 104 -3.91 4.42 -8.12
C ARG A 104 -3.46 4.44 -6.66
N LEU A 105 -4.06 5.32 -5.86
CA LEU A 105 -3.69 5.42 -4.44
C LEU A 105 -4.80 4.85 -3.55
N VAL A 106 -4.43 3.93 -2.67
CA VAL A 106 -5.40 3.32 -1.77
C VAL A 106 -6.02 4.35 -0.83
N ALA A 107 -7.11 4.97 -1.27
CA ALA A 107 -7.79 5.95 -0.45
C ALA A 107 -8.29 5.29 0.83
N SER A 108 -8.48 3.98 0.76
CA SER A 108 -8.95 3.20 1.89
C SER A 108 -8.51 1.73 1.79
N CYS A 109 -7.85 1.23 2.83
CA CYS A 109 -7.40 -0.16 2.86
C CYS A 109 -7.79 -0.82 4.16
N LYS A 110 -7.74 -2.15 4.19
CA LYS A 110 -8.10 -2.91 5.38
C LYS A 110 -7.17 -4.10 5.59
N CYS A 111 -7.17 -4.64 6.81
CA CYS A 111 -6.34 -5.80 7.14
C CYS A 111 -6.72 -6.97 6.26
N LYS A 112 -5.89 -7.31 5.27
CA LYS A 112 -6.22 -8.42 4.36
C LYS A 112 -5.06 -9.38 4.15
N ARG A 113 -5.39 -10.67 4.10
CA ARG A 113 -4.39 -11.72 3.87
C ARG A 113 -3.05 -11.34 4.51
N LYS A 17 12.58 -4.58 11.28
CA LYS A 17 11.21 -4.72 10.71
C LYS A 17 10.73 -3.39 10.13
N ASP A 18 10.40 -3.40 8.84
CA ASP A 18 9.96 -2.19 8.17
C ASP A 18 8.45 -2.01 8.27
N VAL A 19 7.83 -2.72 9.21
CA VAL A 19 6.38 -2.62 9.39
C VAL A 19 6.00 -1.27 10.00
N SER A 20 6.98 -0.53 10.49
CA SER A 20 6.73 0.77 11.08
C SER A 20 6.07 1.68 10.06
N GLU A 21 6.46 1.51 8.80
CA GLU A 21 5.90 2.29 7.71
C GLU A 21 4.63 1.66 7.19
N TYR A 22 4.08 0.71 7.95
CA TYR A 22 2.88 -0.01 7.55
C TYR A 22 1.83 0.02 8.67
N SER A 23 1.77 1.04 9.51
CA SER A 23 0.79 1.03 10.61
C SER A 23 -0.66 1.21 10.12
N CYS A 24 -1.58 0.34 10.59
CA CYS A 24 -3.00 0.44 10.20
C CYS A 24 -3.62 1.67 10.84
N ARG A 25 -3.10 2.05 12.01
CA ARG A 25 -3.60 3.22 12.76
C ARG A 25 -4.25 4.24 11.85
N GLU A 26 -3.42 5.12 11.30
CA GLU A 26 -3.88 6.17 10.39
C GLU A 26 -2.69 6.88 9.76
N LEU A 27 -1.91 6.13 8.99
CA LEU A 27 -0.73 6.66 8.33
C LEU A 27 -1.00 6.99 6.87
N HIS A 28 -0.44 8.10 6.41
CA HIS A 28 -0.60 8.53 5.02
C HIS A 28 0.74 8.94 4.41
N TYR A 29 0.96 8.55 3.15
CA TYR A 29 2.20 8.87 2.46
C TYR A 29 1.96 9.79 1.27
N THR A 30 2.99 10.58 0.93
CA THR A 30 2.90 11.52 -0.19
C THR A 30 3.63 10.99 -1.40
N ARG A 31 2.98 10.08 -2.12
CA ARG A 31 3.53 9.51 -3.35
C ARG A 31 2.63 9.88 -4.51
N PHE A 32 3.17 10.57 -5.48
CA PHE A 32 2.38 11.02 -6.63
C PHE A 32 2.74 10.27 -7.91
N LEU A 33 3.83 10.66 -8.55
CA LEU A 33 4.22 10.04 -9.80
C LEU A 33 5.63 10.43 -10.22
N THR A 34 6.41 9.46 -10.70
CA THR A 34 7.76 9.73 -11.16
C THR A 34 7.97 9.15 -12.55
N ASP A 35 8.82 9.80 -13.33
CA ASP A 35 9.12 9.35 -14.70
C ASP A 35 10.49 9.84 -15.10
N GLY A 36 10.82 9.79 -16.41
CA GLY A 36 12.12 10.27 -16.86
C GLY A 36 12.58 11.40 -15.99
N PRO A 37 13.90 11.56 -15.77
CA PRO A 37 14.50 12.57 -14.93
C PRO A 37 13.59 13.75 -14.58
N CYS A 38 12.42 13.43 -14.01
CA CYS A 38 11.43 14.42 -13.58
C CYS A 38 10.46 13.77 -12.60
N ARG A 39 9.73 14.58 -11.84
CA ARG A 39 8.77 14.05 -10.88
C ARG A 39 7.70 15.07 -10.52
N SER A 40 6.49 14.57 -10.30
CA SER A 40 5.36 15.42 -9.92
C SER A 40 5.37 15.70 -8.44
N ALA A 41 4.47 16.59 -8.02
CA ALA A 41 4.39 16.91 -6.61
C ALA A 41 2.99 17.38 -6.21
N LYS A 42 1.97 16.79 -6.82
CA LYS A 42 0.59 17.15 -6.52
C LYS A 42 0.12 16.47 -5.24
N PRO A 43 -0.99 16.95 -4.64
CA PRO A 43 -1.54 16.39 -3.41
C PRO A 43 -1.99 14.93 -3.57
N VAL A 44 -1.34 14.02 -2.86
CA VAL A 44 -1.69 12.61 -2.93
C VAL A 44 -1.63 11.96 -1.54
N THR A 45 -2.62 11.14 -1.22
CA THR A 45 -2.66 10.47 0.07
C THR A 45 -2.83 8.95 -0.07
N GLU A 46 -1.88 8.20 0.50
CA GLU A 46 -1.92 6.74 0.46
C GLU A 46 -1.69 6.19 1.86
N LEU A 47 -2.28 5.04 2.18
CA LEU A 47 -2.13 4.46 3.50
C LEU A 47 -1.13 3.33 3.56
N VAL A 48 -0.65 3.10 4.78
CA VAL A 48 0.31 2.05 5.06
C VAL A 48 -0.12 1.30 6.33
N CYS A 49 -1.02 0.34 6.15
CA CYS A 49 -1.57 -0.42 7.29
C CYS A 49 -0.88 -1.78 7.51
N SER A 50 -0.60 -2.11 8.79
CA SER A 50 0.03 -3.39 9.20
C SER A 50 -0.42 -3.77 10.61
N GLY A 51 -1.26 -4.79 10.71
CA GLY A 51 -1.76 -5.21 12.00
C GLY A 51 -2.37 -6.60 11.95
N GLN A 52 -3.33 -6.84 12.84
CA GLN A 52 -3.99 -8.12 12.90
C GLN A 52 -5.41 -7.98 12.37
N CYS A 53 -5.88 -8.98 11.65
CA CYS A 53 -7.22 -8.94 11.09
C CYS A 53 -8.18 -9.77 11.92
N GLY A 54 -9.47 -9.41 11.88
CA GLY A 54 -10.47 -10.12 12.66
C GLY A 54 -10.46 -11.62 12.40
N PRO A 55 -10.49 -12.04 11.13
CA PRO A 55 -10.52 -13.48 10.76
C PRO A 55 -9.34 -14.25 11.35
N ALA A 56 -9.65 -15.34 12.05
CA ALA A 56 -8.63 -16.18 12.67
C ALA A 56 -8.54 -17.57 12.01
N ARG A 57 -8.94 -17.66 10.74
CA ARG A 57 -8.90 -18.94 10.04
C ARG A 57 -7.46 -19.38 9.83
N LEU A 58 -7.15 -20.58 10.29
CA LEU A 58 -5.80 -21.13 10.16
C LEU A 58 -5.78 -22.30 9.20
N LEU A 59 -5.22 -22.09 8.01
CA LEU A 59 -5.16 -23.15 7.01
C LEU A 59 -3.73 -23.56 6.71
N PRO A 60 -3.39 -24.84 6.96
CA PRO A 60 -2.07 -25.38 6.69
C PRO A 60 -1.76 -25.40 5.19
N ASN A 61 -0.60 -24.89 4.82
CA ASN A 61 -0.19 -24.81 3.41
C ASN A 61 0.79 -25.92 2.99
N ALA A 62 0.67 -26.34 1.74
CA ALA A 62 1.52 -27.37 1.16
C ALA A 62 2.93 -26.88 0.85
N ILE A 63 3.09 -25.56 0.73
CA ILE A 63 4.39 -24.96 0.44
C ILE A 63 5.27 -25.90 -0.40
N GLY A 64 4.61 -26.65 -1.28
CA GLY A 64 5.31 -27.59 -2.14
C GLY A 64 5.28 -29.00 -1.59
N ARG A 65 5.61 -29.15 -0.31
CA ARG A 65 5.60 -30.45 0.35
C ARG A 65 4.59 -30.48 1.48
N VAL A 66 3.91 -31.60 1.66
CA VAL A 66 2.95 -31.72 2.73
C VAL A 66 3.28 -32.89 3.62
N LYS A 67 3.22 -32.64 4.90
CA LYS A 67 3.53 -33.63 5.93
C LYS A 67 3.82 -32.91 7.22
N TRP A 68 4.35 -31.71 7.06
CA TRP A 68 4.72 -30.82 8.15
C TRP A 68 3.60 -29.82 8.39
N TRP A 69 2.39 -30.19 7.95
CA TRP A 69 1.23 -29.32 8.05
C TRP A 69 1.30 -28.37 9.22
N ARG A 70 0.90 -27.14 8.92
CA ARG A 70 0.91 -26.10 9.92
C ARG A 70 -0.46 -25.46 10.05
N PRO A 71 -1.38 -26.11 10.78
CA PRO A 71 -2.73 -25.60 10.99
C PRO A 71 -2.74 -24.29 11.77
N ASN A 72 -1.56 -23.85 12.21
CA ASN A 72 -1.41 -22.61 12.95
C ASN A 72 -2.02 -21.46 12.16
N GLY A 73 -1.93 -21.56 10.84
CA GLY A 73 -2.47 -20.53 9.98
C GLY A 73 -1.40 -19.68 9.33
N PRO A 74 -1.69 -19.13 8.14
CA PRO A 74 -0.74 -18.29 7.40
C PRO A 74 -0.53 -16.94 8.08
N ASP A 75 0.49 -16.22 7.64
CA ASP A 75 0.80 -14.91 8.21
C ASP A 75 -0.19 -13.86 7.74
N PHE A 76 -0.77 -13.12 8.68
CA PHE A 76 -1.75 -12.08 8.36
C PHE A 76 -1.21 -10.70 8.68
N ARG A 77 -1.75 -9.69 8.00
CA ARG A 77 -1.32 -8.31 8.18
C ARG A 77 -2.22 -7.34 7.41
N CYS A 78 -2.01 -6.03 7.60
CA CYS A 78 -2.80 -5.02 6.90
C CYS A 78 -2.23 -4.74 5.52
N ILE A 79 -3.10 -4.60 4.52
CA ILE A 79 -2.64 -4.29 3.16
C ILE A 79 -3.63 -3.42 2.41
N PRO A 80 -3.13 -2.67 1.41
CA PRO A 80 -3.94 -1.79 0.57
C PRO A 80 -5.07 -2.54 -0.12
N ASP A 81 -6.23 -1.89 -0.24
CA ASP A 81 -7.38 -2.51 -0.88
C ASP A 81 -7.94 -1.65 -2.00
N ARG A 82 -8.31 -0.42 -1.66
CA ARG A 82 -8.87 0.50 -2.65
C ARG A 82 -8.03 1.77 -2.74
N TYR A 83 -8.01 2.38 -3.93
CA TYR A 83 -7.24 3.60 -4.15
C TYR A 83 -8.08 4.73 -4.70
N ARG A 84 -7.55 5.93 -4.53
CA ARG A 84 -8.17 7.12 -5.04
C ARG A 84 -7.52 7.47 -6.37
N ALA A 85 -8.30 7.90 -7.32
CA ALA A 85 -7.78 8.22 -8.64
C ALA A 85 -7.13 9.59 -8.67
N GLN A 86 -5.91 9.66 -9.20
CA GLN A 86 -5.19 10.91 -9.29
C GLN A 86 -4.57 11.09 -10.67
N ARG A 87 -4.69 12.30 -11.21
CA ARG A 87 -4.14 12.60 -12.52
C ARG A 87 -3.39 13.92 -12.48
N VAL A 88 -2.09 13.84 -12.28
CA VAL A 88 -1.26 15.04 -12.21
C VAL A 88 -0.04 14.90 -13.09
N GLN A 89 0.60 16.02 -13.40
CA GLN A 89 1.78 16.00 -14.25
C GLN A 89 3.06 16.09 -13.45
N LEU A 90 4.09 15.37 -13.91
CA LEU A 90 5.38 15.37 -13.25
C LEU A 90 6.15 16.63 -13.62
N LEU A 91 6.68 17.29 -12.60
CA LEU A 91 7.42 18.52 -12.80
C LEU A 91 8.92 18.29 -12.84
N CYS A 92 9.58 19.01 -13.74
CA CYS A 92 11.02 18.91 -13.90
C CYS A 92 11.66 20.25 -13.60
N PRO A 93 12.92 20.26 -13.15
CA PRO A 93 13.61 21.50 -12.84
C PRO A 93 13.46 22.51 -13.97
N GLY A 94 12.68 23.56 -13.71
CA GLY A 94 12.44 24.58 -14.71
C GLY A 94 11.15 24.35 -15.46
N GLY A 95 10.40 23.31 -15.06
CA GLY A 95 9.14 23.00 -15.71
C GLY A 95 9.21 23.25 -17.21
N ALA A 96 10.08 22.51 -17.88
CA ALA A 96 10.26 22.66 -19.32
C ALA A 96 9.45 21.63 -20.10
N ALA A 97 9.62 20.36 -19.76
CA ALA A 97 8.91 19.30 -20.46
C ALA A 97 8.07 18.46 -19.51
N PRO A 98 7.12 19.10 -18.81
CA PRO A 98 6.23 18.43 -17.86
C PRO A 98 5.46 17.28 -18.52
N ARG A 99 5.15 16.26 -17.74
CA ARG A 99 4.41 15.09 -18.25
C ARG A 99 3.24 14.75 -17.35
N SER A 100 2.21 14.09 -17.90
CA SER A 100 1.03 13.72 -17.13
C SER A 100 0.96 12.21 -16.88
N ARG A 101 0.66 11.85 -15.63
CA ARG A 101 0.56 10.45 -15.24
C ARG A 101 -0.58 10.21 -14.26
N LYS A 102 -1.26 9.07 -14.42
CA LYS A 102 -2.35 8.68 -13.55
C LYS A 102 -1.85 7.68 -12.53
N VAL A 103 -2.39 7.70 -11.32
CA VAL A 103 -1.94 6.79 -10.29
C VAL A 103 -3.02 6.50 -9.26
N ARG A 104 -3.17 5.23 -8.96
CA ARG A 104 -4.13 4.76 -7.97
C ARG A 104 -3.48 4.69 -6.59
N LEU A 105 -3.92 5.55 -5.68
CA LEU A 105 -3.36 5.57 -4.33
C LEU A 105 -4.35 5.11 -3.29
N VAL A 106 -3.94 4.18 -2.45
CA VAL A 106 -4.82 3.64 -1.41
C VAL A 106 -5.20 4.69 -0.38
N ALA A 107 -6.37 5.32 -0.60
CA ALA A 107 -6.88 6.32 0.33
C ALA A 107 -7.54 5.63 1.53
N SER A 108 -7.66 4.30 1.42
CA SER A 108 -8.26 3.48 2.48
C SER A 108 -7.89 2.01 2.26
N CYS A 109 -7.39 1.36 3.30
CA CYS A 109 -7.01 -0.05 3.19
C CYS A 109 -7.62 -0.88 4.31
N LYS A 110 -7.58 -2.19 4.13
CA LYS A 110 -8.13 -3.12 5.12
C LYS A 110 -7.04 -4.09 5.58
N CYS A 111 -7.19 -4.62 6.79
CA CYS A 111 -6.22 -5.56 7.32
C CYS A 111 -6.25 -6.84 6.50
N LYS A 112 -5.27 -7.05 5.63
CA LYS A 112 -5.30 -8.27 4.82
C LYS A 112 -3.91 -8.82 4.49
N ARG A 113 -3.78 -10.14 4.60
CA ARG A 113 -2.52 -10.82 4.32
C ARG A 113 -2.64 -12.32 4.59
#